data_1PO3
#
_entry.id   1PO3
#
_cell.length_a   85.489
_cell.length_b   147.003
_cell.length_c   96.131
_cell.angle_alpha   90.00
_cell.angle_beta   110.58
_cell.angle_gamma   90.00
#
_symmetry.space_group_name_H-M   'P 1 21 1'
#
loop_
_entity.id
_entity.type
_entity.pdbx_description
1 polymer 'Iron(III) dicitrate transport protein fecA precursor'
2 non-polymer 'CITRATE ANION'
3 non-polymer 'FE (III) ION'
#
_entity_poly.entity_id   1
_entity_poly.type   'polypeptide(L)'
_entity_poly.pdbx_seq_one_letter_code
;HHHHHHHHHHAQVNIAPGSLDKALNQYAAHSGFTLSVDASLTRGKQSNGLHGDYDVESGLQQLLDGSGLQVKPLGNNSWT
LEPAPAPKEDALTVVGDWLGDARENDVFEHAGARDVIRREDFAKTGATTMREVLNRIPGVSAPENNGTGSHDLAMNFGIR
GLNPRLASRSTVLMDGIPVPFAPYGQPQLSLAPVSLGNMDAIDVVRGGGAVRYGPQSVGGVVNFVTRAIPQDFGIEAGVE
GQLSPTSSQNNPKETHNLMVGGTADNGFGTALLYSGTRGSDWREHSATRIDDLMLKSKYAPDEVHTFNSLLQYYDGEADM
PGGLSRADYDADRWQSTRPYDRFWGRRKLASLGYQFQPDSQHKFNIQGFYTQTLRSGYLEQGKRITLSPRNYWVRGIEPR
YSQIFMIGPSAHEVGVGYRYLNESTHEMRYYTATSSGQLPSGSSPYDRDTRSGTEAHAWYLDDKIDIGNWTITPGMRFEH
IESYQNNAITGTHEEVSYNAPLPALNVLYHLTDSWNLYANTEGSFGTVQYSQIGKAVQSGNVEPEKARTWELGTRYDDGA
LTAEMGLFLINFNNQYDSNQTNDTVTARGKTRHTGLETQARYDLGTLTPTLDNVSIYASYAYVNAEIREKGDTYGNLVPF
SPKHKGTLGVDYKPGNWTFNLNSDFQSSQFADNANTVKESADGSTGRIPGFMLWGARVAYDFGPQMADLNLAFGVKNIFD
QDYFIRSYDDNNKGIYAGQPRTLYMQGSLKF
;
_entity_poly.pdbx_strand_id   A,B
#
loop_
_chem_comp.id
_chem_comp.type
_chem_comp.name
_chem_comp.formula
FE non-polymer 'FE (III) ION' 'Fe 3'
FLC non-polymer 'CITRATE ANION' 'C6 H5 O7 -3'
#
# COMPACT_ATOMS: atom_id res chain seq x y z
N ASN A 105 1.74 9.29 0.53
CA ASN A 105 1.36 10.65 1.01
C ASN A 105 2.59 11.35 1.61
N ASP A 106 3.76 10.72 1.43
CA ASP A 106 5.02 11.24 1.97
C ASP A 106 6.03 11.64 0.89
N VAL A 107 6.51 12.88 1.07
CA VAL A 107 7.43 13.62 0.20
C VAL A 107 8.18 13.10 -1.02
N PHE A 108 8.93 11.99 -0.93
CA PHE A 108 9.71 11.54 -2.11
C PHE A 108 8.85 11.59 -3.36
N GLU A 109 7.55 11.40 -3.19
CA GLU A 109 6.65 11.45 -4.33
C GLU A 109 6.00 12.81 -4.54
N HIS A 110 6.57 13.86 -3.94
CA HIS A 110 6.02 15.19 -4.08
C HIS A 110 6.47 15.84 -5.38
N ALA A 111 5.49 16.37 -6.12
CA ALA A 111 5.79 17.04 -7.38
C ALA A 111 6.11 18.47 -7.02
N GLY A 112 7.16 18.67 -6.24
CA GLY A 112 7.49 20.02 -5.88
C GLY A 112 8.63 20.19 -4.89
N ALA A 113 8.83 21.43 -4.48
CA ALA A 113 9.88 21.72 -3.53
C ALA A 113 9.32 21.38 -2.16
N ARG A 114 9.88 20.35 -1.53
CA ARG A 114 9.39 19.94 -0.23
C ARG A 114 10.41 19.30 0.66
N ASP A 115 10.24 19.59 1.94
CA ASP A 115 11.07 19.06 3.00
C ASP A 115 10.30 18.96 4.31
N VAL A 116 10.56 17.88 5.04
CA VAL A 116 9.90 17.68 6.32
C VAL A 116 10.85 16.97 7.26
N ILE A 117 11.05 17.62 8.41
CA ILE A 117 11.92 17.11 9.42
C ILE A 117 11.07 16.49 10.50
N ARG A 118 11.58 15.40 11.07
CA ARG A 118 10.87 14.71 12.10
C ARG A 118 11.52 14.97 13.45
N ARG A 119 10.75 14.79 14.50
CA ARG A 119 11.20 15.00 15.84
C ARG A 119 12.56 14.36 16.11
N GLU A 120 12.67 13.06 15.86
CA GLU A 120 13.94 12.39 16.11
C GLU A 120 15.14 13.04 15.43
N ASP A 121 14.98 14.26 14.94
CA ASP A 121 16.10 14.94 14.26
C ASP A 121 16.22 16.40 14.69
N PHE A 122 15.46 16.79 15.70
CA PHE A 122 15.51 18.16 16.14
C PHE A 122 16.78 18.29 16.95
N ALA A 123 16.96 17.38 17.91
CA ALA A 123 18.12 17.39 18.80
C ALA A 123 19.47 17.51 18.11
N LYS A 124 19.56 16.94 16.92
CA LYS A 124 20.78 16.95 16.13
C LYS A 124 21.63 18.22 16.30
N THR A 125 21.00 19.38 16.18
CA THR A 125 21.71 20.65 16.28
C THR A 125 21.47 21.45 17.56
N GLY A 126 21.04 20.80 18.63
CA GLY A 126 20.79 21.53 19.85
C GLY A 126 19.59 22.44 19.67
N ALA A 127 18.85 22.19 18.60
CA ALA A 127 17.67 22.96 18.27
C ALA A 127 16.67 22.87 19.40
N THR A 128 16.01 23.98 19.66
CA THR A 128 15.03 24.01 20.71
C THR A 128 13.88 24.93 20.38
N THR A 129 13.90 25.53 19.20
CA THR A 129 12.84 26.45 18.80
C THR A 129 12.58 26.32 17.32
N MET A 130 11.31 26.47 16.95
CA MET A 130 10.89 26.38 15.55
C MET A 130 11.97 26.92 14.62
N ARG A 131 12.30 28.18 14.82
CA ARG A 131 13.32 28.85 14.04
C ARG A 131 14.48 27.90 13.74
N GLU A 132 15.20 27.51 14.78
CA GLU A 132 16.34 26.61 14.62
C GLU A 132 16.14 25.33 13.78
N VAL A 133 14.96 24.74 13.78
CA VAL A 133 14.78 23.53 13.00
C VAL A 133 14.52 23.85 11.53
N LEU A 134 13.83 24.95 11.26
CA LEU A 134 13.51 25.36 9.90
C LEU A 134 14.71 25.94 9.18
N ASN A 135 15.61 26.58 9.91
CA ASN A 135 16.73 27.18 9.23
C ASN A 135 17.70 26.21 8.59
N ARG A 136 17.53 24.91 8.82
CA ARG A 136 18.41 23.92 8.19
C ARG A 136 17.77 23.65 6.84
N ILE A 137 16.47 23.91 6.75
CA ILE A 137 15.73 23.69 5.52
C ILE A 137 16.26 24.61 4.46
N PRO A 138 16.44 24.08 3.25
CA PRO A 138 16.94 24.82 2.09
C PRO A 138 16.01 25.89 1.52
N GLY A 139 16.57 27.06 1.23
CA GLY A 139 15.79 28.14 0.65
C GLY A 139 14.94 28.86 1.66
N VAL A 140 15.01 28.37 2.90
CA VAL A 140 14.26 28.91 4.02
C VAL A 140 15.18 29.79 4.85
N SER A 141 14.72 30.99 5.18
CA SER A 141 15.51 31.88 6.02
C SER A 141 14.72 32.25 7.29
N ALA A 142 15.27 31.90 8.46
CA ALA A 142 14.60 32.17 9.73
C ALA A 142 15.49 32.88 10.74
N PRO A 143 15.57 34.21 10.63
CA PRO A 143 16.37 35.10 11.48
C PRO A 143 16.15 34.96 12.97
N GLU A 144 17.22 35.20 13.74
CA GLU A 144 17.14 35.15 15.19
C GLU A 144 16.27 36.33 15.60
N ASN A 145 15.67 36.22 16.77
CA ASN A 145 14.77 37.26 17.24
C ASN A 145 15.25 38.66 16.90
N ASN A 146 14.38 39.50 16.39
CA ASN A 146 14.75 40.87 16.05
C ASN A 146 13.55 41.70 15.68
N GLY A 147 13.52 42.94 16.14
CA GLY A 147 12.40 43.80 15.78
C GLY A 147 11.14 43.54 16.56
N THR A 148 9.98 43.79 15.95
CA THR A 148 8.72 43.54 16.65
C THR A 148 8.82 42.11 17.09
N GLY A 149 9.28 41.26 16.20
CA GLY A 149 9.40 39.89 16.56
C GLY A 149 10.69 39.65 17.32
N SER A 150 10.98 40.43 18.35
CA SER A 150 12.22 40.19 19.07
C SER A 150 12.01 39.34 20.31
N HIS A 151 11.60 38.08 20.11
CA HIS A 151 11.38 37.16 21.23
C HIS A 151 10.96 35.79 20.76
N ASP A 152 10.92 34.83 21.66
CA ASP A 152 10.54 33.48 21.26
C ASP A 152 9.04 33.31 21.20
N LEU A 153 8.29 34.40 21.28
CA LEU A 153 6.86 34.26 21.20
C LEU A 153 6.49 34.34 19.73
N ALA A 154 7.19 35.19 19.01
CA ALA A 154 6.91 35.32 17.60
C ALA A 154 7.75 34.35 16.82
N MET A 155 7.40 34.20 15.55
CA MET A 155 8.11 33.32 14.65
C MET A 155 8.45 34.13 13.42
N ASN A 156 9.69 33.98 12.98
CA ASN A 156 10.18 34.68 11.80
C ASN A 156 10.62 33.62 10.83
N PHE A 157 10.05 33.64 9.64
CA PHE A 157 10.37 32.67 8.60
C PHE A 157 9.99 33.14 7.21
N GLY A 158 10.76 32.72 6.22
CA GLY A 158 10.49 33.09 4.85
C GLY A 158 11.38 32.29 3.92
N ILE A 159 10.87 31.97 2.74
CA ILE A 159 11.68 31.22 1.80
C ILE A 159 11.93 32.03 0.56
N ARG A 160 13.00 31.69 -0.13
CA ARG A 160 13.30 32.35 -1.39
C ARG A 160 13.39 33.87 -1.33
N GLY A 161 14.06 34.36 -0.30
CA GLY A 161 14.26 35.79 -0.18
C GLY A 161 13.04 36.56 0.21
N LEU A 162 11.91 35.88 0.39
CA LEU A 162 10.71 36.57 0.80
C LEU A 162 10.94 37.17 2.16
N ASN A 163 10.35 38.33 2.42
CA ASN A 163 10.58 38.97 3.69
C ASN A 163 10.15 38.03 4.81
N PRO A 164 11.11 37.64 5.66
CA PRO A 164 10.82 36.74 6.77
C PRO A 164 10.38 37.41 8.05
N ARG A 165 10.14 38.71 8.04
CA ARG A 165 9.71 39.33 9.28
C ARG A 165 8.33 38.83 9.65
N LEU A 166 8.23 38.11 10.75
CA LEU A 166 6.95 37.61 11.22
C LEU A 166 6.21 36.68 10.25
N ALA A 167 6.96 35.91 9.48
CA ALA A 167 6.43 34.95 8.55
C ALA A 167 5.17 35.36 7.72
N SER A 168 5.04 36.63 7.32
CA SER A 168 3.57 36.92 6.82
C SER A 168 3.48 36.42 5.35
N ARG A 169 4.57 35.96 4.71
CA ARG A 169 4.44 35.49 3.30
C ARG A 169 4.07 34.00 3.13
N SER A 170 3.77 33.36 4.25
CA SER A 170 3.44 31.95 4.23
C SER A 170 2.06 31.58 4.78
N THR A 171 1.80 30.29 4.77
CA THR A 171 0.57 29.73 5.33
C THR A 171 1.06 28.69 6.33
N VAL A 172 1.18 29.13 7.58
CA VAL A 172 1.67 28.25 8.63
C VAL A 172 0.46 27.68 9.32
N LEU A 173 0.49 26.36 9.52
CA LEU A 173 -0.61 25.62 10.13
C LEU A 173 -0.11 24.56 11.09
N MET A 174 -0.88 24.34 12.15
CA MET A 174 -0.60 23.28 13.13
C MET A 174 -1.76 22.34 12.93
N ASP A 175 -1.47 21.09 12.63
CA ASP A 175 -2.51 20.08 12.40
C ASP A 175 -3.59 20.63 11.50
N GLY A 176 -3.19 21.36 10.47
CA GLY A 176 -4.19 21.92 9.57
C GLY A 176 -4.90 23.15 10.06
N ILE A 177 -4.83 23.43 11.35
CA ILE A 177 -5.47 24.63 11.85
C ILE A 177 -4.50 25.79 11.56
N PRO A 178 -5.04 26.97 11.22
CA PRO A 178 -4.19 28.12 10.93
C PRO A 178 -3.64 28.72 12.22
N VAL A 179 -2.33 28.86 12.30
CA VAL A 179 -1.72 29.44 13.49
C VAL A 179 -2.07 30.90 13.73
N PRO A 180 -1.93 31.74 12.72
CA PRO A 180 -2.22 33.17 12.82
C PRO A 180 -3.55 33.52 13.47
N PHE A 181 -3.63 34.73 14.01
CA PHE A 181 -4.84 35.22 14.65
C PHE A 181 -5.67 36.01 13.66
N ALA A 182 -5.44 35.73 12.39
CA ALA A 182 -6.13 36.42 11.29
C ALA A 182 -5.57 35.77 10.03
N PRO A 183 -5.98 34.53 9.73
CA PRO A 183 -4.85 34.29 8.39
C PRO A 183 -5.06 35.19 7.18
N TYR A 184 -6.10 36.03 7.23
CA TYR A 184 -6.37 36.93 6.13
C TYR A 184 -5.92 38.35 6.42
N GLY A 185 -6.57 38.96 7.40
CA GLY A 185 -6.28 40.32 7.77
C GLY A 185 -4.99 40.67 8.51
N GLN A 186 -4.24 39.70 9.06
CA GLN A 186 -3.01 40.04 9.79
C GLN A 186 -2.07 38.86 9.88
N PRO A 187 -1.65 38.35 8.75
CA PRO A 187 -0.79 37.14 8.76
C PRO A 187 0.36 37.19 9.75
N GLN A 188 0.91 38.39 9.97
CA GLN A 188 2.07 38.58 10.84
C GLN A 188 2.06 37.85 12.17
N LEU A 189 2.99 36.95 12.36
CA LEU A 189 3.00 36.22 13.59
C LEU A 189 3.68 36.96 14.74
N SER A 190 3.10 38.08 15.20
CA SER A 190 3.68 38.82 16.33
C SER A 190 3.69 37.74 17.40
N LEU A 191 2.56 37.05 17.51
CA LEU A 191 2.38 35.94 18.46
C LEU A 191 2.31 34.64 17.68
N ALA A 192 3.06 33.64 18.11
CA ALA A 192 3.02 32.36 17.40
C ALA A 192 2.70 31.24 18.38
N PRO A 193 1.42 31.02 18.65
CA PRO A 193 0.96 29.99 19.58
C PRO A 193 1.35 28.61 19.09
N VAL A 194 2.58 28.22 19.38
CA VAL A 194 3.04 26.93 18.92
C VAL A 194 4.40 26.64 19.52
N SER A 195 4.63 25.39 19.94
CA SER A 195 5.92 25.00 20.52
C SER A 195 6.51 23.76 19.87
N LEU A 196 7.79 23.81 19.48
CA LEU A 196 8.42 22.66 18.84
C LEU A 196 8.23 21.39 19.66
N GLY A 197 8.50 21.46 20.96
CA GLY A 197 8.37 20.30 21.84
C GLY A 197 7.06 19.52 21.83
N ASN A 198 6.00 20.13 21.32
CA ASN A 198 4.71 19.47 21.23
C ASN A 198 4.50 18.81 19.89
N MET A 199 5.43 19.00 18.97
CA MET A 199 5.30 18.44 17.64
C MET A 199 6.10 17.17 17.43
N ASP A 200 5.69 16.36 16.44
CA ASP A 200 6.40 15.13 16.12
C ASP A 200 7.15 15.36 14.81
N ALA A 201 6.75 16.43 14.10
CA ALA A 201 7.37 16.79 12.83
C ALA A 201 6.91 18.09 12.17
N ILE A 202 7.83 18.70 11.44
CA ILE A 202 7.58 19.95 10.72
C ILE A 202 7.58 19.67 9.22
N ASP A 203 6.51 20.10 8.56
CA ASP A 203 6.35 19.89 7.12
C ASP A 203 6.32 21.22 6.34
N VAL A 204 7.47 21.58 5.78
CA VAL A 204 7.57 22.83 5.04
C VAL A 204 7.47 22.59 3.54
N VAL A 205 6.38 23.06 2.95
CA VAL A 205 6.21 22.86 1.54
C VAL A 205 6.42 24.13 0.73
N ARG A 206 7.49 24.16 -0.05
CA ARG A 206 7.77 25.30 -0.88
C ARG A 206 6.97 25.32 -2.20
N GLY A 207 6.49 24.17 -2.66
CA GLY A 207 5.73 24.16 -3.90
C GLY A 207 5.07 22.88 -4.38
N GLY A 208 3.83 23.03 -4.83
CA GLY A 208 3.02 21.91 -5.28
C GLY A 208 2.12 21.64 -4.10
N GLY A 209 1.32 22.63 -3.72
CA GLY A 209 0.49 22.47 -2.55
C GLY A 209 -1.00 22.29 -2.69
N ALA A 210 -1.55 21.48 -1.81
CA ALA A 210 -2.83 20.62 -2.60
C ALA A 210 -3.89 21.54 -3.16
N VAL A 211 -3.73 22.83 -2.90
CA VAL A 211 -4.68 23.80 -3.40
C VAL A 211 -5.82 23.39 -2.50
N ARG A 212 -5.45 23.27 -1.25
CA ARG A 212 -6.33 22.88 -0.14
C ARG A 212 -5.76 23.82 0.87
N TYR A 213 -4.55 24.23 0.52
CA TYR A 213 -3.76 25.11 1.32
C TYR A 213 -3.58 26.48 0.69
N GLY A 214 -4.03 27.51 1.41
CA GLY A 214 -3.91 28.87 0.93
C GLY A 214 -4.67 29.82 1.84
N PRO A 215 -4.93 31.06 1.41
CA PRO A 215 -4.54 31.62 0.11
C PRO A 215 -3.07 32.02 -0.01
N GLN A 216 -2.53 32.69 1.01
CA GLN A 216 -1.13 33.13 1.01
C GLN A 216 -0.09 32.03 0.89
N SER A 217 -0.25 31.14 -0.08
CA SER A 217 0.68 30.02 -0.28
C SER A 217 2.04 30.37 -0.87
N VAL A 218 2.12 31.49 -1.59
CA VAL A 218 3.35 31.90 -2.25
C VAL A 218 4.62 31.72 -1.42
N GLY A 219 4.52 31.97 -0.12
CA GLY A 219 5.69 31.85 0.72
C GLY A 219 5.86 30.50 1.38
N GLY A 220 5.27 29.49 0.78
CA GLY A 220 5.39 28.16 1.37
C GLY A 220 4.23 27.90 2.31
N VAL A 221 3.95 26.62 2.51
CA VAL A 221 2.90 26.19 3.40
C VAL A 221 3.62 25.34 4.44
N VAL A 222 3.67 25.89 5.66
CA VAL A 222 4.32 25.24 6.76
C VAL A 222 3.22 24.73 7.64
N ASN A 223 3.29 23.45 7.96
CA ASN A 223 2.31 22.80 8.79
C ASN A 223 3.08 22.02 9.84
N PHE A 224 2.70 22.23 11.09
CA PHE A 224 3.33 21.59 12.24
C PHE A 224 2.48 20.43 12.68
N VAL A 225 3.12 19.26 12.78
CA VAL A 225 2.45 18.03 13.17
C VAL A 225 2.65 17.70 14.66
N THR A 226 1.59 17.92 15.43
CA THR A 226 1.57 17.66 16.87
C THR A 226 1.75 16.20 17.13
N ARG A 227 2.56 15.92 18.14
CA ARG A 227 2.89 14.57 18.56
C ARG A 227 1.72 13.61 18.52
N ALA A 228 2.00 12.40 18.05
CA ALA A 228 1.00 11.36 17.96
C ALA A 228 0.56 10.86 19.35
N ILE A 229 -0.74 10.58 19.48
CA ILE A 229 -1.24 10.03 20.74
C ILE A 229 -0.66 8.60 20.81
N PRO A 230 -0.11 8.19 21.97
CA PRO A 230 0.46 6.84 22.13
C PRO A 230 -0.62 5.76 22.01
N GLN A 231 -0.23 4.57 21.53
CA GLN A 231 -1.15 3.43 21.34
C GLN A 231 -1.83 3.03 22.66
N ASP A 232 -1.19 2.14 23.46
CA ASP A 232 -1.79 1.83 24.77
C ASP A 232 -1.32 3.05 25.55
N PHE A 233 -0.25 2.94 26.33
CA PHE A 233 0.10 4.08 27.18
C PHE A 233 1.57 4.52 27.29
N GLY A 234 1.73 5.84 27.52
CA GLY A 234 3.06 6.40 27.63
C GLY A 234 3.31 7.79 28.25
N ILE A 235 4.60 8.04 28.54
CA ILE A 235 5.09 9.29 29.15
C ILE A 235 6.51 9.63 28.67
N GLU A 236 6.68 10.77 28.00
CA GLU A 236 8.00 11.23 27.52
C GLU A 236 8.26 12.59 28.17
N ALA A 237 9.51 12.94 28.39
CA ALA A 237 9.84 14.23 29.01
C ALA A 237 11.25 14.65 28.66
N GLY A 238 11.44 15.92 28.28
CA GLY A 238 12.79 16.34 27.92
C GLY A 238 13.16 17.76 28.23
N VAL A 239 14.45 18.02 28.38
CA VAL A 239 14.87 19.36 28.69
C VAL A 239 16.16 19.71 28.01
N GLU A 240 16.40 21.01 27.90
CA GLU A 240 17.61 21.52 27.30
C GLU A 240 17.93 22.85 27.94
N GLY A 241 19.20 22.98 28.35
CA GLY A 241 19.67 24.20 28.97
C GLY A 241 20.74 24.72 28.06
N GLN A 242 20.82 26.04 27.93
CA GLN A 242 21.80 26.70 27.07
C GLN A 242 22.48 27.83 27.82
N LEU A 243 23.72 28.11 27.46
CA LEU A 243 24.46 29.18 28.08
C LEU A 243 25.34 29.85 27.07
N SER A 244 25.56 31.12 27.29
CA SER A 244 26.44 31.84 26.40
C SER A 244 27.43 32.43 27.38
N PRO A 245 28.51 31.68 27.68
CA PRO A 245 29.53 32.14 28.62
C PRO A 245 30.04 33.54 28.39
N THR A 246 30.52 33.78 27.18
CA THR A 246 31.05 35.08 26.87
C THR A 246 30.04 36.26 26.86
N SER A 247 28.91 36.09 27.51
CA SER A 247 27.94 37.17 27.58
C SER A 247 27.75 37.61 29.02
N SER A 248 27.31 38.85 29.14
CA SER A 248 27.06 39.42 30.43
C SER A 248 25.78 38.83 31.01
N GLN A 249 25.16 37.96 30.21
CA GLN A 249 23.92 37.27 30.60
C GLN A 249 24.26 35.90 31.20
N ASN A 250 24.10 35.79 32.51
CA ASN A 250 24.40 34.56 33.19
C ASN A 250 23.21 33.59 33.33
N ASN A 251 22.01 34.10 33.66
CA ASN A 251 20.84 33.21 33.78
C ASN A 251 20.71 32.50 32.44
N PRO A 252 20.63 31.16 32.46
CA PRO A 252 20.50 30.31 31.28
C PRO A 252 19.09 30.18 30.72
N LYS A 253 18.99 29.52 29.58
CA LYS A 253 17.70 29.34 28.96
C LYS A 253 17.24 27.90 28.94
N GLU A 254 16.29 27.60 29.80
CA GLU A 254 15.79 26.25 29.86
C GLU A 254 14.53 26.20 29.04
N THR A 255 14.25 25.00 28.56
CA THR A 255 13.07 24.65 27.78
C THR A 255 12.71 23.22 28.17
N HIS A 256 11.46 22.84 27.96
CA HIS A 256 11.10 21.49 28.34
C HIS A 256 9.74 21.10 27.79
N ASN A 257 9.58 19.79 27.55
CA ASN A 257 8.37 19.20 27.02
C ASN A 257 7.97 17.97 27.85
N LEU A 258 6.68 17.75 28.00
CA LEU A 258 6.18 16.62 28.77
C LEU A 258 5.05 15.95 27.97
N MET A 259 5.03 14.63 27.91
CA MET A 259 4.00 13.93 27.17
C MET A 259 3.38 12.79 27.96
N VAL A 260 2.06 12.83 28.10
CA VAL A 260 1.31 11.81 28.83
C VAL A 260 0.03 11.55 28.09
N GLY A 261 -0.24 10.29 27.79
CA GLY A 261 -1.46 9.97 27.08
C GLY A 261 -1.51 8.53 26.64
N GLY A 262 -2.61 8.14 25.99
CA GLY A 262 -2.73 6.77 25.55
C GLY A 262 -4.09 6.50 24.97
N THR A 263 -4.35 5.24 24.62
CA THR A 263 -5.64 4.86 24.03
C THR A 263 -6.24 3.61 24.67
N ALA A 264 -7.46 3.74 25.19
CA ALA A 264 -8.13 2.58 25.78
C ALA A 264 -8.60 1.71 24.62
N ASP A 265 -8.78 0.43 24.90
CA ASP A 265 -9.22 -0.52 23.88
C ASP A 265 -10.58 -0.18 23.28
N ASN A 266 -11.32 0.73 23.90
CA ASN A 266 -12.63 1.06 23.39
C ASN A 266 -12.55 1.94 22.16
N GLY A 267 -11.31 2.24 21.76
CA GLY A 267 -11.09 3.08 20.57
C GLY A 267 -10.96 4.57 20.85
N PHE A 268 -10.74 4.92 22.11
CA PHE A 268 -10.60 6.32 22.50
C PHE A 268 -9.19 6.57 23.02
N GLY A 269 -8.69 7.76 22.75
CA GLY A 269 -7.36 8.08 23.20
C GLY A 269 -7.18 9.54 23.54
N THR A 270 -6.14 9.81 24.32
CA THR A 270 -5.85 11.18 24.72
C THR A 270 -4.40 11.35 25.09
N ALA A 271 -3.89 12.52 24.72
CA ALA A 271 -2.52 12.90 25.00
C ALA A 271 -2.55 14.33 25.53
N LEU A 272 -1.72 14.56 26.54
CA LEU A 272 -1.59 15.85 27.19
C LEU A 272 -0.22 16.27 26.73
N LEU A 273 -0.16 17.27 25.86
CA LEU A 273 1.12 17.69 25.34
C LEU A 273 1.50 18.98 25.96
N TYR A 274 2.67 19.01 26.55
CA TYR A 274 3.09 20.23 27.20
C TYR A 274 4.50 20.60 26.84
N SER A 275 4.67 21.91 26.64
CA SER A 275 5.93 22.50 26.28
C SER A 275 5.97 23.89 26.91
N GLY A 276 7.14 24.27 27.45
CA GLY A 276 7.28 25.58 28.08
C GLY A 276 8.71 26.07 28.08
N THR A 277 8.88 27.40 28.13
CA THR A 277 10.21 28.03 28.14
C THR A 277 10.38 29.04 29.26
N ARG A 278 11.58 29.08 29.84
CA ARG A 278 11.90 30.00 30.93
C ARG A 278 13.35 30.31 30.71
N GLY A 279 13.73 31.55 31.04
CA GLY A 279 15.11 31.96 30.88
C GLY A 279 15.29 33.12 29.93
N SER A 280 16.55 33.49 29.73
CA SER A 280 16.91 34.58 28.85
C SER A 280 18.05 34.10 27.94
N ASP A 281 18.20 34.71 26.77
CA ASP A 281 19.28 34.29 25.87
C ASP A 281 20.54 35.11 26.07
N TRP A 282 21.39 35.14 25.06
CA TRP A 282 22.65 35.85 25.15
C TRP A 282 22.54 37.37 25.20
N ARG A 283 21.35 37.94 25.35
CA ARG A 283 21.27 39.39 25.41
C ARG A 283 20.57 39.83 26.69
N GLU A 284 20.97 40.95 27.26
CA GLU A 284 20.28 41.38 28.46
C GLU A 284 18.86 41.74 28.01
N HIS A 285 17.91 41.71 28.94
CA HIS A 285 16.51 42.07 28.67
C HIS A 285 15.88 41.12 27.65
N SER A 286 15.90 39.83 27.96
CA SER A 286 15.34 38.81 27.08
C SER A 286 14.51 37.78 27.85
N ALA A 287 14.32 38.08 29.13
CA ALA A 287 13.58 37.19 30.02
C ALA A 287 12.27 36.68 29.43
N THR A 288 12.26 35.41 29.06
CA THR A 288 11.05 34.81 28.49
C THR A 288 10.34 33.80 29.39
N ARG A 289 9.01 33.77 29.27
CA ARG A 289 8.20 32.82 30.02
C ARG A 289 7.12 32.29 29.07
N ILE A 290 7.23 31.01 28.69
CA ILE A 290 6.24 30.41 27.79
C ILE A 290 5.66 29.13 28.39
N ASP A 291 4.35 28.98 28.20
CA ASP A 291 3.58 27.84 28.65
C ASP A 291 2.57 27.46 27.56
N ASP A 292 2.84 26.35 26.90
CA ASP A 292 2.01 25.84 25.82
C ASP A 292 1.31 24.57 26.28
N LEU A 293 0.02 24.65 26.59
CA LEU A 293 -0.69 23.47 27.04
C LEU A 293 -1.70 22.91 26.04
N MET A 294 -1.56 21.63 25.71
CA MET A 294 -2.45 20.99 24.75
C MET A 294 -3.07 19.66 25.19
N LEU A 295 -4.32 19.50 24.81
CA LEU A 295 -5.08 18.30 25.12
C LEU A 295 -5.57 17.67 23.81
N LYS A 296 -4.87 16.64 23.38
CA LYS A 296 -5.20 15.99 22.12
C LYS A 296 -5.99 14.69 22.27
N SER A 297 -7.22 14.68 21.76
CA SER A 297 -8.05 13.49 21.86
C SER A 297 -8.49 12.93 20.51
N LYS A 298 -8.69 11.60 20.49
CA LYS A 298 -9.10 10.89 19.29
C LYS A 298 -10.03 9.76 19.65
N TYR A 299 -10.90 9.39 18.70
CA TYR A 299 -11.85 8.29 18.90
C TYR A 299 -12.16 7.51 17.64
N ALA A 300 -11.69 6.27 17.63
CA ALA A 300 -11.86 5.32 16.52
C ALA A 300 -12.65 4.08 16.98
N PRO A 301 -13.99 4.22 17.08
CA PRO A 301 -14.91 3.15 17.51
C PRO A 301 -14.88 1.91 16.61
N ASP A 302 -14.61 2.12 15.32
CA ASP A 302 -14.51 1.05 14.36
C ASP A 302 -13.42 1.43 13.39
N GLU A 303 -13.61 1.14 12.12
CA GLU A 303 -12.59 1.48 11.12
C GLU A 303 -13.03 2.38 9.95
N VAL A 304 -14.19 2.99 10.10
CA VAL A 304 -14.78 3.89 9.11
C VAL A 304 -14.82 5.27 9.78
N HIS A 305 -15.37 5.26 10.99
CA HIS A 305 -15.59 6.49 11.73
C HIS A 305 -14.46 6.73 12.61
N THR A 306 -14.14 8.00 12.77
CA THR A 306 -13.04 8.42 13.62
C THR A 306 -13.28 9.87 13.94
N PHE A 307 -13.01 10.25 15.17
CA PHE A 307 -13.19 11.63 15.57
C PHE A 307 -11.91 12.06 16.24
N ASN A 308 -11.55 13.32 16.07
CA ASN A 308 -10.35 13.85 16.69
C ASN A 308 -10.68 15.23 17.22
N SER A 309 -9.87 15.68 18.17
CA SER A 309 -10.08 16.97 18.79
C SER A 309 -8.75 17.54 19.25
N LEU A 310 -8.73 18.85 19.44
CA LEU A 310 -7.54 19.55 19.91
C LEU A 310 -7.90 20.81 20.67
N LEU A 311 -7.40 20.87 21.90
CA LEU A 311 -7.63 21.99 22.79
C LEU A 311 -6.24 22.50 23.13
N GLN A 312 -6.06 23.82 23.11
CA GLN A 312 -4.75 24.38 23.42
C GLN A 312 -4.76 25.63 24.26
N TYR A 313 -3.80 25.69 25.17
CA TYR A 313 -3.64 26.86 26.01
C TYR A 313 -2.22 27.32 25.94
N TYR A 314 -2.00 28.40 25.19
CA TYR A 314 -0.68 28.97 25.06
C TYR A 314 -0.69 30.32 25.72
N ASP A 315 0.15 30.50 26.73
CA ASP A 315 0.25 31.77 27.43
C ASP A 315 1.72 32.17 27.40
N GLY A 316 2.02 33.44 27.10
CA GLY A 316 3.42 33.86 27.03
C GLY A 316 3.72 35.33 27.15
N GLU A 317 4.89 35.63 27.71
CA GLU A 317 5.37 37.01 27.88
C GLU A 317 6.88 36.96 27.70
N ALA A 318 7.46 38.08 27.23
CA ALA A 318 8.91 38.18 27.00
C ALA A 318 9.42 39.61 26.98
N ASP A 319 10.70 39.77 27.31
CA ASP A 319 11.37 41.07 27.29
C ASP A 319 12.15 41.11 25.98
N MET A 320 11.86 42.13 25.17
CA MET A 320 12.49 42.27 23.88
C MET A 320 13.76 43.09 23.98
N PRO A 321 14.88 42.54 23.50
CA PRO A 321 16.15 43.26 23.55
C PRO A 321 16.10 44.41 22.58
N GLY A 322 15.78 44.12 21.32
CA GLY A 322 15.73 45.16 20.33
C GLY A 322 17.13 45.37 19.75
N GLY A 323 17.26 46.31 18.81
CA GLY A 323 18.53 46.59 18.17
C GLY A 323 19.41 47.61 18.88
N LEU A 324 20.58 47.89 18.31
CA LEU A 324 21.52 48.85 18.90
C LEU A 324 22.16 49.83 17.92
N SER A 325 22.56 50.99 18.43
CA SER A 325 23.22 52.00 17.61
C SER A 325 24.62 51.43 17.53
N ARG A 326 25.45 51.89 16.60
CA ARG A 326 26.80 51.32 16.50
C ARG A 326 27.61 51.59 17.75
N ALA A 327 27.61 52.84 18.16
CA ALA A 327 28.34 53.25 19.34
C ALA A 327 28.09 52.27 20.45
N ASP A 328 26.82 52.11 20.79
CA ASP A 328 26.40 51.20 21.84
C ASP A 328 26.72 49.75 21.53
N TYR A 329 26.64 49.36 20.25
CA TYR A 329 26.91 47.98 19.92
C TYR A 329 28.34 47.59 20.14
N ASP A 330 29.30 48.47 19.84
CA ASP A 330 30.71 48.12 20.05
C ASP A 330 31.00 48.19 21.53
N ALA A 331 30.45 49.22 22.14
CA ALA A 331 30.59 49.50 23.57
C ALA A 331 30.29 48.23 24.36
N ASP A 332 29.12 47.63 24.07
CA ASP A 332 28.67 46.41 24.73
C ASP A 332 27.56 45.72 23.94
N ARG A 333 27.94 44.71 23.17
CA ARG A 333 26.99 43.98 22.31
C ARG A 333 25.85 43.31 23.04
N TRP A 334 26.11 42.83 24.24
CA TRP A 334 25.09 42.14 25.02
C TRP A 334 24.00 43.08 25.55
N GLN A 335 24.37 44.29 25.91
CA GLN A 335 23.42 45.22 26.48
C GLN A 335 22.25 45.53 25.60
N SER A 336 21.26 46.19 26.18
CA SER A 336 20.08 46.59 25.47
C SER A 336 19.62 47.99 25.85
N THR A 337 19.52 48.88 24.87
CA THR A 337 19.09 50.26 25.10
C THR A 337 17.58 50.46 24.96
N ARG A 338 16.83 49.37 25.09
CA ARG A 338 15.37 49.39 25.01
C ARG A 338 14.70 48.74 26.20
N PRO A 339 14.62 49.44 27.35
CA PRO A 339 14.03 48.92 28.56
C PRO A 339 12.52 48.87 28.65
N TYR A 340 11.80 49.43 27.70
CA TYR A 340 10.35 49.40 27.82
C TYR A 340 9.74 48.26 27.00
N ASP A 341 10.35 48.02 25.85
CA ASP A 341 9.87 46.99 24.94
C ASP A 341 9.59 45.65 25.63
N ARG A 342 8.34 45.23 25.63
CA ARG A 342 7.95 43.95 26.22
C ARG A 342 6.86 43.38 25.33
N PHE A 343 6.62 42.07 25.42
CA PHE A 343 5.58 41.42 24.60
C PHE A 343 5.02 40.20 25.30
N TRP A 344 3.69 40.12 25.41
CA TRP A 344 3.06 38.94 26.04
C TRP A 344 1.80 38.58 25.28
N GLY A 345 1.46 37.30 25.29
CA GLY A 345 0.27 36.86 24.58
C GLY A 345 -0.22 35.46 24.93
N ARG A 346 -1.52 35.23 24.81
CA ARG A 346 -2.13 33.95 25.10
C ARG A 346 -3.15 33.61 24.03
N ARG A 347 -3.21 32.32 23.73
CA ARG A 347 -4.09 31.80 22.70
C ARG A 347 -4.89 30.65 23.24
N LYS A 348 -6.13 30.57 22.82
CA LYS A 348 -7.00 29.48 23.23
C LYS A 348 -7.54 28.85 21.95
N LEU A 349 -7.18 27.58 21.75
CA LEU A 349 -7.59 26.85 20.58
C LEU A 349 -8.46 25.62 20.86
N ALA A 350 -9.48 25.45 20.02
CA ALA A 350 -10.41 24.34 20.09
C ALA A 350 -10.65 23.88 18.67
N SER A 351 -10.52 22.59 18.43
CA SER A 351 -10.76 22.10 17.09
C SER A 351 -11.34 20.71 17.10
N LEU A 352 -12.47 20.57 16.41
CA LEU A 352 -13.15 19.28 16.31
C LEU A 352 -13.12 18.69 14.88
N GLY A 353 -12.76 17.41 14.79
CA GLY A 353 -12.68 16.78 13.49
C GLY A 353 -13.21 15.37 13.39
N TYR A 354 -13.87 15.08 12.27
CA TYR A 354 -14.44 13.77 12.00
C TYR A 354 -14.19 13.34 10.55
N GLN A 355 -13.88 12.05 10.37
CA GLN A 355 -13.59 11.48 9.05
C GLN A 355 -14.38 10.21 8.76
N PHE A 356 -15.07 10.20 7.63
CA PHE A 356 -15.86 9.06 7.24
C PHE A 356 -15.19 8.29 6.11
N GLN A 357 -14.83 7.05 6.40
CA GLN A 357 -14.18 6.22 5.39
C GLN A 357 -14.76 4.78 5.30
N PRO A 358 -15.79 4.54 4.45
CA PRO A 358 -16.41 3.22 4.28
C PRO A 358 -15.52 2.25 3.50
N ASP A 359 -14.64 2.76 2.65
CA ASP A 359 -13.72 1.91 1.89
C ASP A 359 -12.48 2.70 1.57
N SER A 360 -11.53 2.09 0.89
CA SER A 360 -10.31 2.82 0.54
C SER A 360 -10.50 3.54 -0.81
N GLN A 361 -11.75 3.69 -1.22
CA GLN A 361 -12.12 4.32 -2.48
C GLN A 361 -12.64 5.74 -2.26
N HIS A 362 -13.36 5.98 -1.16
CA HIS A 362 -13.87 7.33 -0.86
C HIS A 362 -13.44 7.72 0.55
N LYS A 363 -13.35 9.01 0.82
CA LYS A 363 -12.99 9.51 2.15
C LYS A 363 -13.56 10.89 2.39
N PHE A 364 -14.30 11.03 3.48
CA PHE A 364 -14.88 12.32 3.82
C PHE A 364 -14.34 12.84 5.13
N ASN A 365 -13.87 14.09 5.14
CA ASN A 365 -13.32 14.68 6.35
C ASN A 365 -13.93 16.03 6.59
N ILE A 366 -14.19 16.35 7.85
CA ILE A 366 -14.70 17.68 8.15
C ILE A 366 -14.10 18.19 9.45
N GLN A 367 -13.46 19.35 9.38
CA GLN A 367 -12.84 19.94 10.55
C GLN A 367 -13.31 21.35 10.87
N GLY A 368 -13.63 21.55 12.14
CA GLY A 368 -14.09 22.85 12.60
C GLY A 368 -13.05 23.34 13.59
N PHE A 369 -12.98 24.65 13.79
CA PHE A 369 -12.00 25.17 14.72
C PHE A 369 -12.32 26.58 15.13
N TYR A 370 -11.99 26.88 16.37
CA TYR A 370 -12.22 28.18 16.96
C TYR A 370 -10.98 28.53 17.76
N THR A 371 -10.53 29.76 17.64
CA THR A 371 -9.38 30.19 18.38
C THR A 371 -9.50 31.66 18.73
N GLN A 372 -9.29 31.94 20.02
CA GLN A 372 -9.32 33.29 20.55
C GLN A 372 -7.87 33.62 20.93
N THR A 373 -7.37 34.73 20.40
CA THR A 373 -5.99 35.13 20.66
C THR A 373 -5.82 36.56 21.08
N LEU A 374 -4.98 36.77 22.08
CA LEU A 374 -4.73 38.10 22.57
C LEU A 374 -3.26 38.25 22.72
N ARG A 375 -2.78 39.34 22.16
CA ARG A 375 -1.38 39.68 22.17
C ARG A 375 -1.33 41.17 22.29
N SER A 376 -0.46 41.66 23.14
CA SER A 376 -0.31 43.08 23.27
C SER A 376 1.10 43.23 23.74
N GLY A 377 1.44 44.40 24.26
CA GLY A 377 2.80 44.58 24.73
C GLY A 377 3.28 46.00 24.70
N TYR A 378 4.36 46.24 25.45
CA TYR A 378 4.95 47.55 25.53
C TYR A 378 6.02 47.70 24.47
N LEU A 379 6.09 48.93 23.95
CA LEU A 379 7.03 49.27 22.91
C LEU A 379 7.31 50.76 23.01
N GLU A 380 8.52 51.14 22.60
CA GLU A 380 8.91 52.55 22.63
C GLU A 380 8.81 53.08 21.22
N GLN A 381 7.90 54.02 21.02
CA GLN A 381 7.72 54.61 19.72
C GLN A 381 7.93 56.10 19.77
N GLY A 382 9.18 56.50 19.53
CA GLY A 382 9.56 57.90 19.52
C GLY A 382 8.92 58.92 20.45
N LYS A 383 9.49 59.01 21.63
CA LYS A 383 9.04 59.98 22.64
C LYS A 383 7.62 59.67 23.10
N ARG A 384 7.26 58.40 23.00
CA ARG A 384 5.96 57.92 23.40
C ARG A 384 6.23 56.46 23.60
N ILE A 385 5.51 55.87 24.53
CA ILE A 385 5.68 54.47 24.81
C ILE A 385 4.26 54.01 24.72
N THR A 386 4.03 52.93 23.97
CA THR A 386 2.65 52.48 23.80
C THR A 386 2.25 51.07 24.24
N LEU A 387 1.01 50.98 24.74
CA LEU A 387 0.41 49.73 25.16
C LEU A 387 -0.49 49.37 23.99
N SER A 388 -0.24 48.23 23.37
CA SER A 388 -1.03 47.85 22.21
C SER A 388 -1.69 46.49 22.30
N PRO A 389 -2.91 46.42 22.84
CA PRO A 389 -3.60 45.14 22.96
C PRO A 389 -4.27 44.85 21.64
N ARG A 390 -4.38 43.56 21.34
CA ARG A 390 -5.01 43.14 20.09
C ARG A 390 -5.63 41.76 20.24
N ASN A 391 -6.95 41.70 20.27
CA ASN A 391 -7.66 40.44 20.40
C ASN A 391 -8.14 39.98 19.03
N TYR A 392 -8.24 38.67 18.87
CA TYR A 392 -8.69 38.09 17.63
C TYR A 392 -9.50 36.80 17.87
N TRP A 393 -10.64 36.68 17.18
CA TRP A 393 -11.50 35.51 17.25
C TRP A 393 -11.53 34.94 15.84
N VAL A 394 -11.30 33.65 15.70
CA VAL A 394 -11.29 33.05 14.38
C VAL A 394 -12.04 31.73 14.29
N ARG A 395 -13.18 31.74 13.60
CA ARG A 395 -13.98 30.52 13.43
C ARG A 395 -13.59 29.85 12.11
N GLY A 396 -14.00 28.61 11.94
CA GLY A 396 -13.65 27.94 10.72
C GLY A 396 -14.17 26.52 10.68
N ILE A 397 -14.89 26.21 9.63
CA ILE A 397 -15.47 24.90 9.42
C ILE A 397 -14.98 24.51 8.05
N GLU A 398 -14.43 23.30 7.91
CA GLU A 398 -13.88 22.93 6.61
C GLU A 398 -14.15 21.50 6.15
N PRO A 399 -15.11 21.30 5.21
CA PRO A 399 -15.40 19.94 4.74
C PRO A 399 -14.69 19.61 3.43
N ARG A 400 -14.30 18.36 3.27
CA ARG A 400 -13.63 17.91 2.06
C ARG A 400 -13.74 16.41 1.80
N TYR A 401 -14.18 16.09 0.58
CA TYR A 401 -14.39 14.72 0.11
C TYR A 401 -13.37 14.30 -0.96
N SER A 402 -12.95 13.03 -0.93
CA SER A 402 -12.00 12.52 -1.93
C SER A 402 -12.49 11.20 -2.54
N GLN A 403 -12.10 10.94 -3.78
CA GLN A 403 -12.52 9.69 -4.40
C GLN A 403 -11.58 9.19 -5.47
N ILE A 404 -11.32 7.90 -5.42
CA ILE A 404 -10.45 7.27 -6.38
C ILE A 404 -11.29 6.43 -7.31
N PHE A 405 -11.09 6.64 -8.61
CA PHE A 405 -11.80 5.88 -9.63
C PHE A 405 -10.98 5.91 -10.91
N MET A 406 -10.81 4.74 -11.52
CA MET A 406 -10.02 4.62 -12.73
C MET A 406 -10.81 5.05 -13.97
N ILE A 407 -10.09 5.55 -14.96
CA ILE A 407 -10.67 5.96 -16.23
C ILE A 407 -9.67 5.58 -17.32
N GLY A 408 -10.06 4.69 -18.22
CA GLY A 408 -9.12 4.27 -19.23
C GLY A 408 -7.85 3.82 -18.51
N PRO A 409 -6.68 3.92 -19.15
CA PRO A 409 -5.43 3.50 -18.51
C PRO A 409 -4.97 4.43 -17.40
N SER A 410 -5.91 5.23 -16.91
CA SER A 410 -5.56 6.21 -15.88
C SER A 410 -6.27 6.10 -14.53
N ALA A 411 -5.53 6.43 -13.48
CA ALA A 411 -6.05 6.42 -12.14
C ALA A 411 -6.36 7.87 -11.78
N HIS A 412 -7.55 8.10 -11.24
CA HIS A 412 -7.92 9.45 -10.87
C HIS A 412 -8.28 9.58 -9.41
N GLU A 413 -7.66 10.54 -8.74
CA GLU A 413 -8.01 10.80 -7.35
C GLU A 413 -8.53 12.24 -7.31
N VAL A 414 -9.84 12.39 -7.46
CA VAL A 414 -10.43 13.71 -7.43
C VAL A 414 -10.53 14.16 -5.99
N GLY A 415 -10.05 15.37 -5.73
CA GLY A 415 -10.11 15.92 -4.39
C GLY A 415 -10.89 17.21 -4.43
N VAL A 416 -11.97 17.28 -3.67
CA VAL A 416 -12.80 18.49 -3.61
C VAL A 416 -12.67 19.05 -2.19
N GLY A 417 -12.94 20.36 -2.01
CA GLY A 417 -12.82 20.96 -0.69
C GLY A 417 -13.32 22.38 -0.51
N TYR A 418 -13.80 22.68 0.69
CA TYR A 418 -14.34 23.99 1.02
C TYR A 418 -13.83 24.46 2.37
N ARG A 419 -13.83 25.77 2.57
CA ARG A 419 -13.34 26.32 3.82
C ARG A 419 -13.99 27.68 4.08
N TYR A 420 -14.76 27.78 5.13
CA TYR A 420 -15.34 29.07 5.44
C TYR A 420 -14.59 29.50 6.66
N LEU A 421 -14.16 30.75 6.67
CA LEU A 421 -13.43 31.25 7.81
C LEU A 421 -13.95 32.62 8.18
N ASN A 422 -13.96 32.92 9.46
CA ASN A 422 -14.42 34.21 9.93
C ASN A 422 -13.47 34.74 10.99
N GLU A 423 -12.93 35.93 10.77
CA GLU A 423 -12.00 36.52 11.72
C GLU A 423 -12.42 37.92 12.12
N SER A 424 -12.76 38.11 13.38
CA SER A 424 -13.14 39.40 13.91
C SER A 424 -12.04 39.84 14.86
N THR A 425 -11.70 41.12 14.82
CA THR A 425 -10.62 41.62 15.66
C THR A 425 -10.95 42.90 16.38
N HIS A 426 -10.07 43.24 17.33
CA HIS A 426 -10.16 44.48 18.11
C HIS A 426 -8.75 44.86 18.53
N GLU A 427 -8.28 46.02 18.06
CA GLU A 427 -6.94 46.48 18.44
C GLU A 427 -6.99 47.92 18.90
N MET A 428 -6.34 48.20 20.02
CA MET A 428 -6.28 49.55 20.53
C MET A 428 -4.82 49.92 20.79
N ARG A 429 -4.58 51.19 21.11
CA ARG A 429 -3.24 51.71 21.32
C ARG A 429 -3.22 52.81 22.35
N TYR A 430 -2.69 52.51 23.54
CA TYR A 430 -2.61 53.51 24.60
C TYR A 430 -1.17 53.99 24.57
N TYR A 431 -0.96 55.24 24.92
CA TYR A 431 0.37 55.81 24.86
C TYR A 431 0.74 56.78 25.98
N THR A 432 2.04 56.95 26.18
CA THR A 432 2.54 57.87 27.20
C THR A 432 3.88 58.43 26.77
N ALA A 433 4.11 59.70 27.08
CA ALA A 433 5.36 60.41 26.75
C ALA A 433 6.54 59.75 27.46
N THR A 434 7.49 59.22 26.68
CA THR A 434 8.67 58.54 27.20
C THR A 434 9.45 59.38 28.21
N SER A 435 9.32 60.68 28.07
CA SER A 435 9.99 61.62 28.93
C SER A 435 9.69 61.21 30.37
N SER A 436 8.51 60.66 30.58
CA SER A 436 8.07 60.21 31.91
C SER A 436 8.58 58.80 32.12
N GLY A 437 8.66 58.36 33.35
CA GLY A 437 9.11 56.99 33.54
C GLY A 437 7.94 56.07 33.34
N GLN A 438 6.76 56.64 33.53
CA GLN A 438 5.49 55.94 33.43
C GLN A 438 5.25 55.13 32.17
N LEU A 439 4.80 53.89 32.38
CA LEU A 439 4.44 52.93 31.34
C LEU A 439 2.92 53.13 31.14
N PRO A 440 2.41 52.98 29.92
CA PRO A 440 0.97 53.17 29.70
C PRO A 440 0.12 52.02 30.21
N SER A 441 -1.13 52.35 30.50
CA SER A 441 -2.10 51.38 31.00
C SER A 441 -3.50 51.78 30.53
N GLY A 442 -4.52 51.07 31.00
CA GLY A 442 -5.86 51.46 30.59
C GLY A 442 -6.01 52.79 31.29
N SER A 443 -7.08 53.51 31.00
CA SER A 443 -7.28 54.81 31.66
C SER A 443 -6.12 55.73 31.33
N SER A 444 -5.59 55.55 30.13
CA SER A 444 -4.47 56.31 29.64
C SER A 444 -4.81 56.64 28.18
N PRO A 445 -4.52 57.87 27.70
CA PRO A 445 -4.84 58.25 26.32
C PRO A 445 -4.57 57.15 25.30
N TYR A 446 -5.52 56.99 24.38
CA TYR A 446 -5.42 55.99 23.32
C TYR A 446 -5.69 56.68 21.99
N ASP A 447 -4.78 56.47 21.04
CA ASP A 447 -4.87 57.10 19.72
C ASP A 447 -5.19 56.12 18.63
N ARG A 448 -5.77 54.99 19.00
CA ARG A 448 -6.07 53.98 18.01
C ARG A 448 -7.00 52.94 18.61
N ASP A 449 -8.24 52.93 18.15
CA ASP A 449 -9.24 51.98 18.61
C ASP A 449 -9.99 51.57 17.37
N THR A 450 -9.87 50.30 16.98
CA THR A 450 -10.55 49.83 15.79
C THR A 450 -11.06 48.43 15.97
N ARG A 451 -11.80 47.98 14.96
CA ARG A 451 -12.35 46.65 14.91
C ARG A 451 -12.41 46.28 13.45
N SER A 452 -11.58 45.34 13.05
CA SER A 452 -11.57 44.92 11.67
C SER A 452 -12.24 43.56 11.59
N GLY A 453 -12.29 42.98 10.39
CA GLY A 453 -12.92 41.69 10.21
C GLY A 453 -12.87 41.14 8.80
N THR A 454 -13.20 39.87 8.66
CA THR A 454 -13.18 39.21 7.36
C THR A 454 -14.00 37.94 7.31
N GLU A 455 -14.62 37.70 6.16
CA GLU A 455 -15.44 36.53 5.91
C GLU A 455 -14.92 35.96 4.58
N ALA A 456 -14.33 34.77 4.64
CA ALA A 456 -13.72 34.19 3.45
C ALA A 456 -14.22 32.83 3.01
N HIS A 457 -14.66 32.77 1.77
CA HIS A 457 -15.16 31.56 1.17
C HIS A 457 -14.13 31.01 0.20
N ALA A 458 -13.60 29.84 0.49
CA ALA A 458 -12.60 29.27 -0.39
C ALA A 458 -13.11 27.95 -0.93
N TRP A 459 -12.76 27.65 -2.16
CA TRP A 459 -13.17 26.40 -2.78
C TRP A 459 -11.96 25.88 -3.51
N TYR A 460 -11.78 24.57 -3.47
CA TYR A 460 -10.66 23.95 -4.15
C TYR A 460 -11.00 22.59 -4.76
N LEU A 461 -10.32 22.28 -5.86
CA LEU A 461 -10.57 21.04 -6.59
C LEU A 461 -9.34 20.64 -7.39
N ASP A 462 -8.90 19.41 -7.24
CA ASP A 462 -7.75 18.91 -7.99
C ASP A 462 -8.02 17.48 -8.35
N ASP A 463 -7.25 16.95 -9.29
CA ASP A 463 -7.48 15.57 -9.70
C ASP A 463 -6.18 14.86 -9.95
N LYS A 464 -5.70 14.10 -8.97
CA LYS A 464 -4.43 13.41 -9.17
C LYS A 464 -4.64 12.39 -10.25
N ILE A 465 -3.87 12.48 -11.32
CA ILE A 465 -4.04 11.54 -12.41
C ILE A 465 -2.77 10.69 -12.54
N ASP A 466 -2.94 9.38 -12.60
CA ASP A 466 -1.80 8.48 -12.76
C ASP A 466 -1.95 7.86 -14.13
N ILE A 467 -0.81 7.67 -14.80
CA ILE A 467 -0.81 7.10 -16.14
C ILE A 467 0.63 6.75 -16.48
N GLY A 468 0.93 5.46 -16.63
CA GLY A 468 2.28 5.03 -16.94
C GLY A 468 3.22 5.42 -15.81
N ASN A 469 4.19 6.27 -16.12
CA ASN A 469 5.13 6.75 -15.12
C ASN A 469 4.82 8.23 -14.84
N TRP A 470 3.61 8.66 -15.24
CA TRP A 470 3.17 10.04 -15.07
C TRP A 470 2.07 10.24 -14.03
N THR A 471 2.22 11.31 -13.27
CA THR A 471 1.24 11.68 -12.26
C THR A 471 1.05 13.19 -12.44
N ILE A 472 -0.05 13.51 -13.11
CA ILE A 472 -0.46 14.88 -13.42
C ILE A 472 -1.66 15.29 -12.57
N THR A 473 -1.49 16.34 -11.79
CA THR A 473 -2.57 16.81 -10.91
C THR A 473 -2.97 18.25 -11.16
N PRO A 474 -3.94 18.42 -12.06
CA PRO A 474 -4.50 19.71 -12.46
C PRO A 474 -5.50 20.21 -11.45
N GLY A 475 -5.14 21.27 -10.73
CA GLY A 475 -6.06 21.78 -9.73
C GLY A 475 -6.33 23.27 -9.72
N MET A 476 -7.41 23.66 -9.05
CA MET A 476 -7.82 25.05 -8.98
C MET A 476 -8.43 25.42 -7.62
N ARG A 477 -7.97 26.54 -7.04
CA ARG A 477 -8.49 27.02 -5.76
C ARG A 477 -9.11 28.39 -5.95
N PHE A 478 -10.25 28.65 -5.32
CA PHE A 478 -10.90 29.94 -5.49
C PHE A 478 -11.39 30.54 -4.18
N GLU A 479 -11.00 31.79 -3.94
CA GLU A 479 -11.41 32.47 -2.72
C GLU A 479 -12.14 33.78 -2.90
N HIS A 480 -13.15 33.95 -2.08
CA HIS A 480 -13.96 35.15 -2.07
C HIS A 480 -13.74 35.85 -0.73
N ILE A 481 -12.82 36.82 -0.72
CA ILE A 481 -12.47 37.55 0.50
C ILE A 481 -13.24 38.86 0.69
N GLU A 482 -13.88 39.03 1.84
CA GLU A 482 -14.58 40.27 2.16
C GLU A 482 -14.07 40.69 3.54
N SER A 483 -13.33 41.80 3.57
CA SER A 483 -12.74 42.31 4.81
C SER A 483 -13.16 43.75 5.11
N TYR A 484 -13.50 44.02 6.37
CA TYR A 484 -13.96 45.34 6.77
C TYR A 484 -13.19 45.89 7.98
N GLN A 485 -13.01 47.20 8.04
CA GLN A 485 -12.32 47.85 9.17
C GLN A 485 -13.17 48.98 9.76
N ASN A 486 -13.28 49.05 11.08
CA ASN A 486 -14.08 50.13 11.68
C ASN A 486 -13.34 50.98 12.70
N ASN A 487 -12.98 52.19 12.29
CA ASN A 487 -12.27 53.10 13.16
C ASN A 487 -13.27 53.78 14.10
N ALA A 488 -13.11 53.55 15.39
CA ALA A 488 -14.01 54.11 16.37
C ALA A 488 -13.69 55.57 16.70
N ILE A 489 -12.48 56.01 16.39
CA ILE A 489 -12.11 57.40 16.67
C ILE A 489 -12.67 58.30 15.58
N THR A 490 -12.28 58.01 14.33
CA THR A 490 -12.73 58.78 13.16
C THR A 490 -14.17 58.43 12.80
N GLY A 491 -14.56 57.20 13.13
CA GLY A 491 -15.89 56.73 12.80
C GLY A 491 -15.85 56.09 11.43
N THR A 492 -14.97 56.59 10.57
CA THR A 492 -14.85 56.08 9.20
C THR A 492 -14.83 54.58 9.13
N HIS A 493 -15.63 54.07 8.20
CA HIS A 493 -15.81 52.66 7.94
C HIS A 493 -15.36 52.32 6.52
N GLU A 494 -14.53 51.29 6.35
CA GLU A 494 -14.08 50.89 5.00
C GLU A 494 -14.36 49.41 4.76
N GLU A 495 -14.34 48.99 3.50
CA GLU A 495 -14.59 47.59 3.17
C GLU A 495 -13.83 47.14 1.93
N VAL A 496 -13.57 45.83 1.86
CA VAL A 496 -12.85 45.24 0.73
C VAL A 496 -13.36 43.84 0.37
N SER A 497 -13.37 43.54 -0.93
CA SER A 497 -13.82 42.25 -1.42
C SER A 497 -13.18 42.01 -2.78
N TYR A 498 -12.35 40.97 -2.86
CA TYR A 498 -11.66 40.62 -4.10
C TYR A 498 -11.84 39.12 -4.31
N ASN A 499 -11.87 38.71 -5.56
CA ASN A 499 -12.01 37.30 -5.87
C ASN A 499 -10.68 36.81 -6.39
N ALA A 500 -10.29 35.62 -5.96
CA ALA A 500 -9.01 35.12 -6.36
C ALA A 500 -8.99 33.73 -6.93
N PRO A 501 -8.89 33.65 -8.27
CA PRO A 501 -8.84 32.39 -9.01
C PRO A 501 -7.39 31.95 -8.89
N LEU A 502 -7.20 30.70 -8.52
CA LEU A 502 -5.85 30.20 -8.33
C LEU A 502 -5.51 28.91 -9.03
N PRO A 503 -5.17 28.97 -10.34
CA PRO A 503 -4.83 27.73 -11.05
C PRO A 503 -3.56 27.05 -10.54
N ALA A 504 -3.53 25.73 -10.63
CA ALA A 504 -2.38 24.94 -10.19
C ALA A 504 -2.23 23.65 -10.97
N LEU A 505 -0.97 23.32 -11.28
CA LEU A 505 -0.65 22.12 -12.01
C LEU A 505 0.67 21.51 -11.52
N ASN A 506 0.62 20.19 -11.28
CA ASN A 506 1.77 19.43 -10.83
C ASN A 506 1.98 18.23 -11.74
N VAL A 507 3.22 17.99 -12.08
CA VAL A 507 3.54 16.85 -12.90
C VAL A 507 4.81 16.20 -12.37
N LEU A 508 4.71 14.90 -12.19
CA LEU A 508 5.82 14.13 -11.70
C LEU A 508 6.06 12.95 -12.62
N TYR A 509 7.32 12.73 -12.97
CA TYR A 509 7.69 11.62 -13.84
C TYR A 509 8.58 10.65 -13.07
N HIS A 510 8.33 9.36 -13.18
CA HIS A 510 9.13 8.37 -12.47
C HIS A 510 10.23 7.82 -13.38
N LEU A 511 11.43 8.40 -13.32
CA LEU A 511 12.53 7.90 -14.13
C LEU A 511 12.78 6.44 -13.77
N THR A 512 13.10 6.19 -12.50
CA THR A 512 13.35 4.83 -12.03
C THR A 512 12.69 4.57 -10.66
N ASP A 513 12.78 3.32 -10.20
CA ASP A 513 12.20 2.94 -8.92
C ASP A 513 12.90 3.75 -7.81
N SER A 514 13.81 4.63 -8.22
CA SER A 514 14.55 5.44 -7.26
C SER A 514 14.94 6.83 -7.76
N TRP A 515 14.23 7.41 -8.73
CA TRP A 515 14.60 8.74 -9.25
C TRP A 515 13.42 9.43 -9.92
N ASN A 516 12.93 10.53 -9.35
CA ASN A 516 11.79 11.24 -9.94
C ASN A 516 12.10 12.66 -10.42
N LEU A 517 11.33 13.09 -11.42
CA LEU A 517 11.45 14.43 -12.00
C LEU A 517 10.12 15.11 -11.78
N TYR A 518 10.16 16.41 -11.52
CA TYR A 518 8.91 17.12 -11.28
C TYR A 518 8.95 18.55 -11.76
N ALA A 519 7.76 19.12 -11.91
CA ALA A 519 7.64 20.51 -12.33
C ALA A 519 6.26 20.97 -11.89
N ASN A 520 6.11 22.26 -11.60
CA ASN A 520 4.81 22.75 -11.17
C ASN A 520 4.66 24.24 -11.22
N THR A 521 3.44 24.69 -10.91
CA THR A 521 3.13 26.10 -10.86
C THR A 521 1.78 26.35 -10.17
N GLU A 522 1.85 27.06 -9.04
CA GLU A 522 0.67 27.37 -8.24
C GLU A 522 0.67 28.85 -7.97
N GLY A 523 -0.48 29.40 -7.60
CA GLY A 523 -0.50 30.83 -7.34
C GLY A 523 -0.98 31.22 -5.96
N SER A 524 -0.97 32.52 -5.67
CA SER A 524 -1.43 33.03 -4.37
C SER A 524 -2.01 34.44 -4.44
N PHE A 525 -2.51 34.91 -3.30
CA PHE A 525 -3.15 36.21 -3.21
C PHE A 525 -3.24 36.59 -1.75
N GLY A 526 -2.86 37.83 -1.43
CA GLY A 526 -2.93 38.29 -0.05
C GLY A 526 -3.93 39.42 0.14
N THR A 527 -5.13 39.13 0.63
CA THR A 527 -6.13 40.20 0.84
C THR A 527 -5.60 41.39 1.65
N VAL A 528 -6.03 42.58 1.30
CA VAL A 528 -5.56 43.76 2.01
C VAL A 528 -5.75 43.53 3.47
N GLN A 529 -4.65 43.63 4.22
CA GLN A 529 -4.65 43.46 5.67
C GLN A 529 -5.26 44.67 6.35
N TYR A 530 -5.75 44.45 7.56
CA TYR A 530 -6.38 45.51 8.33
C TYR A 530 -5.41 46.66 8.54
N SER A 531 -4.11 46.36 8.53
CA SER A 531 -3.07 47.36 8.74
C SER A 531 -2.76 48.13 7.47
N GLN A 532 -3.50 47.84 6.41
CA GLN A 532 -3.36 48.53 5.12
C GLN A 532 -4.65 49.10 4.50
N ILE A 533 -5.75 49.04 5.22
CA ILE A 533 -7.02 49.58 4.72
C ILE A 533 -6.86 51.04 4.23
N GLY A 534 -6.34 51.95 5.05
CA GLY A 534 -6.13 53.31 4.58
C GLY A 534 -4.90 53.18 3.72
N LYS A 535 -5.12 52.94 2.44
CA LYS A 535 -4.06 52.71 1.49
C LYS A 535 -3.25 53.93 1.16
N ALA A 536 -2.46 54.42 2.11
CA ALA A 536 -1.67 55.60 1.85
C ALA A 536 -0.30 55.26 1.24
N VAL A 537 -0.30 54.76 0.00
CA VAL A 537 0.96 54.41 -0.66
C VAL A 537 1.23 55.32 -1.85
N GLN A 538 2.50 55.53 -2.15
CA GLN A 538 2.93 56.39 -3.25
C GLN A 538 2.46 56.02 -4.66
N SER A 539 2.33 54.73 -4.97
CA SER A 539 1.88 54.30 -6.30
C SER A 539 0.36 54.05 -6.39
N GLY A 540 -0.45 54.91 -5.77
CA GLY A 540 -1.91 54.78 -5.82
C GLY A 540 -2.55 54.15 -4.60
N ASN A 541 -2.60 52.81 -4.54
CA ASN A 541 -3.19 52.15 -3.39
C ASN A 541 -2.50 50.87 -3.01
N VAL A 542 -2.91 50.32 -1.87
CA VAL A 542 -2.29 49.12 -1.36
C VAL A 542 -2.95 47.83 -1.79
N GLU A 543 -2.09 46.84 -2.04
CA GLU A 543 -2.49 45.48 -2.41
C GLU A 543 -3.47 45.40 -3.58
N PRO A 544 -4.03 44.21 -3.82
CA PRO A 544 -3.62 42.89 -3.23
C PRO A 544 -2.25 42.40 -3.75
N GLU A 545 -1.83 41.24 -3.29
CA GLU A 545 -0.55 40.67 -3.67
C GLU A 545 -0.73 39.40 -4.47
N LYS A 546 -0.72 39.51 -5.79
CA LYS A 546 -0.84 38.34 -6.65
C LYS A 546 0.55 37.82 -7.04
N ALA A 547 0.77 36.52 -6.94
CA ALA A 547 2.04 35.90 -7.30
C ALA A 547 1.87 34.53 -7.91
N ARG A 548 2.88 34.09 -8.64
CA ARG A 548 2.83 32.79 -9.31
C ARG A 548 4.22 32.19 -9.16
N THR A 549 4.28 30.87 -8.95
CA THR A 549 5.57 30.18 -8.80
C THR A 549 5.73 29.07 -9.80
N TRP A 550 6.96 28.85 -10.25
CA TRP A 550 7.23 27.78 -11.20
C TRP A 550 8.40 27.00 -10.66
N GLU A 551 8.23 25.68 -10.56
CA GLU A 551 9.32 24.88 -10.05
C GLU A 551 9.64 23.79 -11.02
N LEU A 552 10.93 23.48 -11.12
CA LEU A 552 11.44 22.43 -11.97
C LEU A 552 12.57 21.78 -11.17
N GLY A 553 12.54 20.47 -11.02
CA GLY A 553 13.56 19.79 -10.24
C GLY A 553 13.47 18.28 -10.14
N THR A 554 14.49 17.70 -9.51
CA THR A 554 14.57 16.27 -9.38
C THR A 554 14.84 15.82 -7.95
N ARG A 555 14.42 14.59 -7.63
CA ARG A 555 14.62 14.01 -6.31
C ARG A 555 15.12 12.60 -6.55
N TYR A 556 16.16 12.17 -5.83
CA TYR A 556 16.72 10.82 -5.99
C TYR A 556 16.91 10.13 -4.64
N ASP A 557 16.79 8.80 -4.64
CA ASP A 557 16.94 8.02 -3.41
C ASP A 557 17.36 6.60 -3.78
N ASP A 558 18.25 5.99 -2.99
CA ASP A 558 18.66 4.63 -3.30
C ASP A 558 19.16 3.88 -2.08
N GLY A 559 18.82 4.38 -0.91
CA GLY A 559 19.22 3.72 0.32
C GLY A 559 20.64 3.95 0.80
N ALA A 560 21.38 4.81 0.10
CA ALA A 560 22.76 5.13 0.49
C ALA A 560 22.99 6.59 0.15
N LEU A 561 22.34 7.00 -0.92
CA LEU A 561 22.45 8.35 -1.40
C LEU A 561 21.05 8.90 -1.56
N THR A 562 20.73 9.89 -0.74
CA THR A 562 19.41 10.52 -0.83
C THR A 562 19.61 11.98 -1.20
N ALA A 563 19.06 12.40 -2.33
CA ALA A 563 19.26 13.76 -2.76
C ALA A 563 18.14 14.38 -3.56
N GLU A 564 18.18 15.71 -3.61
CA GLU A 564 17.19 16.49 -4.32
C GLU A 564 17.87 17.76 -4.84
N MET A 565 17.20 18.45 -5.76
CA MET A 565 17.69 19.70 -6.35
C MET A 565 16.60 20.20 -7.28
N GLY A 566 16.26 21.48 -7.19
CA GLY A 566 15.22 22.00 -8.07
C GLY A 566 15.36 23.48 -8.32
N LEU A 567 14.77 23.98 -9.40
CA LEU A 567 14.84 25.39 -9.74
C LEU A 567 13.46 25.99 -9.60
N PHE A 568 13.42 27.24 -9.16
CA PHE A 568 12.13 27.90 -8.97
C PHE A 568 12.04 29.27 -9.60
N LEU A 569 10.81 29.76 -9.65
CA LEU A 569 10.54 31.05 -10.23
C LEU A 569 9.27 31.60 -9.58
N ILE A 570 9.38 32.76 -8.95
CA ILE A 570 8.24 33.35 -8.28
C ILE A 570 8.04 34.79 -8.78
N ASN A 571 6.86 35.08 -9.34
CA ASN A 571 6.55 36.44 -9.83
C ASN A 571 5.54 37.15 -8.94
N PHE A 572 5.98 38.28 -8.36
CA PHE A 572 5.22 39.13 -7.44
C PHE A 572 4.73 40.40 -8.08
N ASN A 573 3.42 40.64 -8.09
CA ASN A 573 2.95 41.88 -8.68
C ASN A 573 3.47 43.05 -7.82
N ASN A 574 3.45 42.88 -6.50
CA ASN A 574 3.91 43.93 -5.59
C ASN A 574 4.32 43.31 -4.24
N GLN A 575 4.80 44.15 -3.33
CA GLN A 575 5.21 43.72 -2.00
C GLN A 575 5.26 44.96 -1.15
N TYR A 576 4.57 44.95 -0.01
CA TYR A 576 4.58 46.13 0.83
C TYR A 576 5.22 45.82 2.18
N ASP A 577 5.83 46.84 2.77
CA ASP A 577 6.46 46.68 4.06
C ASP A 577 5.57 47.24 5.16
N SER A 578 6.17 47.85 6.19
CA SER A 578 5.38 48.34 7.32
C SER A 578 5.82 49.65 8.00
N ASN A 579 7.11 49.76 8.31
CA ASN A 579 7.66 50.95 8.96
C ASN A 579 6.83 51.41 10.12
N GLN A 580 6.79 50.54 11.11
CA GLN A 580 6.01 50.76 12.32
C GLN A 580 6.28 52.11 12.97
N THR A 581 7.46 52.64 12.69
CA THR A 581 7.88 53.91 13.26
C THR A 581 6.95 55.05 13.01
N ASN A 582 6.50 55.13 11.76
CA ASN A 582 5.60 56.18 11.30
C ASN A 582 4.20 55.68 10.97
N ASP A 583 4.03 54.36 10.92
CA ASP A 583 2.74 53.71 10.63
C ASP A 583 2.33 54.03 9.17
N THR A 584 3.20 53.72 8.20
CA THR A 584 2.95 53.96 6.78
C THR A 584 3.40 52.77 5.94
N VAL A 585 2.67 52.45 4.87
CA VAL A 585 3.01 51.32 4.02
C VAL A 585 4.02 51.50 2.85
N THR A 586 5.31 51.53 3.16
CA THR A 586 6.32 51.67 2.11
C THR A 586 6.21 50.46 1.16
N ALA A 587 5.90 50.69 -0.11
CA ALA A 587 5.76 49.60 -1.08
C ALA A 587 7.09 49.00 -1.53
N ARG A 588 7.11 48.46 -2.74
CA ARG A 588 8.32 47.89 -3.29
C ARG A 588 8.14 47.60 -4.77
N GLY A 589 6.88 47.64 -5.20
CA GLY A 589 6.47 47.09 -6.48
C GLY A 589 6.74 45.61 -6.85
N LYS A 590 6.86 45.35 -8.14
CA LYS A 590 7.09 44.01 -8.64
C LYS A 590 8.47 43.52 -8.27
N THR A 591 8.61 42.20 -8.16
CA THR A 591 9.88 41.56 -7.87
C THR A 591 9.87 40.18 -8.48
N ARG A 592 11.05 39.65 -8.76
CA ARG A 592 11.18 38.33 -9.35
C ARG A 592 12.20 37.53 -8.56
N HIS A 593 11.73 36.40 -8.05
CA HIS A 593 12.55 35.53 -7.23
C HIS A 593 12.91 34.26 -7.98
N THR A 594 14.20 34.09 -8.21
CA THR A 594 14.74 32.94 -8.92
C THR A 594 15.90 32.31 -8.18
N GLY A 595 16.07 31.01 -8.37
CA GLY A 595 17.14 30.31 -7.69
C GLY A 595 17.11 28.80 -7.79
N LEU A 596 18.06 28.17 -7.08
CA LEU A 596 18.20 26.73 -7.05
C LEU A 596 18.31 26.25 -5.59
N GLU A 597 17.60 25.17 -5.27
CA GLU A 597 17.59 24.61 -3.92
C GLU A 597 18.06 23.17 -3.97
N THR A 598 19.08 22.84 -3.18
CA THR A 598 19.58 21.48 -3.18
C THR A 598 20.10 21.04 -1.82
N GLN A 599 20.15 19.73 -1.62
CA GLN A 599 20.66 19.11 -0.39
C GLN A 599 20.88 17.61 -0.60
N ALA A 600 21.74 17.01 0.22
CA ALA A 600 22.00 15.59 0.08
C ALA A 600 22.58 14.96 1.35
N ARG A 601 22.39 13.65 1.45
CA ARG A 601 22.88 12.90 2.59
C ARG A 601 23.48 11.62 2.03
N TYR A 602 24.48 11.08 2.71
CA TYR A 602 25.12 9.88 2.24
C TYR A 602 25.61 9.01 3.40
N ASP A 603 25.70 7.72 3.14
CA ASP A 603 26.15 6.72 4.11
C ASP A 603 27.62 6.41 3.80
N LEU A 604 28.56 7.14 4.40
CA LEU A 604 29.97 6.92 4.09
C LEU A 604 30.46 5.54 4.56
N GLY A 605 29.51 4.69 4.93
CA GLY A 605 29.84 3.33 5.33
C GLY A 605 29.84 2.31 4.18
N THR A 606 29.07 2.66 3.15
CA THR A 606 28.95 1.80 1.98
C THR A 606 30.12 1.97 1.04
N LEU A 607 31.24 2.49 1.54
CA LEU A 607 32.45 2.67 0.74
C LEU A 607 33.58 1.89 1.43
N THR A 608 33.44 1.78 2.74
CA THR A 608 34.44 1.11 3.56
C THR A 608 33.88 0.85 4.94
N PRO A 609 34.26 -0.29 5.53
CA PRO A 609 33.72 -0.55 6.87
C PRO A 609 34.18 0.52 7.86
N THR A 610 35.46 0.91 7.75
CA THR A 610 36.09 1.92 8.61
C THR A 610 35.20 3.13 8.92
N LEU A 611 34.29 3.45 7.99
CA LEU A 611 33.37 4.58 8.16
C LEU A 611 31.96 4.04 8.40
N ASP A 612 31.85 2.81 8.88
CA ASP A 612 30.55 2.23 9.13
C ASP A 612 29.87 3.03 10.22
N ASN A 613 28.63 3.43 9.93
CA ASN A 613 27.79 4.23 10.81
C ASN A 613 28.31 5.67 10.92
N VAL A 614 28.66 6.22 9.76
CA VAL A 614 29.15 7.59 9.59
C VAL A 614 28.26 8.08 8.46
N SER A 615 27.85 9.33 8.52
CA SER A 615 26.98 9.85 7.48
C SER A 615 27.31 11.35 7.31
N ILE A 616 27.44 11.80 6.05
CA ILE A 616 27.73 13.20 5.80
C ILE A 616 26.57 13.82 5.04
N TYR A 617 26.23 15.06 5.39
CA TYR A 617 25.12 15.74 4.73
C TYR A 617 25.40 17.20 4.44
N ALA A 618 24.68 17.72 3.46
CA ALA A 618 24.82 19.11 3.06
C ALA A 618 23.64 19.57 2.22
N SER A 619 23.31 20.84 2.37
CA SER A 619 22.20 21.44 1.66
C SER A 619 22.76 22.75 1.17
N TYR A 620 22.17 23.29 0.11
CA TYR A 620 22.63 24.55 -0.44
C TYR A 620 21.47 25.19 -1.21
N ALA A 621 21.52 26.50 -1.33
CA ALA A 621 20.50 27.24 -2.05
C ALA A 621 21.00 28.60 -2.51
N TYR A 622 20.89 28.83 -3.82
CA TYR A 622 21.26 30.10 -4.42
C TYR A 622 19.96 30.83 -4.70
N VAL A 623 19.82 32.04 -4.18
CA VAL A 623 18.58 32.79 -4.40
C VAL A 623 18.82 34.20 -4.90
N ASN A 624 18.15 34.51 -6.02
CA ASN A 624 18.26 35.83 -6.63
C ASN A 624 16.89 36.49 -6.52
N ALA A 625 16.79 37.41 -5.55
CA ALA A 625 15.57 38.15 -5.32
C ALA A 625 15.84 39.57 -5.76
N GLU A 626 15.06 40.07 -6.72
CA GLU A 626 15.31 41.42 -7.18
C GLU A 626 14.08 42.25 -7.43
N ILE A 627 14.25 43.56 -7.36
CA ILE A 627 13.16 44.48 -7.59
C ILE A 627 13.05 44.71 -9.10
N ARG A 628 11.82 44.66 -9.60
CA ARG A 628 11.55 44.87 -11.02
C ARG A 628 10.68 46.08 -11.29
N GLU A 629 10.03 46.61 -10.25
CA GLU A 629 9.13 47.76 -10.45
C GLU A 629 9.74 48.99 -11.17
N LYS A 630 9.05 50.13 -11.05
CA LYS A 630 9.36 51.42 -11.69
C LYS A 630 10.73 52.17 -11.65
N GLY A 631 10.90 53.04 -10.65
CA GLY A 631 12.06 53.91 -10.52
C GLY A 631 13.39 53.60 -9.87
N ASP A 632 13.85 54.59 -9.10
CA ASP A 632 15.13 54.58 -8.44
C ASP A 632 15.70 53.22 -8.02
N THR A 633 14.85 52.36 -7.46
CA THR A 633 15.24 51.01 -6.96
C THR A 633 15.39 49.81 -7.92
N TYR A 634 14.78 49.90 -9.10
CA TYR A 634 14.84 48.82 -10.08
C TYR A 634 16.20 48.10 -10.19
N GLY A 635 16.16 46.78 -10.18
CA GLY A 635 17.39 46.02 -10.32
C GLY A 635 18.10 45.68 -9.03
N ASN A 636 17.48 46.00 -7.91
CA ASN A 636 18.06 45.75 -6.60
C ASN A 636 17.63 44.46 -5.89
N LEU A 637 18.58 43.87 -5.15
CA LEU A 637 18.34 42.65 -4.37
C LEU A 637 17.36 42.98 -3.28
N VAL A 638 16.38 42.12 -3.06
CA VAL A 638 15.41 42.37 -2.02
C VAL A 638 16.11 42.30 -0.67
N PRO A 639 15.62 43.06 0.32
CA PRO A 639 16.21 43.07 1.66
C PRO A 639 16.16 41.73 2.37
N PHE A 640 17.24 41.42 3.07
CA PHE A 640 17.33 40.21 3.86
C PHE A 640 17.15 38.96 3.01
N SER A 641 17.96 38.84 1.98
CA SER A 641 17.88 37.71 1.09
C SER A 641 19.24 37.23 0.72
N PRO A 642 19.92 36.56 1.62
CA PRO A 642 21.24 36.12 1.20
C PRO A 642 21.06 35.36 -0.09
N LYS A 643 22.00 35.53 -0.99
CA LYS A 643 22.00 34.85 -2.28
C LYS A 643 22.45 33.42 -2.01
N HIS A 644 23.32 33.27 -1.02
CA HIS A 644 23.89 31.99 -0.66
C HIS A 644 23.61 31.58 0.78
N LYS A 645 22.95 30.43 0.94
CA LYS A 645 22.62 29.91 2.26
C LYS A 645 22.44 28.39 2.28
N GLY A 646 23.27 27.73 3.08
CA GLY A 646 23.21 26.28 3.19
C GLY A 646 23.90 25.73 4.42
N THR A 647 23.94 24.42 4.51
CA THR A 647 24.57 23.79 5.65
C THR A 647 25.30 22.51 5.27
N LEU A 648 26.13 22.03 6.18
CA LEU A 648 26.91 20.84 5.93
C LEU A 648 27.37 20.27 7.26
N GLY A 649 27.33 18.95 7.36
CA GLY A 649 27.75 18.27 8.58
C GLY A 649 27.84 16.76 8.44
N VAL A 650 28.16 16.10 9.55
CA VAL A 650 28.31 14.65 9.56
C VAL A 650 27.75 14.02 10.83
N ASP A 651 27.26 12.79 10.71
CA ASP A 651 26.67 12.08 11.83
C ASP A 651 27.27 10.68 11.98
N TYR A 652 27.82 10.41 13.15
CA TYR A 652 28.44 9.11 13.45
C TYR A 652 27.69 8.43 14.59
N LYS A 653 27.35 7.16 14.41
CA LYS A 653 26.60 6.42 15.47
C LYS A 653 27.18 5.08 15.97
N PRO A 654 28.32 5.12 16.66
CA PRO A 654 28.91 3.89 17.16
C PRO A 654 28.13 3.41 18.38
N GLY A 655 27.47 2.29 18.21
CA GLY A 655 26.66 1.74 19.27
C GLY A 655 25.62 2.78 19.60
N ASN A 656 25.36 2.98 20.90
CA ASN A 656 24.37 3.93 21.36
C ASN A 656 24.83 5.38 21.40
N TRP A 657 26.07 5.63 20.97
CA TRP A 657 26.60 7.00 20.97
C TRP A 657 26.12 7.77 19.75
N THR A 658 26.18 9.11 19.84
CA THR A 658 25.79 9.97 18.74
C THR A 658 26.71 11.18 18.72
N PHE A 659 27.45 11.31 17.63
CA PHE A 659 28.39 12.41 17.45
C PHE A 659 27.96 13.28 16.25
N ASN A 660 27.61 14.53 16.54
CA ASN A 660 27.15 15.46 15.50
C ASN A 660 28.09 16.62 15.24
N LEU A 661 28.44 16.79 13.97
CA LEU A 661 29.30 17.89 13.55
C LEU A 661 28.50 18.59 12.46
N ASN A 662 28.47 19.92 12.51
CA ASN A 662 27.71 20.66 11.52
C ASN A 662 28.19 22.10 11.40
N SER A 663 27.89 22.69 10.25
CA SER A 663 28.25 24.08 9.99
C SER A 663 27.11 24.78 9.25
N ASP A 664 26.92 26.06 9.56
CA ASP A 664 25.90 26.90 8.94
C ASP A 664 26.70 27.97 8.20
N PHE A 665 26.09 28.61 7.19
CA PHE A 665 26.82 29.63 6.46
C PHE A 665 25.92 30.41 5.53
N GLN A 666 26.20 31.70 5.39
CA GLN A 666 25.39 32.52 4.52
C GLN A 666 26.13 33.75 4.05
N SER A 667 25.74 34.22 2.86
CA SER A 667 26.34 35.38 2.25
C SER A 667 25.95 36.65 3.00
N SER A 668 26.04 37.78 2.31
CA SER A 668 25.71 39.08 2.87
C SER A 668 24.32 39.51 2.38
N GLN A 669 23.73 40.50 3.06
CA GLN A 669 22.40 40.98 2.67
C GLN A 669 22.13 42.45 3.03
N PHE A 670 21.17 43.04 2.33
CA PHE A 670 20.81 44.44 2.55
C PHE A 670 19.58 44.59 3.40
N ALA A 671 19.47 45.73 4.06
CA ALA A 671 18.34 45.97 4.93
C ALA A 671 17.20 46.75 4.27
N ASP A 672 17.56 47.66 3.38
CA ASP A 672 16.58 48.53 2.73
C ASP A 672 16.44 48.29 1.26
N ASN A 673 15.31 48.74 0.71
CA ASN A 673 15.06 48.58 -0.71
C ASN A 673 16.01 49.50 -1.49
N ALA A 674 16.68 50.39 -0.77
CA ALA A 674 17.62 51.33 -1.38
C ALA A 674 18.90 50.60 -1.78
N ASN A 675 19.31 49.69 -0.91
CA ASN A 675 20.51 48.87 -1.06
C ASN A 675 21.73 49.58 -0.50
N THR A 676 21.46 50.54 0.39
CA THR A 676 22.48 51.32 1.06
C THR A 676 23.56 50.39 1.58
N VAL A 677 24.83 50.74 1.35
CA VAL A 677 25.94 49.88 1.79
C VAL A 677 26.66 50.32 3.06
N LYS A 678 26.39 51.54 3.50
CA LYS A 678 27.06 52.05 4.69
C LYS A 678 26.14 52.08 5.90
N GLU A 679 26.61 51.50 7.00
CA GLU A 679 25.88 51.44 8.26
C GLU A 679 25.35 52.84 8.59
N SER A 680 24.08 52.91 9.00
CA SER A 680 23.43 54.20 9.25
C SER A 680 23.71 54.99 10.51
N ALA A 681 24.32 54.36 11.52
CA ALA A 681 24.64 55.02 12.78
C ALA A 681 23.68 54.69 13.90
N ASP A 682 22.44 54.37 13.54
CA ASP A 682 21.47 53.94 14.55
C ASP A 682 21.63 52.42 14.48
N GLY A 683 22.15 51.99 13.34
CA GLY A 683 22.40 50.57 13.13
C GLY A 683 21.43 49.80 12.27
N SER A 684 20.38 50.50 11.83
CA SER A 684 19.32 49.92 11.02
C SER A 684 19.71 49.65 9.58
N THR A 685 20.02 50.72 8.86
CA THR A 685 20.41 50.65 7.46
C THR A 685 21.81 50.10 7.35
N GLY A 686 22.08 49.29 6.34
CA GLY A 686 23.43 48.82 6.24
C GLY A 686 23.63 47.41 5.76
N ARG A 687 24.63 47.24 4.91
CA ARG A 687 24.94 45.92 4.40
C ARG A 687 25.14 44.99 5.61
N ILE A 688 24.93 43.70 5.40
CA ILE A 688 25.09 42.75 6.49
C ILE A 688 25.99 41.59 6.12
N PRO A 689 27.01 41.35 6.98
CA PRO A 689 27.99 40.29 6.84
C PRO A 689 27.40 38.92 6.54
N GLY A 690 28.23 38.06 6.00
CA GLY A 690 27.79 36.70 5.74
C GLY A 690 28.49 36.01 6.88
N PHE A 691 28.51 34.69 6.89
CA PHE A 691 29.21 34.00 7.96
C PHE A 691 29.04 32.51 7.80
N MET A 692 29.87 31.79 8.53
CA MET A 692 29.87 30.34 8.56
C MET A 692 30.11 30.02 10.02
N LEU A 693 29.30 29.12 10.57
CA LEU A 693 29.43 28.76 11.98
C LEU A 693 29.60 27.27 12.12
N TRP A 694 30.27 26.85 13.20
CA TRP A 694 30.48 25.43 13.43
C TRP A 694 29.88 24.97 14.76
N GLY A 695 29.20 23.83 14.71
CA GLY A 695 28.58 23.27 15.91
C GLY A 695 28.78 21.77 16.01
N ALA A 696 28.81 21.26 17.24
CA ALA A 696 28.98 19.83 17.45
C ALA A 696 28.14 19.39 18.63
N ARG A 697 28.10 18.09 18.88
CA ARG A 697 27.34 17.57 20.00
C ARG A 697 27.62 16.10 20.21
N VAL A 698 27.51 15.66 21.47
CA VAL A 698 27.73 14.27 21.83
C VAL A 698 26.62 13.71 22.73
N ALA A 699 25.95 12.67 22.24
CA ALA A 699 24.84 12.06 22.97
C ALA A 699 24.93 10.56 23.12
N TYR A 700 24.33 10.07 24.21
CA TYR A 700 24.30 8.63 24.50
C TYR A 700 22.88 8.20 24.87
N ASP A 701 22.50 7.01 24.42
CA ASP A 701 21.16 6.47 24.71
C ASP A 701 21.20 5.34 25.75
N PHE A 702 21.36 5.73 27.01
CA PHE A 702 21.46 4.77 28.13
C PHE A 702 20.48 3.63 28.06
N GLY A 703 20.98 2.49 27.59
CA GLY A 703 20.15 1.31 27.45
C GLY A 703 18.87 1.69 26.72
N PRO A 704 18.78 1.49 25.39
CA PRO A 704 17.55 1.85 24.68
C PRO A 704 16.34 1.31 25.45
N GLN A 705 16.62 0.40 26.39
CA GLN A 705 15.62 -0.20 27.25
C GLN A 705 15.73 0.65 28.49
N MET A 706 15.78 0.06 29.69
CA MET A 706 15.82 0.89 30.90
C MET A 706 14.63 1.87 30.70
N ALA A 707 14.77 3.13 31.09
CA ALA A 707 14.05 4.29 30.56
C ALA A 707 14.28 5.19 29.35
N ASP A 708 14.81 4.60 28.29
CA ASP A 708 15.11 5.36 27.08
C ASP A 708 15.71 6.71 27.46
N LEU A 709 16.33 6.75 28.63
CA LEU A 709 16.92 7.98 29.14
C LEU A 709 18.08 8.40 28.27
N ASN A 710 17.99 9.61 27.71
CA ASN A 710 19.06 10.15 26.90
C ASN A 710 19.62 11.39 27.54
N LEU A 711 20.91 11.62 27.29
CA LEU A 711 21.67 12.77 27.79
C LEU A 711 22.56 13.22 26.64
N ALA A 712 22.99 14.47 26.66
CA ALA A 712 23.86 14.95 25.59
C ALA A 712 24.33 16.36 25.85
N PHE A 713 25.60 16.60 25.57
CA PHE A 713 26.17 17.92 25.76
C PHE A 713 26.60 18.43 24.40
N GLY A 714 26.28 19.68 24.12
CA GLY A 714 26.63 20.20 22.82
C GLY A 714 26.97 21.66 22.85
N VAL A 715 27.80 22.05 21.89
CA VAL A 715 28.22 23.43 21.79
C VAL A 715 27.70 24.02 20.50
N LYS A 716 27.25 25.26 20.57
CA LYS A 716 26.73 25.98 19.42
C LYS A 716 27.73 27.06 19.09
N ASN A 717 28.17 27.10 17.83
CA ASN A 717 29.13 28.12 17.40
C ASN A 717 30.44 28.00 18.15
N ILE A 718 31.01 26.80 18.08
CA ILE A 718 32.28 26.46 18.73
C ILE A 718 33.34 27.52 18.61
N PHE A 719 33.45 28.13 17.45
CA PHE A 719 34.49 29.13 17.23
C PHE A 719 34.18 30.54 17.75
N ASP A 720 32.97 30.70 18.26
CA ASP A 720 32.48 31.96 18.78
C ASP A 720 32.96 33.03 17.82
N GLN A 721 32.58 32.84 16.57
CA GLN A 721 32.86 33.78 15.52
C GLN A 721 31.81 34.88 15.75
N ASP A 722 32.03 36.09 15.25
CA ASP A 722 31.07 37.21 15.45
C ASP A 722 30.19 37.56 14.22
N TYR A 723 28.92 37.85 14.47
CA TYR A 723 28.01 38.25 13.39
C TYR A 723 26.81 38.99 13.99
N PHE A 724 25.95 39.52 13.13
CA PHE A 724 24.78 40.25 13.62
C PHE A 724 23.76 40.41 12.52
N ILE A 725 22.55 40.81 12.88
CA ILE A 725 21.48 41.03 11.91
C ILE A 725 20.81 42.35 12.23
N ARG A 726 20.31 43.04 11.22
CA ARG A 726 19.69 44.34 11.43
C ARG A 726 18.18 44.27 11.35
N SER A 727 17.52 45.21 12.00
CA SER A 727 16.07 45.32 11.92
C SER A 727 15.98 46.71 11.37
N TYR A 728 15.29 46.88 10.25
CA TYR A 728 15.20 48.20 9.64
C TYR A 728 13.97 49.05 9.92
N ASP A 729 12.77 48.47 9.79
CA ASP A 729 11.52 49.22 9.98
C ASP A 729 10.84 49.16 11.33
N ASP A 730 11.27 48.25 12.19
CA ASP A 730 10.67 48.14 13.51
C ASP A 730 11.08 49.28 14.43
N ASN A 731 10.20 49.65 15.36
CA ASN A 731 10.47 50.73 16.31
C ASN A 731 11.75 50.51 17.09
N ASN A 732 12.23 49.28 17.11
CA ASN A 732 13.45 48.96 17.85
C ASN A 732 14.62 48.60 16.91
N LYS A 733 14.55 49.17 15.71
CA LYS A 733 15.56 48.92 14.68
C LYS A 733 16.96 49.10 15.23
N GLY A 734 17.88 48.30 14.74
CA GLY A 734 19.23 48.38 15.25
C GLY A 734 19.99 47.10 14.97
N ILE A 735 21.15 47.01 15.61
CA ILE A 735 22.03 45.87 15.46
C ILE A 735 21.69 44.85 16.52
N TYR A 736 21.41 43.62 16.09
CA TYR A 736 21.09 42.52 17.00
C TYR A 736 22.27 41.55 17.06
N ALA A 737 23.03 41.62 18.15
CA ALA A 737 24.18 40.76 18.34
C ALA A 737 23.85 39.31 17.99
N GLY A 738 24.69 38.67 17.19
CA GLY A 738 24.46 37.29 16.80
C GLY A 738 24.85 36.29 17.85
N GLN A 739 24.21 35.13 17.84
CA GLN A 739 24.49 34.11 18.84
C GLN A 739 25.95 33.72 18.95
N PRO A 740 26.54 33.89 20.14
CA PRO A 740 27.95 33.54 20.36
C PRO A 740 28.02 32.10 20.87
N ARG A 741 29.24 31.55 20.90
CA ARG A 741 29.45 30.18 21.36
C ARG A 741 28.49 29.89 22.50
N THR A 742 27.72 28.82 22.34
CA THR A 742 26.75 28.47 23.36
C THR A 742 26.90 27.00 23.79
N LEU A 743 26.98 26.75 25.10
CA LEU A 743 27.09 25.38 25.60
C LEU A 743 25.72 24.99 26.06
N TYR A 744 25.23 23.85 25.61
CA TYR A 744 23.90 23.40 25.99
C TYR A 744 23.86 21.92 26.34
N MET A 745 22.78 21.50 26.99
CA MET A 745 22.59 20.12 27.40
C MET A 745 21.16 19.70 27.14
N GLN A 746 20.96 18.43 26.80
CA GLN A 746 19.63 17.91 26.53
C GLN A 746 19.41 16.68 27.35
N GLY A 747 18.15 16.41 27.69
CA GLY A 747 17.84 15.25 28.49
C GLY A 747 16.49 14.68 28.18
N SER A 748 16.44 13.43 27.75
CA SER A 748 15.18 12.79 27.43
C SER A 748 14.90 11.60 28.32
N LEU A 749 13.63 11.45 28.65
CA LEU A 749 13.19 10.36 29.49
C LEU A 749 11.88 9.86 28.92
N LYS A 750 11.76 8.55 28.74
CA LYS A 750 10.55 7.95 28.20
C LYS A 750 10.09 6.78 29.05
N PHE A 751 8.78 6.60 29.14
CA PHE A 751 8.17 5.52 29.89
C PHE A 751 7.10 4.85 29.03
N VAL B 107 8.89 -35.84 -1.49
CA VAL B 107 8.07 -34.63 -1.13
C VAL B 107 8.65 -33.96 0.10
N PHE B 108 9.66 -34.58 0.69
CA PHE B 108 10.32 -34.00 1.86
C PHE B 108 11.51 -33.20 1.33
N GLU B 109 12.10 -33.71 0.26
CA GLU B 109 13.25 -33.09 -0.37
C GLU B 109 12.78 -32.14 -1.46
N HIS B 110 11.62 -31.55 -1.26
CA HIS B 110 11.07 -30.62 -2.23
C HIS B 110 11.25 -29.17 -1.85
N ALA B 111 12.14 -28.49 -2.54
CA ALA B 111 12.37 -27.08 -2.24
C ALA B 111 11.08 -26.32 -2.52
N GLY B 112 10.23 -26.16 -1.53
CA GLY B 112 8.99 -25.45 -1.79
C GLY B 112 7.72 -26.17 -1.33
N ALA B 113 6.59 -25.47 -1.44
CA ALA B 113 5.29 -26.00 -1.04
C ALA B 113 4.74 -27.06 -1.97
N ARG B 114 4.59 -28.28 -1.43
CA ARG B 114 4.08 -29.39 -2.21
C ARG B 114 3.43 -30.37 -1.27
N ASP B 115 2.32 -30.94 -1.72
CA ASP B 115 1.55 -31.92 -0.96
C ASP B 115 1.04 -33.02 -1.88
N VAL B 116 1.03 -34.24 -1.39
CA VAL B 116 0.58 -35.38 -2.18
C VAL B 116 -0.39 -36.23 -1.38
N ILE B 117 -1.45 -36.67 -2.05
CA ILE B 117 -2.44 -37.50 -1.40
C ILE B 117 -2.53 -38.79 -2.19
N ARG B 118 -2.15 -39.90 -1.54
CA ARG B 118 -2.18 -41.20 -2.20
C ARG B 118 -3.57 -41.82 -2.13
N ARG B 119 -3.85 -42.73 -3.05
CA ARG B 119 -5.15 -43.40 -3.13
C ARG B 119 -5.72 -43.83 -1.80
N GLU B 120 -4.95 -44.59 -1.04
CA GLU B 120 -5.37 -45.07 0.25
C GLU B 120 -6.14 -44.04 1.09
N ASP B 121 -5.53 -42.88 1.32
CA ASP B 121 -6.19 -41.84 2.12
C ASP B 121 -7.33 -41.11 1.42
N PHE B 122 -7.82 -41.64 0.30
CA PHE B 122 -8.92 -40.99 -0.41
C PHE B 122 -10.28 -41.17 0.26
N ALA B 123 -10.67 -42.42 0.46
CA ALA B 123 -11.95 -42.74 1.06
C ALA B 123 -12.08 -42.24 2.49
N LYS B 124 -10.97 -41.86 3.09
CA LYS B 124 -11.02 -41.35 4.45
C LYS B 124 -12.28 -40.50 4.72
N THR B 125 -12.64 -39.63 3.76
CA THR B 125 -13.79 -38.74 3.91
C THR B 125 -14.92 -38.99 2.94
N GLY B 126 -14.89 -40.15 2.30
CA GLY B 126 -15.95 -40.46 1.34
C GLY B 126 -15.71 -39.71 0.06
N ALA B 127 -14.52 -39.13 -0.05
CA ALA B 127 -14.12 -38.39 -1.23
C ALA B 127 -14.20 -39.34 -2.41
N THR B 128 -14.86 -38.88 -3.45
CA THR B 128 -15.03 -39.69 -4.61
C THR B 128 -14.63 -38.94 -5.88
N THR B 129 -14.33 -37.65 -5.74
CA THR B 129 -13.92 -36.84 -6.89
C THR B 129 -12.81 -35.86 -6.55
N MET B 130 -11.96 -35.62 -7.55
CA MET B 130 -10.82 -34.72 -7.44
C MET B 130 -11.03 -33.57 -6.47
N ARG B 131 -12.18 -32.91 -6.59
CA ARG B 131 -12.48 -31.77 -5.73
C ARG B 131 -12.41 -32.11 -4.25
N GLU B 132 -13.05 -33.20 -3.88
CA GLU B 132 -13.11 -33.63 -2.50
C GLU B 132 -11.75 -33.94 -1.88
N VAL B 133 -10.82 -34.45 -2.67
CA VAL B 133 -9.48 -34.78 -2.16
C VAL B 133 -8.60 -33.52 -2.12
N LEU B 134 -8.80 -32.63 -3.09
CA LEU B 134 -8.03 -31.40 -3.23
C LEU B 134 -8.39 -30.35 -2.23
N ASN B 135 -9.66 -30.27 -1.87
CA ASN B 135 -10.09 -29.27 -0.92
C ASN B 135 -9.58 -29.60 0.47
N ARG B 136 -8.91 -30.74 0.61
CA ARG B 136 -8.38 -31.13 1.91
C ARG B 136 -6.98 -30.56 2.01
N ILE B 137 -6.39 -30.23 0.87
CA ILE B 137 -5.06 -29.67 0.83
C ILE B 137 -5.08 -28.24 1.38
N PRO B 138 -4.10 -27.90 2.22
CA PRO B 138 -3.98 -26.56 2.81
C PRO B 138 -3.68 -25.49 1.78
N GLY B 139 -4.39 -24.36 1.86
CA GLY B 139 -4.18 -23.27 0.92
C GLY B 139 -4.71 -23.58 -0.47
N VAL B 140 -5.61 -24.55 -0.51
CA VAL B 140 -6.22 -24.97 -1.76
C VAL B 140 -7.73 -25.06 -1.60
N SER B 141 -8.42 -24.23 -2.36
CA SER B 141 -9.87 -24.23 -2.37
C SER B 141 -10.42 -24.84 -3.67
N ALA B 142 -11.37 -25.76 -3.55
CA ALA B 142 -11.93 -26.40 -4.74
C ALA B 142 -13.42 -26.33 -4.56
N PRO B 143 -14.01 -25.21 -4.93
CA PRO B 143 -15.45 -25.16 -4.73
C PRO B 143 -16.32 -26.32 -5.32
N GLU B 144 -17.49 -26.49 -4.69
CA GLU B 144 -18.50 -27.47 -5.09
C GLU B 144 -19.12 -26.93 -6.36
N ASN B 145 -19.37 -27.81 -7.30
CA ASN B 145 -19.95 -27.46 -8.59
C ASN B 145 -20.78 -26.17 -8.52
N ASN B 146 -20.38 -25.20 -9.33
CA ASN B 146 -21.07 -23.95 -9.43
C ASN B 146 -20.72 -23.45 -10.82
N GLY B 147 -21.37 -22.37 -11.21
CA GLY B 147 -21.12 -21.76 -12.51
C GLY B 147 -21.07 -22.60 -13.78
N THR B 148 -20.19 -22.22 -14.71
CA THR B 148 -20.06 -23.00 -15.92
C THR B 148 -19.63 -24.39 -15.49
N GLY B 149 -18.81 -24.44 -14.45
CA GLY B 149 -18.38 -25.73 -13.96
C GLY B 149 -19.42 -26.26 -12.99
N SER B 150 -20.69 -26.09 -13.32
CA SER B 150 -21.72 -26.59 -12.44
C SER B 150 -22.02 -28.04 -12.77
N HIS B 151 -20.99 -28.87 -12.78
CA HIS B 151 -21.18 -30.27 -13.06
C HIS B 151 -19.92 -31.10 -12.84
N ASP B 152 -20.15 -32.35 -12.48
CA ASP B 152 -19.08 -33.29 -12.20
C ASP B 152 -18.04 -33.45 -13.31
N LEU B 153 -18.26 -32.85 -14.49
CA LEU B 153 -17.30 -33.00 -15.58
C LEU B 153 -16.19 -31.96 -15.55
N ALA B 154 -16.48 -30.86 -14.89
CA ALA B 154 -15.51 -29.80 -14.76
C ALA B 154 -14.74 -29.99 -13.48
N MET B 155 -13.58 -29.33 -13.40
CA MET B 155 -12.78 -29.38 -12.20
C MET B 155 -12.59 -27.96 -11.70
N ASN B 156 -12.92 -27.70 -10.45
CA ASN B 156 -12.77 -26.37 -9.90
C ASN B 156 -11.79 -26.35 -8.74
N PHE B 157 -10.57 -25.89 -9.02
CA PHE B 157 -9.48 -25.86 -8.05
C PHE B 157 -8.62 -24.60 -8.09
N GLY B 158 -8.55 -23.90 -6.96
CA GLY B 158 -7.76 -22.67 -6.86
C GLY B 158 -6.87 -22.65 -5.63
N ILE B 159 -5.76 -21.91 -5.68
CA ILE B 159 -4.85 -21.82 -4.53
C ILE B 159 -4.42 -20.40 -4.23
N ARG B 160 -4.07 -20.18 -2.99
CA ARG B 160 -3.57 -18.90 -2.56
C ARG B 160 -4.37 -17.70 -3.00
N GLY B 161 -5.69 -17.81 -2.84
CA GLY B 161 -6.56 -16.70 -3.17
C GLY B 161 -6.87 -16.56 -4.64
N LEU B 162 -6.40 -17.50 -5.43
CA LEU B 162 -6.68 -17.41 -6.83
C LEU B 162 -8.08 -17.91 -7.15
N ASN B 163 -8.77 -17.17 -8.02
CA ASN B 163 -10.11 -17.57 -8.43
C ASN B 163 -10.06 -18.98 -8.98
N PRO B 164 -10.69 -19.92 -8.27
CA PRO B 164 -10.76 -21.34 -8.62
C PRO B 164 -11.64 -21.74 -9.79
N ARG B 165 -12.60 -20.89 -10.17
CA ARG B 165 -13.47 -21.22 -11.30
C ARG B 165 -12.69 -21.96 -12.37
N LEU B 166 -13.21 -23.08 -12.83
CA LEU B 166 -12.55 -23.87 -13.87
C LEU B 166 -11.04 -24.13 -13.86
N ALA B 167 -10.41 -24.19 -12.69
CA ALA B 167 -9.01 -24.46 -12.57
C ALA B 167 -8.05 -23.67 -13.53
N SER B 168 -8.44 -22.45 -13.86
CA SER B 168 -7.68 -21.69 -14.82
C SER B 168 -6.23 -21.30 -14.47
N ARG B 169 -5.75 -21.12 -13.23
CA ARG B 169 -4.31 -20.76 -13.17
C ARG B 169 -3.38 -21.84 -12.66
N SER B 170 -3.72 -23.06 -13.05
CA SER B 170 -2.96 -24.21 -12.62
C SER B 170 -2.44 -25.06 -13.77
N THR B 171 -1.34 -25.73 -13.49
CA THR B 171 -0.74 -26.64 -14.46
C THR B 171 -1.17 -28.03 -14.04
N VAL B 172 -2.33 -28.45 -14.53
CA VAL B 172 -2.85 -29.77 -14.19
C VAL B 172 -2.56 -30.82 -15.26
N LEU B 173 -1.89 -31.88 -14.84
CA LEU B 173 -1.52 -32.94 -15.77
C LEU B 173 -1.88 -34.31 -15.29
N MET B 174 -1.73 -35.28 -16.18
CA MET B 174 -1.99 -36.66 -15.87
C MET B 174 -0.82 -37.44 -16.41
N ASP B 175 0.00 -37.96 -15.50
CA ASP B 175 1.21 -38.69 -15.89
C ASP B 175 2.04 -37.77 -16.76
N GLY B 176 1.94 -36.47 -16.48
CA GLY B 176 2.68 -35.48 -17.23
C GLY B 176 1.88 -34.86 -18.36
N ILE B 177 0.86 -35.57 -18.83
CA ILE B 177 0.05 -35.06 -19.92
C ILE B 177 -0.85 -33.92 -19.53
N PRO B 178 -0.83 -32.86 -20.33
CA PRO B 178 -1.65 -31.69 -20.05
C PRO B 178 -3.09 -32.15 -20.10
N VAL B 179 -3.81 -31.99 -19.00
CA VAL B 179 -5.20 -32.39 -18.97
C VAL B 179 -6.14 -31.49 -19.81
N PRO B 180 -5.85 -30.17 -19.87
CA PRO B 180 -6.67 -29.21 -20.63
C PRO B 180 -6.68 -29.50 -22.14
N PHE B 181 -7.69 -29.00 -22.82
CA PHE B 181 -7.82 -29.23 -24.26
C PHE B 181 -7.27 -28.05 -25.04
N ALA B 182 -6.56 -27.19 -24.32
CA ALA B 182 -5.93 -25.98 -24.84
C ALA B 182 -5.01 -25.42 -23.77
N PRO B 183 -3.98 -26.20 -23.39
CA PRO B 183 -3.15 -25.67 -22.23
C PRO B 183 -2.77 -24.21 -22.35
N TYR B 184 -2.73 -23.68 -23.57
CA TYR B 184 -2.37 -22.28 -23.72
C TYR B 184 -3.54 -21.39 -24.10
N GLY B 185 -4.40 -21.86 -25.01
CA GLY B 185 -5.51 -21.04 -25.47
C GLY B 185 -6.72 -21.00 -24.57
N GLN B 186 -7.02 -22.13 -23.91
CA GLN B 186 -8.12 -22.21 -22.98
C GLN B 186 -7.65 -22.97 -21.75
N PRO B 187 -7.07 -22.28 -20.76
CA PRO B 187 -6.70 -23.16 -19.67
C PRO B 187 -7.95 -23.73 -18.92
N GLN B 188 -9.12 -23.08 -19.04
CA GLN B 188 -10.33 -23.56 -18.34
C GLN B 188 -10.56 -25.07 -18.52
N LEU B 189 -11.03 -25.74 -17.48
CA LEU B 189 -11.26 -27.17 -17.54
C LEU B 189 -12.73 -27.48 -17.51
N SER B 190 -13.55 -26.70 -18.20
CA SER B 190 -14.97 -27.04 -18.17
C SER B 190 -15.22 -28.50 -18.48
N LEU B 191 -14.12 -29.24 -18.72
CA LEU B 191 -14.13 -30.67 -19.07
C LEU B 191 -12.78 -31.18 -18.68
N ALA B 192 -12.75 -31.80 -17.53
CA ALA B 192 -11.57 -32.28 -16.89
C ALA B 192 -11.55 -33.80 -17.11
N PRO B 193 -11.07 -34.25 -18.28
CA PRO B 193 -10.99 -35.67 -18.63
C PRO B 193 -10.08 -36.42 -17.69
N VAL B 194 -10.45 -36.48 -16.41
CA VAL B 194 -9.61 -37.16 -15.44
C VAL B 194 -10.54 -37.72 -14.40
N SER B 195 -10.11 -38.76 -13.69
CA SER B 195 -10.94 -39.36 -12.66
C SER B 195 -10.18 -39.97 -11.49
N LEU B 196 -10.53 -39.53 -10.28
CA LEU B 196 -9.91 -39.99 -9.04
C LEU B 196 -9.88 -41.51 -9.01
N GLY B 197 -10.85 -42.11 -9.69
CA GLY B 197 -10.93 -43.55 -9.73
C GLY B 197 -9.71 -44.26 -10.28
N ASN B 198 -9.03 -43.65 -11.25
CA ASN B 198 -7.89 -44.31 -11.83
C ASN B 198 -6.55 -43.70 -11.45
N MET B 199 -6.53 -42.91 -10.39
CA MET B 199 -5.28 -42.30 -9.97
C MET B 199 -4.72 -42.95 -8.73
N ASP B 200 -3.43 -43.23 -8.75
CA ASP B 200 -2.74 -43.82 -7.62
C ASP B 200 -2.44 -42.70 -6.64
N ALA B 201 -2.20 -41.50 -7.17
CA ALA B 201 -1.90 -40.36 -6.31
C ALA B 201 -2.36 -39.04 -6.89
N ILE B 202 -2.22 -37.96 -6.10
CA ILE B 202 -2.58 -36.59 -6.48
C ILE B 202 -1.42 -35.69 -6.07
N ASP B 203 -0.66 -35.18 -7.03
CA ASP B 203 0.47 -34.34 -6.66
C ASP B 203 0.21 -32.85 -6.87
N VAL B 204 -0.03 -32.16 -5.78
CA VAL B 204 -0.29 -30.74 -5.83
C VAL B 204 0.99 -30.03 -5.45
N VAL B 205 1.55 -29.27 -6.37
CA VAL B 205 2.79 -28.55 -6.08
C VAL B 205 2.55 -27.07 -6.11
N ARG B 206 2.75 -26.43 -4.98
CA ARG B 206 2.57 -25.00 -4.93
C ARG B 206 3.87 -24.22 -5.01
N GLY B 207 5.00 -24.89 -4.82
CA GLY B 207 6.25 -24.15 -4.87
C GLY B 207 7.51 -24.92 -5.23
N GLY B 208 8.07 -24.62 -6.41
CA GLY B 208 9.29 -25.28 -6.86
C GLY B 208 8.98 -26.31 -7.92
N GLY B 209 8.54 -25.84 -9.09
CA GLY B 209 8.17 -26.77 -10.14
C GLY B 209 9.13 -27.07 -11.27
N ALA B 210 10.13 -27.91 -10.98
CA ALA B 210 11.14 -28.38 -11.95
C ALA B 210 11.74 -27.38 -12.93
N VAL B 211 10.96 -26.36 -13.29
CA VAL B 211 10.92 -25.68 -14.61
C VAL B 211 11.05 -26.66 -15.76
N ARG B 212 10.15 -27.64 -15.72
CA ARG B 212 10.06 -28.68 -16.73
C ARG B 212 8.57 -28.62 -16.93
N TYR B 213 7.98 -27.83 -16.04
CA TYR B 213 6.56 -27.60 -15.99
C TYR B 213 6.26 -26.12 -16.13
N GLY B 214 5.39 -25.83 -17.09
CA GLY B 214 4.99 -24.45 -17.34
C GLY B 214 3.90 -24.52 -18.38
N PRO B 215 3.45 -23.39 -18.93
CA PRO B 215 3.86 -22.01 -18.64
C PRO B 215 3.10 -21.41 -17.48
N GLN B 216 1.84 -21.81 -17.32
CA GLN B 216 0.97 -21.32 -16.26
C GLN B 216 1.16 -22.10 -14.95
N SER B 217 2.27 -21.86 -14.25
CA SER B 217 2.55 -22.56 -13.00
C SER B 217 2.25 -21.76 -11.73
N VAL B 218 1.80 -20.52 -11.89
CA VAL B 218 1.50 -19.62 -10.77
C VAL B 218 0.51 -20.22 -9.77
N GLY B 219 -0.49 -20.92 -10.28
CA GLY B 219 -1.45 -21.50 -9.36
C GLY B 219 -1.00 -22.91 -9.05
N GLY B 220 0.30 -23.14 -9.13
CA GLY B 220 0.80 -24.46 -8.79
C GLY B 220 0.47 -25.46 -9.87
N VAL B 221 1.25 -26.52 -9.93
CA VAL B 221 1.05 -27.57 -10.91
C VAL B 221 0.53 -28.83 -10.22
N VAL B 222 -0.52 -29.40 -10.80
CA VAL B 222 -1.18 -30.60 -10.28
C VAL B 222 -1.06 -31.79 -11.20
N ASN B 223 -0.43 -32.85 -10.71
CA ASN B 223 -0.27 -34.05 -11.49
C ASN B 223 -1.02 -35.23 -10.89
N PHE B 224 -2.04 -35.69 -11.59
CA PHE B 224 -2.82 -36.81 -11.11
C PHE B 224 -2.05 -38.04 -11.56
N VAL B 225 -1.68 -38.90 -10.62
CA VAL B 225 -0.91 -40.10 -10.92
C VAL B 225 -1.74 -41.35 -11.18
N THR B 226 -1.72 -41.85 -12.41
CA THR B 226 -2.48 -43.05 -12.76
C THR B 226 -2.00 -44.24 -11.94
N ARG B 227 -2.92 -45.18 -11.72
CA ARG B 227 -2.60 -46.39 -10.96
C ARG B 227 -1.63 -47.31 -11.68
N ALA B 228 -0.61 -47.75 -10.95
CA ALA B 228 0.43 -48.63 -11.47
C ALA B 228 -0.07 -49.96 -12.00
N ILE B 229 0.56 -50.42 -13.09
CA ILE B 229 0.17 -51.71 -13.66
C ILE B 229 0.56 -52.72 -12.58
N PRO B 230 -0.13 -53.86 -12.52
CA PRO B 230 0.13 -54.92 -11.55
C PRO B 230 1.41 -55.69 -11.77
N GLN B 231 2.24 -55.72 -10.74
CA GLN B 231 3.52 -56.40 -10.85
C GLN B 231 3.31 -57.81 -11.43
N ASP B 232 2.30 -58.50 -10.90
CA ASP B 232 1.86 -59.85 -11.27
C ASP B 232 0.35 -59.78 -11.13
N PHE B 233 -0.29 -59.74 -12.32
CA PHE B 233 -1.75 -59.50 -12.46
C PHE B 233 -2.68 -59.79 -11.30
N GLY B 234 -3.51 -58.82 -10.96
CA GLY B 234 -4.47 -58.77 -9.94
C GLY B 234 -5.62 -57.90 -10.37
N ILE B 235 -6.75 -57.98 -9.68
CA ILE B 235 -7.94 -57.16 -10.01
C ILE B 235 -8.58 -56.40 -8.82
N GLU B 236 -9.00 -55.15 -9.05
CA GLU B 236 -9.66 -54.38 -7.99
C GLU B 236 -11.00 -53.81 -8.48
N ALA B 237 -11.73 -53.14 -7.59
CA ALA B 237 -13.01 -52.52 -7.93
C ALA B 237 -13.67 -52.02 -6.66
N GLY B 238 -14.20 -50.80 -6.73
CA GLY B 238 -14.86 -50.20 -5.58
C GLY B 238 -16.12 -49.52 -6.03
N VAL B 239 -16.94 -49.06 -5.11
CA VAL B 239 -18.18 -48.39 -5.48
C VAL B 239 -18.65 -47.59 -4.28
N GLU B 240 -19.19 -46.40 -4.52
CA GLU B 240 -19.67 -45.58 -3.42
C GLU B 240 -21.00 -44.96 -3.79
N GLY B 241 -21.90 -44.92 -2.82
CA GLY B 241 -23.21 -44.35 -3.08
C GLY B 241 -23.47 -43.21 -2.13
N GLN B 242 -24.35 -42.29 -2.52
CA GLN B 242 -24.66 -41.15 -1.67
C GLN B 242 -26.10 -40.66 -1.76
N LEU B 243 -26.62 -40.25 -0.61
CA LEU B 243 -27.94 -39.68 -0.54
C LEU B 243 -27.92 -38.55 0.45
N SER B 244 -28.68 -37.51 0.16
CA SER B 244 -28.75 -36.38 1.06
C SER B 244 -30.26 -36.30 1.32
N PRO B 245 -30.77 -37.02 2.33
CA PRO B 245 -32.19 -37.08 2.73
C PRO B 245 -32.99 -35.80 2.59
N THR B 246 -32.62 -34.81 3.37
CA THR B 246 -33.30 -33.51 3.39
C THR B 246 -33.63 -32.91 2.00
N SER B 247 -32.88 -33.33 0.98
CA SER B 247 -33.11 -32.82 -0.35
C SER B 247 -34.29 -33.47 -0.99
N SER B 248 -34.88 -32.75 -1.94
CA SER B 248 -36.04 -33.23 -2.68
C SER B 248 -35.54 -34.30 -3.64
N GLN B 249 -34.35 -34.05 -4.18
CA GLN B 249 -33.72 -34.98 -5.11
C GLN B 249 -33.33 -36.26 -4.38
N ASN B 250 -34.23 -37.24 -4.37
CA ASN B 250 -33.99 -38.49 -3.67
C ASN B 250 -33.22 -39.59 -4.43
N ASN B 251 -32.82 -39.30 -5.66
CA ASN B 251 -32.04 -40.27 -6.45
C ASN B 251 -30.62 -40.25 -5.90
N PRO B 252 -29.98 -41.41 -5.87
CA PRO B 252 -28.61 -41.57 -5.37
C PRO B 252 -27.57 -41.24 -6.41
N LYS B 253 -26.39 -40.87 -5.92
CA LYS B 253 -25.22 -40.57 -6.75
C LYS B 253 -24.22 -41.68 -6.57
N GLU B 254 -24.02 -42.49 -7.59
CA GLU B 254 -23.09 -43.60 -7.52
C GLU B 254 -21.87 -43.38 -8.40
N THR B 255 -20.74 -43.92 -7.96
CA THR B 255 -19.51 -43.82 -8.71
C THR B 255 -18.85 -45.17 -8.51
N HIS B 256 -17.89 -45.53 -9.37
CA HIS B 256 -17.25 -46.82 -9.21
C HIS B 256 -15.95 -46.95 -9.99
N ASN B 257 -15.19 -47.98 -9.67
CA ASN B 257 -13.91 -48.21 -10.31
C ASN B 257 -13.60 -49.70 -10.47
N LEU B 258 -13.03 -50.03 -11.62
CA LEU B 258 -12.64 -51.40 -11.93
C LEU B 258 -11.21 -51.34 -12.46
N MET B 259 -10.31 -52.17 -11.93
CA MET B 259 -8.92 -52.17 -12.37
C MET B 259 -8.48 -53.60 -12.73
N VAL B 260 -7.76 -53.76 -13.85
CA VAL B 260 -7.33 -55.08 -14.33
C VAL B 260 -6.06 -54.93 -15.20
N GLY B 261 -4.92 -55.41 -14.71
CA GLY B 261 -3.68 -55.33 -15.47
C GLY B 261 -2.57 -56.21 -14.88
N GLY B 262 -1.70 -56.82 -15.70
CA GLY B 262 -0.64 -57.67 -15.17
C GLY B 262 0.70 -57.31 -15.81
N THR B 263 1.71 -58.13 -15.58
CA THR B 263 3.01 -57.87 -16.20
C THR B 263 3.60 -59.21 -16.59
N ALA B 264 3.73 -59.44 -17.89
CA ALA B 264 4.28 -60.69 -18.40
C ALA B 264 5.73 -60.86 -17.93
N ASP B 265 6.23 -62.08 -18.01
CA ASP B 265 7.60 -62.35 -17.61
C ASP B 265 8.51 -61.68 -18.62
N ASN B 266 8.04 -61.59 -19.87
CA ASN B 266 8.81 -60.94 -20.92
C ASN B 266 8.91 -59.42 -20.72
N GLY B 267 8.48 -58.94 -19.56
CA GLY B 267 8.55 -57.51 -19.24
C GLY B 267 7.48 -56.59 -19.83
N PHE B 268 6.42 -57.16 -20.39
CA PHE B 268 5.37 -56.34 -21.00
C PHE B 268 4.08 -56.30 -20.19
N GLY B 269 3.83 -55.17 -19.55
CA GLY B 269 2.60 -55.05 -18.76
C GLY B 269 1.58 -54.17 -19.42
N THR B 270 0.35 -54.27 -18.93
CA THR B 270 -0.78 -53.50 -19.41
C THR B 270 -1.86 -53.59 -18.36
N ALA B 271 -2.76 -52.62 -18.34
CA ALA B 271 -3.84 -52.63 -17.39
C ALA B 271 -5.02 -51.86 -17.97
N LEU B 272 -6.18 -52.13 -17.42
CA LEU B 272 -7.41 -51.48 -17.86
C LEU B 272 -7.84 -50.57 -16.74
N LEU B 273 -7.80 -49.27 -16.97
CA LEU B 273 -8.19 -48.31 -15.97
C LEU B 273 -9.53 -47.69 -16.29
N TYR B 274 -10.59 -48.19 -15.64
CA TYR B 274 -11.92 -47.65 -15.87
C TYR B 274 -12.54 -47.11 -14.59
N SER B 275 -13.26 -46.01 -14.74
CA SER B 275 -13.89 -45.36 -13.63
C SER B 275 -15.20 -44.79 -14.16
N GLY B 276 -16.24 -44.80 -13.33
CA GLY B 276 -17.51 -44.28 -13.79
C GLY B 276 -18.29 -43.48 -12.76
N THR B 277 -19.38 -42.87 -13.22
CA THR B 277 -20.25 -42.06 -12.38
C THR B 277 -21.63 -42.07 -12.98
N ARG B 278 -22.63 -42.34 -12.14
CA ARG B 278 -24.04 -42.34 -12.57
C ARG B 278 -24.78 -41.75 -11.39
N GLY B 279 -25.73 -40.86 -11.64
CA GLY B 279 -26.43 -40.31 -10.51
C GLY B 279 -26.67 -38.83 -10.46
N SER B 280 -27.10 -38.38 -9.28
CA SER B 280 -27.39 -36.98 -9.07
C SER B 280 -27.15 -36.59 -7.61
N ASP B 281 -26.56 -35.41 -7.41
CA ASP B 281 -26.29 -34.97 -6.05
C ASP B 281 -27.57 -34.39 -5.44
N TRP B 282 -27.41 -33.61 -4.37
CA TRP B 282 -28.54 -33.03 -3.65
C TRP B 282 -29.29 -31.94 -4.38
N ARG B 283 -28.90 -31.65 -5.61
CA ARG B 283 -29.58 -30.61 -6.35
C ARG B 283 -30.33 -31.20 -7.52
N GLU B 284 -31.52 -30.66 -7.79
CA GLU B 284 -32.34 -31.12 -8.89
C GLU B 284 -31.64 -30.86 -10.21
N HIS B 285 -32.13 -31.48 -11.28
CA HIS B 285 -31.51 -31.26 -12.59
C HIS B 285 -29.97 -31.42 -12.57
N SER B 286 -29.47 -32.48 -11.92
CA SER B 286 -28.04 -32.74 -11.83
C SER B 286 -27.56 -34.10 -12.39
N ALA B 287 -28.48 -34.89 -12.97
CA ALA B 287 -28.17 -36.19 -13.58
C ALA B 287 -26.79 -36.15 -14.21
N THR B 288 -25.93 -37.10 -13.89
CA THR B 288 -24.61 -37.11 -14.45
C THR B 288 -24.24 -38.50 -14.90
N ARG B 289 -23.67 -38.60 -16.10
CA ARG B 289 -23.25 -39.88 -16.65
C ARG B 289 -21.76 -39.75 -17.05
N ILE B 290 -20.91 -40.49 -16.35
CA ILE B 290 -19.48 -40.43 -16.60
C ILE B 290 -18.83 -41.79 -16.75
N ASP B 291 -18.16 -41.97 -17.88
CA ASP B 291 -17.46 -43.21 -18.19
C ASP B 291 -16.08 -42.79 -18.64
N ASP B 292 -15.06 -43.09 -17.84
CA ASP B 292 -13.68 -42.72 -18.18
C ASP B 292 -12.86 -43.98 -18.37
N LEU B 293 -12.57 -44.33 -19.63
CA LEU B 293 -11.79 -45.53 -19.90
C LEU B 293 -10.38 -45.29 -20.40
N MET B 294 -9.40 -45.82 -19.65
CA MET B 294 -8.01 -45.69 -20.02
C MET B 294 -7.48 -47.10 -20.25
N LEU B 295 -6.31 -47.19 -20.88
CA LEU B 295 -5.63 -48.45 -21.19
C LEU B 295 -4.15 -48.18 -20.97
N LYS B 296 -3.63 -48.60 -19.83
CA LYS B 296 -2.23 -48.35 -19.48
C LYS B 296 -1.31 -49.53 -19.81
N SER B 297 -0.10 -49.21 -20.23
CA SER B 297 0.90 -50.19 -20.61
C SER B 297 2.31 -49.78 -20.18
N LYS B 298 3.25 -50.73 -20.29
CA LYS B 298 4.65 -50.50 -19.91
C LYS B 298 5.57 -51.62 -20.39
N TYR B 299 6.45 -51.31 -21.34
CA TYR B 299 7.38 -52.31 -21.87
C TYR B 299 8.86 -52.04 -21.55
N ALA B 300 9.35 -52.73 -20.52
CA ALA B 300 10.76 -52.62 -20.11
C ALA B 300 11.37 -53.99 -20.35
N PRO B 301 11.82 -54.23 -21.59
CA PRO B 301 12.42 -55.51 -21.95
C PRO B 301 13.62 -55.81 -21.05
N ASP B 302 14.53 -54.84 -20.93
CA ASP B 302 15.70 -54.97 -20.08
C ASP B 302 15.64 -53.93 -18.97
N GLU B 303 16.79 -53.43 -18.54
CA GLU B 303 16.80 -52.43 -17.46
C GLU B 303 17.38 -51.08 -17.89
N VAL B 304 17.52 -50.89 -19.21
CA VAL B 304 18.02 -49.66 -19.83
C VAL B 304 16.87 -49.04 -20.60
N HIS B 305 16.28 -49.86 -21.46
CA HIS B 305 15.18 -49.43 -22.31
C HIS B 305 13.91 -49.65 -21.57
N THR B 306 12.86 -48.93 -21.96
CA THR B 306 11.56 -49.06 -21.33
C THR B 306 10.57 -48.14 -22.02
N PHE B 307 9.39 -48.68 -22.32
CA PHE B 307 8.35 -47.93 -23.00
C PHE B 307 7.07 -47.84 -22.14
N ASN B 308 6.35 -46.73 -22.27
CA ASN B 308 5.09 -46.48 -21.55
C ASN B 308 4.02 -45.89 -22.47
N SER B 309 2.83 -46.48 -22.46
CA SER B 309 1.77 -45.97 -23.30
C SER B 309 0.45 -45.85 -22.56
N LEU B 310 -0.34 -44.85 -22.94
CA LEU B 310 -1.63 -44.60 -22.33
C LEU B 310 -2.75 -44.24 -23.29
N LEU B 311 -3.79 -45.05 -23.33
CA LEU B 311 -4.92 -44.78 -24.21
C LEU B 311 -6.10 -44.39 -23.33
N GLN B 312 -6.79 -43.32 -23.71
CA GLN B 312 -7.91 -42.85 -22.91
C GLN B 312 -9.14 -42.42 -23.68
N TYR B 313 -10.28 -42.92 -23.26
CA TYR B 313 -11.53 -42.57 -23.87
C TYR B 313 -12.41 -42.07 -22.75
N TYR B 314 -12.78 -40.80 -22.83
CA TYR B 314 -13.61 -40.17 -21.82
C TYR B 314 -14.89 -39.63 -22.45
N ASP B 315 -16.04 -40.03 -21.92
CA ASP B 315 -17.32 -39.61 -22.45
C ASP B 315 -18.28 -39.30 -21.31
N GLY B 316 -18.70 -38.04 -21.18
CA GLY B 316 -19.62 -37.70 -20.11
C GLY B 316 -20.59 -36.58 -20.42
N GLU B 317 -21.78 -36.66 -19.82
CA GLU B 317 -22.81 -35.66 -20.00
C GLU B 317 -23.46 -35.45 -18.66
N ALA B 318 -24.01 -34.26 -18.41
CA ALA B 318 -24.64 -34.00 -17.13
C ALA B 318 -25.49 -32.75 -17.09
N ASP B 319 -26.66 -32.82 -16.45
CA ASP B 319 -27.54 -31.66 -16.31
C ASP B 319 -26.93 -30.73 -15.24
N MET B 320 -27.12 -29.43 -15.37
CA MET B 320 -26.49 -28.50 -14.45
C MET B 320 -27.45 -27.75 -13.50
N PRO B 321 -27.42 -28.07 -12.21
CA PRO B 321 -28.32 -27.38 -11.27
C PRO B 321 -28.27 -25.85 -11.46
N GLY B 322 -27.14 -25.25 -11.13
CA GLY B 322 -27.01 -23.81 -11.29
C GLY B 322 -27.46 -23.07 -10.04
N GLY B 323 -27.28 -21.74 -10.02
CA GLY B 323 -27.66 -20.91 -8.89
C GLY B 323 -29.12 -20.47 -8.86
N LEU B 324 -29.50 -19.71 -7.85
CA LEU B 324 -30.87 -19.26 -7.71
C LEU B 324 -30.98 -17.87 -7.16
N SER B 325 -32.12 -17.23 -7.39
CA SER B 325 -32.32 -15.91 -6.83
C SER B 325 -32.53 -16.16 -5.33
N ARG B 326 -32.57 -15.11 -4.53
CA ARG B 326 -32.81 -15.32 -3.11
C ARG B 326 -34.21 -15.90 -3.03
N ALA B 327 -35.18 -15.06 -3.40
CA ALA B 327 -36.59 -15.44 -3.35
C ALA B 327 -36.81 -16.90 -3.66
N ASP B 328 -36.09 -17.43 -4.66
CA ASP B 328 -36.27 -18.83 -5.02
C ASP B 328 -35.53 -19.76 -4.10
N TYR B 329 -34.34 -19.34 -3.69
CA TYR B 329 -33.53 -20.13 -2.77
C TYR B 329 -34.32 -20.28 -1.47
N ASP B 330 -34.85 -19.17 -0.97
CA ASP B 330 -35.64 -19.20 0.25
C ASP B 330 -36.85 -20.09 0.06
N ALA B 331 -37.31 -20.17 -1.19
CA ALA B 331 -38.48 -20.95 -1.51
C ALA B 331 -38.13 -22.43 -1.50
N ASP B 332 -37.15 -22.81 -2.31
CA ASP B 332 -36.68 -24.19 -2.40
C ASP B 332 -35.24 -24.11 -2.83
N ARG B 333 -34.34 -24.50 -1.94
CA ARG B 333 -32.93 -24.46 -2.24
C ARG B 333 -32.49 -25.66 -3.03
N TRP B 334 -33.31 -26.71 -3.04
CA TRP B 334 -32.96 -27.91 -3.78
C TRP B 334 -33.29 -27.77 -5.26
N GLN B 335 -34.39 -27.08 -5.54
CA GLN B 335 -34.86 -26.88 -6.90
C GLN B 335 -33.84 -26.28 -7.86
N SER B 336 -34.18 -26.28 -9.14
CA SER B 336 -33.34 -25.69 -10.15
C SER B 336 -34.18 -24.85 -11.10
N THR B 337 -33.65 -23.73 -11.56
CA THR B 337 -34.37 -22.84 -12.48
C THR B 337 -33.67 -22.70 -13.81
N ARG B 338 -32.90 -23.71 -14.14
CA ARG B 338 -32.18 -23.73 -15.41
C ARG B 338 -32.41 -25.08 -16.01
N PRO B 339 -33.64 -25.35 -16.47
CA PRO B 339 -34.09 -26.58 -17.09
C PRO B 339 -33.30 -26.93 -18.32
N TYR B 340 -32.98 -25.93 -19.12
CA TYR B 340 -32.13 -26.15 -20.27
C TYR B 340 -30.86 -25.77 -19.52
N ASP B 341 -29.74 -26.39 -19.87
CA ASP B 341 -28.45 -26.16 -19.22
C ASP B 341 -27.80 -27.50 -19.40
N ARG B 342 -26.72 -27.90 -20.24
CA ARG B 342 -26.59 -29.35 -19.76
C ARG B 342 -25.20 -29.31 -20.36
N PHE B 343 -24.30 -30.13 -19.84
CA PHE B 343 -22.94 -30.15 -20.36
C PHE B 343 -22.49 -31.54 -20.71
N TRP B 344 -21.75 -31.66 -21.80
CA TRP B 344 -21.24 -32.97 -22.21
C TRP B 344 -20.00 -32.76 -23.05
N GLY B 345 -19.26 -33.84 -23.23
CA GLY B 345 -18.05 -33.74 -24.01
C GLY B 345 -17.28 -35.02 -23.85
N ARG B 346 -16.41 -35.30 -24.82
CA ARG B 346 -15.60 -36.50 -24.77
C ARG B 346 -14.16 -36.16 -25.01
N ARG B 347 -13.31 -37.15 -24.81
CA ARG B 347 -11.89 -36.98 -25.00
C ARG B 347 -11.28 -38.31 -25.41
N LYS B 348 -10.43 -38.28 -26.43
CA LYS B 348 -9.74 -39.47 -26.91
C LYS B 348 -8.27 -39.11 -26.75
N LEU B 349 -7.58 -39.77 -25.83
CA LEU B 349 -6.18 -39.46 -25.55
C LEU B 349 -5.18 -40.59 -25.81
N ALA B 350 -4.00 -40.22 -26.31
CA ALA B 350 -2.92 -41.15 -26.63
C ALA B 350 -1.54 -40.68 -26.13
N SER B 351 -0.81 -41.57 -25.48
CA SER B 351 0.50 -41.22 -24.97
C SER B 351 1.50 -42.36 -25.11
N LEU B 352 2.59 -42.07 -25.82
CA LEU B 352 3.66 -43.03 -26.07
C LEU B 352 4.94 -42.40 -25.54
N GLY B 353 5.67 -43.13 -24.69
CA GLY B 353 6.91 -42.62 -24.12
C GLY B 353 8.02 -43.65 -23.95
N TYR B 354 9.27 -43.20 -24.12
CA TYR B 354 10.44 -44.07 -24.02
C TYR B 354 11.51 -43.48 -23.10
N GLN B 355 12.37 -44.35 -22.59
CA GLN B 355 13.45 -43.91 -21.72
C GLN B 355 14.72 -44.71 -21.96
N PHE B 356 15.84 -44.00 -21.96
CA PHE B 356 17.15 -44.60 -22.17
C PHE B 356 18.06 -44.31 -20.97
N GLN B 357 18.28 -45.34 -20.16
CA GLN B 357 19.14 -45.20 -18.99
C GLN B 357 20.16 -46.34 -18.91
N PRO B 358 21.38 -46.13 -19.44
CA PRO B 358 22.46 -47.13 -19.44
C PRO B 358 23.00 -47.41 -18.03
N ASP B 359 23.35 -46.34 -17.32
CA ASP B 359 23.89 -46.43 -15.97
C ASP B 359 23.08 -45.53 -15.06
N SER B 360 23.54 -45.35 -13.82
CA SER B 360 22.82 -44.48 -12.88
C SER B 360 23.45 -43.08 -12.93
N GLN B 361 23.83 -42.65 -14.13
CA GLN B 361 24.42 -41.32 -14.32
C GLN B 361 23.84 -40.59 -15.53
N HIS B 362 23.21 -41.36 -16.41
CA HIS B 362 22.63 -40.80 -17.63
C HIS B 362 21.19 -41.22 -17.82
N LYS B 363 20.28 -40.25 -17.90
CA LYS B 363 18.87 -40.59 -18.12
C LYS B 363 18.20 -39.80 -19.25
N PHE B 364 17.76 -40.52 -20.28
CA PHE B 364 17.10 -39.88 -21.42
C PHE B 364 15.61 -40.20 -21.47
N ASN B 365 14.81 -39.14 -21.58
CA ASN B 365 13.37 -39.30 -21.64
C ASN B 365 12.77 -38.51 -22.79
N ILE B 366 11.89 -39.17 -23.53
CA ILE B 366 11.22 -38.56 -24.65
C ILE B 366 9.80 -39.14 -24.78
N GLN B 367 8.79 -38.31 -24.50
CA GLN B 367 7.39 -38.69 -24.53
C GLN B 367 6.55 -37.76 -25.41
N GLY B 368 5.63 -38.34 -26.18
CA GLY B 368 4.76 -37.55 -27.06
C GLY B 368 3.30 -37.86 -26.76
N PHE B 369 2.37 -36.97 -27.14
CA PHE B 369 0.94 -37.20 -26.85
C PHE B 369 -0.02 -36.51 -27.79
N TYR B 370 -1.20 -37.09 -27.93
CA TYR B 370 -2.22 -36.54 -28.81
C TYR B 370 -3.59 -36.61 -28.14
N THR B 371 -4.25 -35.48 -27.95
CA THR B 371 -5.57 -35.48 -27.32
C THR B 371 -6.68 -34.83 -28.15
N GLN B 372 -7.71 -35.60 -28.49
CA GLN B 372 -8.84 -35.07 -29.25
C GLN B 372 -9.99 -34.89 -28.29
N THR B 373 -10.37 -33.63 -28.06
CA THR B 373 -11.42 -33.27 -27.13
C THR B 373 -12.59 -32.48 -27.72
N LEU B 374 -13.80 -32.98 -27.53
CA LEU B 374 -14.96 -32.27 -27.99
C LEU B 374 -15.78 -31.96 -26.74
N ARG B 375 -16.24 -30.72 -26.63
CA ARG B 375 -17.04 -30.34 -25.47
C ARG B 375 -18.06 -29.28 -25.82
N SER B 376 -19.33 -29.56 -25.54
CA SER B 376 -20.37 -28.61 -25.84
C SER B 376 -21.53 -28.75 -24.88
N GLY B 377 -22.57 -27.95 -25.06
CA GLY B 377 -23.71 -28.03 -24.18
C GLY B 377 -24.79 -26.99 -24.36
N TYR B 378 -25.94 -27.28 -23.79
CA TYR B 378 -27.07 -26.38 -23.84
C TYR B 378 -26.95 -25.44 -22.66
N LEU B 379 -27.26 -24.17 -22.87
CA LEU B 379 -27.15 -23.20 -21.80
C LEU B 379 -28.06 -22.01 -22.09
N GLU B 380 -28.88 -21.63 -21.13
CA GLU B 380 -29.78 -20.52 -21.34
C GLU B 380 -28.98 -19.22 -21.24
N GLN B 381 -28.75 -18.54 -22.36
CA GLN B 381 -28.02 -17.25 -22.36
C GLN B 381 -28.93 -16.11 -22.79
N GLY B 382 -29.40 -15.31 -21.84
CA GLY B 382 -30.28 -14.22 -22.20
C GLY B 382 -31.64 -14.78 -22.58
N LYS B 383 -32.28 -14.17 -23.57
CA LYS B 383 -33.59 -14.65 -24.02
C LYS B 383 -33.37 -15.79 -25.02
N ARG B 384 -32.13 -16.18 -25.21
CA ARG B 384 -31.76 -17.25 -26.13
C ARG B 384 -31.38 -18.54 -25.40
N ILE B 385 -31.01 -19.55 -26.17
CA ILE B 385 -30.57 -20.84 -25.67
C ILE B 385 -29.52 -21.25 -26.66
N THR B 386 -28.33 -21.58 -26.17
CA THR B 386 -27.29 -21.93 -27.10
C THR B 386 -26.82 -23.36 -27.04
N LEU B 387 -26.12 -23.72 -28.10
CA LEU B 387 -25.51 -25.02 -28.28
C LEU B 387 -24.10 -24.54 -28.58
N SER B 388 -23.14 -24.90 -27.74
CA SER B 388 -21.79 -24.43 -27.99
C SER B 388 -20.81 -25.56 -28.15
N PRO B 389 -20.79 -26.17 -29.35
CA PRO B 389 -19.87 -27.27 -29.60
C PRO B 389 -18.46 -26.75 -29.79
N ARG B 390 -17.49 -27.37 -29.11
CA ARG B 390 -16.09 -26.95 -29.25
C ARG B 390 -15.12 -28.13 -29.35
N ASN B 391 -14.33 -28.13 -30.42
CA ASN B 391 -13.38 -29.19 -30.68
C ASN B 391 -11.98 -28.67 -30.53
N TYR B 392 -11.14 -29.45 -29.87
CA TYR B 392 -9.77 -29.05 -29.64
C TYR B 392 -8.75 -30.15 -29.97
N TRP B 393 -7.73 -29.79 -30.75
CA TRP B 393 -6.68 -30.74 -31.11
C TRP B 393 -5.39 -30.29 -30.44
N VAL B 394 -4.75 -31.20 -29.70
CA VAL B 394 -3.50 -30.88 -29.02
C VAL B 394 -2.45 -31.97 -29.18
N ARG B 395 -1.49 -31.72 -30.05
CA ARG B 395 -0.41 -32.67 -30.26
C ARG B 395 0.77 -32.12 -29.47
N GLY B 396 1.74 -32.98 -29.19
CA GLY B 396 2.90 -32.54 -28.46
C GLY B 396 3.99 -33.60 -28.40
N ILE B 397 5.20 -33.16 -28.12
CA ILE B 397 6.34 -34.07 -28.00
C ILE B 397 7.31 -33.34 -27.09
N GLU B 398 7.94 -34.08 -26.18
CA GLU B 398 8.82 -33.46 -25.22
C GLU B 398 10.01 -34.29 -24.80
N PRO B 399 11.19 -33.93 -25.29
CA PRO B 399 12.38 -34.69 -24.92
C PRO B 399 13.17 -33.97 -23.82
N ARG B 400 13.89 -34.73 -23.01
CA ARG B 400 14.70 -34.14 -21.97
C ARG B 400 15.85 -35.07 -21.64
N TYR B 401 16.82 -34.57 -20.88
CA TYR B 401 18.00 -35.37 -20.52
C TYR B 401 18.60 -34.93 -19.19
N SER B 402 19.03 -35.92 -18.41
CA SER B 402 19.65 -35.66 -17.11
C SER B 402 20.90 -36.52 -16.92
N GLN B 403 22.00 -35.85 -16.58
CA GLN B 403 23.30 -36.49 -16.34
C GLN B 403 23.88 -35.95 -15.04
N ILE B 404 24.19 -36.85 -14.11
CA ILE B 404 24.78 -36.45 -12.82
C ILE B 404 26.29 -36.50 -12.93
N PHE B 405 26.95 -35.65 -12.15
CA PHE B 405 28.41 -35.60 -12.09
C PHE B 405 28.85 -34.73 -10.90
N MET B 406 29.96 -35.13 -10.27
CA MET B 406 30.48 -34.45 -9.09
C MET B 406 31.63 -33.47 -9.35
N ILE B 407 31.36 -32.18 -9.15
CA ILE B 407 32.36 -31.12 -9.33
C ILE B 407 32.65 -30.50 -7.97
N GLY B 408 33.90 -30.61 -7.53
CA GLY B 408 34.26 -30.05 -6.25
C GLY B 408 33.58 -30.84 -5.14
N PRO B 409 33.28 -30.20 -4.00
CA PRO B 409 32.63 -30.82 -2.83
C PRO B 409 31.15 -31.11 -3.02
N SER B 410 30.67 -30.96 -4.25
CA SER B 410 29.26 -31.15 -4.56
C SER B 410 28.91 -32.16 -5.64
N ALA B 411 27.61 -32.39 -5.77
CA ALA B 411 27.06 -33.29 -6.77
C ALA B 411 26.16 -32.39 -7.64
N HIS B 412 26.41 -32.38 -8.94
CA HIS B 412 25.62 -31.55 -9.85
C HIS B 412 24.69 -32.34 -10.76
N GLU B 413 23.39 -32.14 -10.60
CA GLU B 413 22.43 -32.83 -11.44
C GLU B 413 21.78 -31.82 -12.38
N VAL B 414 22.35 -31.72 -13.59
CA VAL B 414 21.85 -30.79 -14.59
C VAL B 414 20.87 -31.49 -15.53
N GLY B 415 19.74 -30.85 -15.77
CA GLY B 415 18.74 -31.42 -16.64
C GLY B 415 18.24 -30.39 -17.63
N VAL B 416 18.06 -30.81 -18.87
CA VAL B 416 17.59 -29.92 -19.92
C VAL B 416 16.42 -30.57 -20.64
N GLY B 417 15.44 -29.75 -20.98
CA GLY B 417 14.28 -30.27 -21.67
C GLY B 417 13.69 -29.29 -22.66
N TYR B 418 12.96 -29.86 -23.60
CA TYR B 418 12.30 -29.11 -24.65
C TYR B 418 10.90 -29.68 -24.87
N ARG B 419 9.91 -28.81 -24.97
CA ARG B 419 8.54 -29.23 -25.18
C ARG B 419 7.86 -28.45 -26.28
N TYR B 420 7.63 -29.12 -27.40
CA TYR B 420 6.96 -28.48 -28.50
C TYR B 420 5.52 -28.90 -28.35
N LEU B 421 4.61 -27.92 -28.38
CA LEU B 421 3.20 -28.23 -28.26
C LEU B 421 2.40 -27.48 -29.30
N ASN B 422 1.52 -28.20 -29.97
CA ASN B 422 0.70 -27.63 -31.02
C ASN B 422 -0.75 -27.82 -30.61
N GLU B 423 -1.53 -26.75 -30.68
CA GLU B 423 -2.93 -26.83 -30.33
C GLU B 423 -3.80 -26.04 -31.31
N SER B 424 -4.85 -26.69 -31.81
CA SER B 424 -5.77 -26.07 -32.75
C SER B 424 -7.18 -26.16 -32.19
N THR B 425 -8.12 -25.43 -32.78
CA THR B 425 -9.48 -25.44 -32.26
C THR B 425 -10.52 -25.08 -33.29
N HIS B 426 -11.77 -25.10 -32.85
CA HIS B 426 -12.91 -24.72 -33.68
C HIS B 426 -14.16 -24.76 -32.82
N GLU B 427 -14.67 -23.59 -32.44
CA GLU B 427 -15.87 -23.58 -31.62
C GLU B 427 -16.97 -22.85 -32.34
N MET B 428 -18.21 -23.24 -32.08
CA MET B 428 -19.34 -22.59 -32.70
C MET B 428 -20.45 -22.44 -31.70
N ARG B 429 -21.42 -21.58 -32.01
CA ARG B 429 -22.53 -21.38 -31.11
C ARG B 429 -23.77 -21.30 -31.98
N TYR B 430 -24.78 -22.09 -31.63
CA TYR B 430 -26.04 -22.07 -32.37
C TYR B 430 -26.99 -21.57 -31.31
N TYR B 431 -28.15 -21.07 -31.72
CA TYR B 431 -29.09 -20.55 -30.73
C TYR B 431 -30.52 -20.59 -31.21
N THR B 432 -31.42 -20.26 -30.30
CA THR B 432 -32.85 -20.20 -30.57
C THR B 432 -33.36 -19.27 -29.50
N ALA B 433 -34.63 -18.91 -29.55
CA ALA B 433 -35.18 -18.02 -28.56
C ALA B 433 -35.74 -18.83 -27.40
N THR B 434 -35.35 -18.48 -26.19
CA THR B 434 -35.85 -19.15 -24.99
C THR B 434 -37.37 -18.97 -25.08
N SER B 435 -37.76 -17.89 -25.76
CA SER B 435 -39.15 -17.54 -25.99
C SER B 435 -39.93 -18.73 -26.53
N SER B 436 -39.40 -19.32 -27.60
CA SER B 436 -40.02 -20.48 -28.23
C SER B 436 -39.84 -21.66 -27.29
N GLY B 437 -40.18 -22.84 -27.77
CA GLY B 437 -39.98 -24.01 -26.96
C GLY B 437 -38.70 -24.63 -27.45
N GLN B 438 -38.65 -24.78 -28.78
CA GLN B 438 -37.52 -25.38 -29.47
C GLN B 438 -36.11 -25.19 -28.93
N LEU B 439 -35.41 -26.30 -28.83
CA LEU B 439 -34.04 -26.36 -28.33
C LEU B 439 -33.02 -26.42 -29.48
N PRO B 440 -32.19 -25.35 -29.68
CA PRO B 440 -31.16 -25.24 -30.72
C PRO B 440 -30.44 -26.56 -30.98
N SER B 441 -30.08 -26.84 -32.24
CA SER B 441 -29.48 -28.14 -32.56
C SER B 441 -28.53 -28.22 -33.75
N GLY B 442 -28.21 -27.09 -34.34
CA GLY B 442 -27.37 -27.15 -35.52
C GLY B 442 -28.44 -27.36 -36.55
N SER B 443 -28.25 -26.71 -37.68
CA SER B 443 -29.25 -26.71 -38.74
C SER B 443 -30.19 -25.76 -37.97
N SER B 444 -29.56 -24.72 -37.44
CA SER B 444 -30.23 -23.67 -36.69
C SER B 444 -29.23 -22.55 -36.66
N PRO B 445 -29.69 -21.30 -36.73
CA PRO B 445 -28.96 -20.03 -36.73
C PRO B 445 -27.78 -19.89 -35.76
N TYR B 446 -26.57 -19.83 -36.29
CA TYR B 446 -25.45 -19.62 -35.38
C TYR B 446 -25.11 -18.11 -35.23
N ASP B 447 -24.06 -17.80 -34.45
CA ASP B 447 -23.64 -16.41 -34.25
C ASP B 447 -22.27 -16.32 -33.61
N ARG B 448 -21.51 -17.39 -33.81
CA ARG B 448 -20.15 -17.49 -33.31
C ARG B 448 -19.52 -18.70 -33.97
N ASP B 449 -18.59 -18.44 -34.88
CA ASP B 449 -17.88 -19.52 -35.56
C ASP B 449 -16.44 -19.06 -35.69
N THR B 450 -15.58 -19.62 -34.85
CA THR B 450 -14.19 -19.24 -34.86
C THR B 450 -13.28 -20.44 -34.79
N ARG B 451 -12.07 -20.25 -35.31
CA ARG B 451 -11.04 -21.27 -35.31
C ARG B 451 -9.77 -20.57 -34.86
N SER B 452 -9.12 -21.13 -33.85
CA SER B 452 -7.89 -20.53 -33.34
C SER B 452 -6.88 -21.61 -33.09
N GLY B 453 -5.69 -21.21 -32.69
CA GLY B 453 -4.65 -22.20 -32.44
C GLY B 453 -3.42 -21.60 -31.78
N THR B 454 -2.45 -22.46 -31.46
CA THR B 454 -1.23 -21.99 -30.84
C THR B 454 -0.06 -22.93 -31.02
N GLU B 455 1.12 -22.32 -31.01
CA GLU B 455 2.34 -23.05 -31.19
C GLU B 455 3.30 -22.48 -30.14
N ALA B 456 3.62 -23.31 -29.15
CA ALA B 456 4.51 -22.86 -28.09
C ALA B 456 5.74 -23.76 -28.00
N HIS B 457 6.91 -23.13 -27.97
CA HIS B 457 8.17 -23.84 -27.84
C HIS B 457 8.70 -23.61 -26.42
N ALA B 458 8.94 -24.70 -25.70
CA ALA B 458 9.40 -24.57 -24.32
C ALA B 458 10.74 -25.22 -24.04
N TRP B 459 11.70 -24.40 -23.58
CA TRP B 459 13.02 -24.91 -23.23
C TRP B 459 13.19 -24.71 -21.73
N TYR B 460 13.96 -25.60 -21.12
CA TYR B 460 14.20 -25.51 -19.69
C TYR B 460 15.52 -26.13 -19.29
N LEU B 461 16.12 -25.58 -18.23
CA LEU B 461 17.41 -26.04 -17.73
C LEU B 461 17.56 -25.84 -16.22
N ASP B 462 18.04 -26.87 -15.52
CA ASP B 462 18.23 -26.76 -14.08
C ASP B 462 19.35 -27.66 -13.61
N ASP B 463 19.93 -27.30 -12.48
CA ASP B 463 21.02 -28.09 -11.93
C ASP B 463 20.90 -28.20 -10.42
N LYS B 464 20.78 -29.44 -9.95
CA LYS B 464 20.66 -29.73 -8.53
C LYS B 464 22.04 -29.88 -7.93
N ILE B 465 22.53 -28.81 -7.29
CA ILE B 465 23.84 -28.83 -6.68
C ILE B 465 23.72 -29.26 -5.23
N ASP B 466 24.49 -30.28 -4.86
CA ASP B 466 24.45 -30.80 -3.50
C ASP B 466 25.78 -30.68 -2.81
N ILE B 467 25.96 -29.58 -2.10
CA ILE B 467 27.18 -29.32 -1.39
C ILE B 467 26.92 -29.31 0.14
N GLY B 468 27.51 -30.29 0.81
CA GLY B 468 27.36 -30.40 2.26
C GLY B 468 25.94 -30.53 2.76
N ASN B 469 25.45 -29.47 3.40
CA ASN B 469 24.11 -29.49 3.93
C ASN B 469 23.19 -28.57 3.14
N TRP B 470 23.59 -28.26 1.91
CA TRP B 470 22.78 -27.42 1.04
C TRP B 470 22.45 -28.12 -0.26
N THR B 471 21.36 -27.68 -0.85
CA THR B 471 20.87 -28.16 -2.12
C THR B 471 20.35 -26.94 -2.81
N ILE B 472 21.18 -26.36 -3.66
CA ILE B 472 20.76 -25.18 -4.37
C ILE B 472 20.37 -25.62 -5.76
N THR B 473 19.25 -25.07 -6.23
CA THR B 473 18.72 -25.43 -7.53
C THR B 473 18.44 -24.24 -8.43
N PRO B 474 19.43 -23.82 -9.22
CA PRO B 474 19.20 -22.68 -10.12
C PRO B 474 18.53 -23.22 -11.39
N GLY B 475 17.43 -22.60 -11.80
CA GLY B 475 16.73 -23.07 -12.98
C GLY B 475 16.11 -22.02 -13.87
N MET B 476 15.87 -22.39 -15.12
CA MET B 476 15.27 -21.46 -16.08
C MET B 476 14.44 -22.16 -17.15
N ARG B 477 13.29 -21.58 -17.44
CA ARG B 477 12.39 -22.12 -18.45
C ARG B 477 12.10 -20.98 -19.39
N PHE B 478 12.12 -21.27 -20.69
CA PHE B 478 11.81 -20.22 -21.67
C PHE B 478 10.72 -20.66 -22.60
N GLU B 479 9.84 -19.73 -22.91
CA GLU B 479 8.74 -20.04 -23.78
C GLU B 479 8.43 -19.02 -24.84
N HIS B 480 8.31 -19.52 -26.07
CA HIS B 480 7.97 -18.71 -27.23
C HIS B 480 6.57 -19.21 -27.63
N ILE B 481 5.56 -18.41 -27.31
CA ILE B 481 4.19 -18.80 -27.65
C ILE B 481 3.58 -17.99 -28.81
N GLU B 482 3.01 -18.70 -29.78
CA GLU B 482 2.36 -18.06 -30.93
C GLU B 482 0.94 -18.59 -31.13
N SER B 483 -0.06 -17.72 -30.96
CA SER B 483 -1.46 -18.11 -31.09
C SER B 483 -2.13 -17.21 -32.09
N TYR B 484 -3.30 -17.65 -32.56
CA TYR B 484 -4.04 -16.90 -33.55
C TYR B 484 -5.50 -17.28 -33.47
N GLN B 485 -6.36 -16.40 -33.97
CA GLN B 485 -7.77 -16.71 -34.02
C GLN B 485 -8.43 -16.11 -35.24
N ASN B 486 -8.97 -16.96 -36.11
CA ASN B 486 -9.65 -16.54 -37.33
C ASN B 486 -11.16 -16.55 -37.13
N ASN B 487 -11.79 -15.41 -37.36
CA ASN B 487 -13.24 -15.32 -37.21
C ASN B 487 -13.93 -15.39 -38.56
N ALA B 488 -14.69 -16.45 -38.78
CA ALA B 488 -15.39 -16.64 -40.03
C ALA B 488 -16.57 -15.70 -40.21
N ILE B 489 -17.04 -15.09 -39.13
CA ILE B 489 -18.19 -14.20 -39.24
C ILE B 489 -17.79 -12.74 -39.43
N THR B 490 -16.58 -12.39 -39.00
CA THR B 490 -16.11 -11.02 -39.13
C THR B 490 -14.99 -11.01 -40.16
N GLY B 491 -14.46 -12.19 -40.45
CA GLY B 491 -13.38 -12.29 -41.42
C GLY B 491 -12.05 -11.74 -40.92
N THR B 492 -12.03 -11.23 -39.69
CA THR B 492 -10.81 -10.68 -39.13
C THR B 492 -9.83 -11.75 -38.73
N HIS B 493 -8.72 -11.31 -38.16
CA HIS B 493 -7.69 -12.21 -37.75
C HIS B 493 -6.77 -11.50 -36.79
N GLU B 494 -6.52 -12.12 -35.64
CA GLU B 494 -5.64 -11.59 -34.63
C GLU B 494 -4.60 -12.66 -34.31
N GLU B 495 -3.35 -12.22 -34.22
CA GLU B 495 -2.23 -13.10 -33.91
C GLU B 495 -1.44 -12.46 -32.80
N VAL B 496 -0.68 -13.30 -32.09
CA VAL B 496 0.15 -12.84 -30.99
C VAL B 496 1.33 -13.79 -30.79
N SER B 497 2.48 -13.22 -30.48
CA SER B 497 3.66 -14.01 -30.21
C SER B 497 4.44 -13.30 -29.13
N TYR B 498 4.81 -14.03 -28.09
CA TYR B 498 5.56 -13.43 -27.00
C TYR B 498 6.53 -14.42 -26.39
N ASN B 499 7.62 -13.87 -25.84
CA ASN B 499 8.66 -14.66 -25.22
C ASN B 499 8.56 -14.51 -23.71
N ALA B 500 8.73 -15.62 -23.00
CA ALA B 500 8.60 -15.57 -21.56
C ALA B 500 9.78 -16.16 -20.81
N PRO B 501 10.61 -15.30 -20.24
CA PRO B 501 11.78 -15.70 -19.47
C PRO B 501 11.31 -16.05 -18.08
N LEU B 502 11.70 -17.21 -17.58
CA LEU B 502 11.24 -17.57 -16.24
C LEU B 502 12.38 -18.00 -15.35
N PRO B 503 13.03 -17.03 -14.68
CA PRO B 503 14.16 -17.36 -13.78
C PRO B 503 13.73 -18.01 -12.46
N ALA B 504 14.38 -19.12 -12.10
CA ALA B 504 14.04 -19.84 -10.87
C ALA B 504 15.21 -20.31 -10.01
N LEU B 505 15.02 -20.20 -8.69
CA LEU B 505 16.00 -20.60 -7.69
C LEU B 505 15.36 -21.40 -6.56
N ASN B 506 15.94 -22.55 -6.26
CA ASN B 506 15.46 -23.44 -5.21
C ASN B 506 16.51 -23.76 -4.18
N VAL B 507 16.25 -23.37 -2.94
CA VAL B 507 17.19 -23.66 -1.87
C VAL B 507 16.53 -24.51 -0.81
N LEU B 508 17.22 -25.58 -0.43
CA LEU B 508 16.74 -26.48 0.61
C LEU B 508 17.91 -26.88 1.51
N TYR B 509 17.85 -26.44 2.76
CA TYR B 509 18.88 -26.78 3.73
C TYR B 509 18.32 -27.91 4.58
N HIS B 510 19.19 -28.84 4.95
CA HIS B 510 18.84 -29.96 5.82
C HIS B 510 19.39 -29.65 7.19
N LEU B 511 18.58 -29.09 8.09
CA LEU B 511 19.05 -28.81 9.46
C LEU B 511 19.43 -30.18 10.01
N THR B 512 18.41 -30.96 10.34
CA THR B 512 18.62 -32.30 10.90
C THR B 512 18.33 -33.40 9.89
N ASP B 513 18.49 -34.66 10.29
CA ASP B 513 18.23 -35.81 9.40
C ASP B 513 16.72 -35.98 9.21
N SER B 514 15.97 -35.10 9.86
CA SER B 514 14.52 -35.10 9.78
C SER B 514 13.97 -33.70 10.06
N TRP B 515 14.26 -32.78 9.12
CA TRP B 515 13.83 -31.38 9.21
C TRP B 515 14.49 -30.57 8.11
N ASN B 516 13.70 -30.09 7.15
CA ASN B 516 14.49 -29.21 6.14
C ASN B 516 13.96 -27.77 6.18
N LEU B 517 14.76 -26.85 5.64
CA LEU B 517 14.42 -25.44 5.57
C LEU B 517 14.56 -25.09 4.10
N TYR B 518 13.53 -24.47 3.54
CA TYR B 518 13.55 -24.12 2.13
C TYR B 518 13.01 -22.72 1.82
N ALA B 519 13.45 -22.20 0.68
CA ALA B 519 13.02 -20.92 0.15
C ALA B 519 13.09 -21.05 -1.35
N ASN B 520 12.20 -20.36 -2.06
CA ASN B 520 12.22 -20.44 -3.50
C ASN B 520 11.42 -19.31 -4.13
N THR B 521 11.79 -19.01 -5.36
CA THR B 521 11.12 -17.99 -6.14
C THR B 521 11.02 -18.59 -7.53
N GLU B 522 9.80 -18.75 -8.02
CA GLU B 522 9.61 -19.31 -9.35
C GLU B 522 8.78 -18.32 -10.11
N GLY B 523 8.96 -18.31 -11.42
CA GLY B 523 8.20 -17.41 -12.24
C GLY B 523 7.22 -18.23 -13.01
N SER B 524 6.18 -17.58 -13.50
CA SER B 524 5.14 -18.23 -14.27
C SER B 524 4.40 -17.17 -15.06
N PHE B 525 3.70 -17.59 -16.11
CA PHE B 525 2.98 -16.63 -16.90
C PHE B 525 1.81 -17.24 -17.67
N GLY B 526 0.71 -16.49 -17.71
CA GLY B 526 -0.49 -16.95 -18.40
C GLY B 526 -0.65 -16.32 -19.77
N THR B 527 -0.12 -16.98 -20.79
CA THR B 527 -0.23 -16.46 -22.15
C THR B 527 -1.66 -16.06 -22.49
N VAL B 528 -1.83 -15.10 -23.39
CA VAL B 528 -3.17 -14.61 -23.73
C VAL B 528 -3.97 -15.76 -24.21
N GLN B 529 -5.26 -15.74 -23.93
CA GLN B 529 -6.18 -16.81 -24.30
C GLN B 529 -7.08 -16.49 -25.47
N TYR B 530 -7.54 -17.55 -26.12
CA TYR B 530 -8.43 -17.46 -27.26
C TYR B 530 -9.67 -16.63 -26.95
N SER B 531 -10.13 -16.67 -25.71
CA SER B 531 -11.33 -15.91 -25.32
C SER B 531 -11.05 -14.44 -25.12
N GLN B 532 -9.76 -14.09 -25.15
CA GLN B 532 -9.32 -12.72 -24.98
C GLN B 532 -8.46 -12.15 -26.11
N ILE B 533 -8.32 -12.90 -27.19
CA ILE B 533 -7.50 -12.40 -28.28
C ILE B 533 -7.76 -10.97 -28.64
N GLY B 534 -8.87 -10.65 -29.29
CA GLY B 534 -9.01 -9.26 -29.63
C GLY B 534 -9.91 -8.47 -28.72
N LYS B 535 -9.64 -8.42 -27.42
CA LYS B 535 -10.61 -7.69 -26.64
C LYS B 535 -10.44 -6.51 -25.72
N ALA B 536 -11.61 -5.90 -25.63
CA ALA B 536 -11.95 -4.72 -24.90
C ALA B 536 -11.95 -4.89 -23.39
N VAL B 537 -10.93 -4.32 -22.79
CA VAL B 537 -10.78 -4.28 -21.35
C VAL B 537 -10.49 -2.81 -21.20
N GLN B 538 -11.00 -2.21 -20.13
CA GLN B 538 -10.82 -0.80 -19.90
C GLN B 538 -9.35 -0.33 -19.80
N SER B 539 -8.54 -1.02 -19.01
CA SER B 539 -7.14 -0.62 -18.82
C SER B 539 -6.31 -0.62 -20.10
N GLY B 540 -6.91 -1.00 -21.23
CA GLY B 540 -6.17 -1.07 -22.48
C GLY B 540 -6.50 -2.38 -23.16
N ASN B 541 -5.49 -3.18 -23.47
CA ASN B 541 -5.74 -4.45 -24.14
C ASN B 541 -5.54 -5.60 -23.16
N VAL B 542 -5.90 -6.81 -23.57
CA VAL B 542 -5.77 -7.97 -22.68
C VAL B 542 -4.39 -8.59 -22.52
N GLU B 543 -3.94 -9.37 -21.54
CA GLU B 543 -2.74 -10.13 -21.13
C GLU B 543 -1.40 -9.56 -21.59
N PRO B 544 -0.65 -10.37 -21.36
CA PRO B 544 -0.56 -11.75 -20.75
C PRO B 544 -0.68 -11.55 -19.24
N GLU B 545 -0.56 -12.65 -18.49
CA GLU B 545 -0.63 -12.61 -17.04
C GLU B 545 0.68 -13.06 -16.45
N LYS B 546 1.60 -12.13 -16.18
CA LYS B 546 2.90 -12.50 -15.60
C LYS B 546 2.86 -12.52 -14.08
N ALA B 547 3.51 -13.50 -13.47
CA ALA B 547 3.50 -13.55 -12.01
C ALA B 547 4.74 -14.22 -11.41
N ARG B 548 5.22 -13.66 -10.29
CA ARG B 548 6.39 -14.19 -9.59
C ARG B 548 5.92 -14.71 -8.23
N THR B 549 6.58 -15.75 -7.73
CA THR B 549 6.20 -16.32 -6.43
C THR B 549 7.41 -16.43 -5.51
N TRP B 550 7.19 -16.14 -4.22
CA TRP B 550 8.27 -16.22 -3.22
C TRP B 550 7.88 -17.07 -2.01
N GLU B 551 8.53 -18.22 -1.86
CA GLU B 551 8.26 -19.12 -0.73
C GLU B 551 9.40 -19.26 0.27
N LEU B 552 9.02 -19.37 1.54
CA LEU B 552 9.96 -19.52 2.65
C LEU B 552 9.35 -20.54 3.63
N GLY B 553 9.88 -21.76 3.65
CA GLY B 553 9.30 -22.76 4.53
C GLY B 553 10.19 -23.81 5.19
N THR B 554 9.52 -24.70 5.93
CA THR B 554 10.16 -25.79 6.67
C THR B 554 9.28 -27.05 6.64
N ARG B 555 9.90 -28.22 6.57
CA ARG B 555 9.16 -29.49 6.53
C ARG B 555 9.70 -30.50 7.54
N TYR B 556 8.88 -30.85 8.53
CA TYR B 556 9.30 -31.80 9.56
C TYR B 556 8.66 -33.18 9.40
N ASP B 557 9.36 -34.20 9.90
CA ASP B 557 8.87 -35.58 9.85
C ASP B 557 9.76 -36.51 10.69
N ASP B 558 9.21 -37.09 11.75
CA ASP B 558 9.96 -38.00 12.61
C ASP B 558 9.18 -39.28 12.91
N GLY B 559 8.37 -39.74 11.96
CA GLY B 559 7.58 -40.94 12.12
C GLY B 559 6.54 -40.94 13.24
N ALA B 560 6.29 -39.77 13.83
CA ALA B 560 5.32 -39.66 14.90
C ALA B 560 4.65 -38.31 14.78
N LEU B 561 5.48 -37.28 14.64
CA LEU B 561 5.03 -35.91 14.50
C LEU B 561 5.53 -35.35 13.16
N THR B 562 4.62 -35.24 12.22
CA THR B 562 4.94 -34.70 10.91
C THR B 562 4.26 -33.32 10.85
N ALA B 563 5.01 -32.32 10.38
CA ALA B 563 4.48 -30.96 10.30
C ALA B 563 5.19 -30.12 9.25
N GLU B 564 4.42 -29.26 8.59
CA GLU B 564 4.96 -28.36 7.58
C GLU B 564 4.28 -27.00 7.73
N MET B 565 5.05 -25.94 7.52
CA MET B 565 4.56 -24.57 7.62
C MET B 565 5.40 -23.71 6.69
N GLY B 566 4.78 -22.73 6.04
CA GLY B 566 5.51 -21.88 5.12
C GLY B 566 4.77 -20.61 4.72
N LEU B 567 5.53 -19.58 4.39
CA LEU B 567 4.98 -18.29 3.98
C LEU B 567 5.19 -18.07 2.49
N PHE B 568 4.22 -17.43 1.84
CA PHE B 568 4.30 -17.20 0.40
C PHE B 568 3.91 -15.78 0.02
N LEU B 569 4.48 -15.33 -1.09
CA LEU B 569 4.18 -14.01 -1.64
C LEU B 569 4.04 -14.22 -3.15
N ILE B 570 2.98 -13.63 -3.69
CA ILE B 570 2.69 -13.73 -5.11
C ILE B 570 2.23 -12.41 -5.68
N ASN B 571 2.90 -11.96 -6.73
CA ASN B 571 2.57 -10.70 -7.41
C ASN B 571 2.15 -10.92 -8.86
N PHE B 572 0.98 -10.36 -9.17
CA PHE B 572 0.33 -10.45 -10.47
C PHE B 572 0.25 -9.11 -11.21
N ASN B 573 0.82 -9.05 -12.41
CA ASN B 573 0.78 -7.82 -13.20
C ASN B 573 -0.68 -7.44 -13.42
N ASN B 574 -1.53 -8.47 -13.51
CA ASN B 574 -2.98 -8.33 -13.68
C ASN B 574 -3.69 -9.68 -13.63
N GLN B 575 -5.02 -9.66 -13.65
CA GLN B 575 -5.88 -10.86 -13.63
C GLN B 575 -7.16 -10.54 -14.36
N TYR B 576 -7.55 -11.43 -15.26
CA TYR B 576 -8.75 -11.21 -16.03
C TYR B 576 -9.83 -12.21 -15.71
N ASP B 577 -11.07 -11.76 -15.81
CA ASP B 577 -12.18 -12.65 -15.52
C ASP B 577 -12.92 -13.09 -16.78
N SER B 578 -14.16 -12.66 -16.97
CA SER B 578 -14.89 -13.13 -18.16
C SER B 578 -16.28 -12.53 -18.38
N ASN B 579 -17.19 -12.76 -17.46
CA ASN B 579 -18.53 -12.18 -17.54
C ASN B 579 -19.18 -12.84 -18.73
N GLN B 580 -19.50 -14.11 -18.57
CA GLN B 580 -20.13 -14.87 -19.61
C GLN B 580 -21.42 -14.22 -20.15
N THR B 581 -22.11 -13.43 -19.36
CA THR B 581 -23.35 -12.85 -19.89
C THR B 581 -23.18 -11.92 -21.06
N ASN B 582 -21.99 -11.39 -21.27
CA ASN B 582 -21.86 -10.47 -22.38
C ASN B 582 -20.59 -10.66 -23.20
N ASP B 583 -20.07 -11.89 -23.21
CA ASP B 583 -18.87 -12.20 -23.97
C ASP B 583 -17.75 -11.17 -23.83
N THR B 584 -17.55 -10.67 -22.61
CA THR B 584 -16.51 -9.66 -22.41
C THR B 584 -15.38 -10.16 -21.56
N VAL B 585 -14.52 -9.26 -21.11
CA VAL B 585 -13.43 -9.64 -20.26
C VAL B 585 -13.27 -8.53 -19.25
N THR B 586 -13.29 -8.93 -18.00
CA THR B 586 -13.15 -7.99 -16.92
C THR B 586 -11.72 -8.06 -16.43
N ALA B 587 -11.12 -6.89 -16.26
CA ALA B 587 -9.74 -6.79 -15.78
C ALA B 587 -9.81 -6.64 -14.27
N ARG B 588 -8.74 -6.99 -13.59
CA ARG B 588 -8.76 -6.84 -12.14
C ARG B 588 -7.61 -6.01 -11.68
N GLY B 589 -6.66 -5.80 -12.59
CA GLY B 589 -5.50 -5.01 -12.24
C GLY B 589 -4.54 -5.85 -11.43
N LYS B 590 -3.57 -5.18 -10.81
CA LYS B 590 -2.54 -5.84 -10.02
C LYS B 590 -3.11 -6.37 -8.71
N THR B 591 -2.58 -7.53 -8.29
CA THR B 591 -3.03 -8.18 -7.07
C THR B 591 -1.86 -8.86 -6.36
N ARG B 592 -1.82 -8.72 -5.04
CA ARG B 592 -0.76 -9.34 -4.26
C ARG B 592 -1.35 -10.41 -3.37
N HIS B 593 -0.81 -11.60 -3.52
CA HIS B 593 -1.25 -12.72 -2.75
C HIS B 593 -0.18 -13.07 -1.74
N THR B 594 -0.48 -12.84 -0.47
CA THR B 594 0.46 -13.17 0.61
C THR B 594 -0.26 -14.05 1.62
N GLY B 595 0.45 -15.01 2.20
CA GLY B 595 -0.20 -15.89 3.17
C GLY B 595 0.68 -16.91 3.85
N LEU B 596 0.05 -17.69 4.72
CA LEU B 596 0.73 -18.73 5.50
C LEU B 596 0.01 -20.06 5.36
N GLU B 597 0.76 -21.12 5.13
CA GLU B 597 0.18 -22.46 4.98
C GLU B 597 0.77 -23.40 6.02
N THR B 598 -0.04 -24.31 6.55
CA THR B 598 0.44 -25.27 7.54
C THR B 598 -0.50 -26.42 7.89
N GLN B 599 0.09 -27.56 8.23
CA GLN B 599 -0.65 -28.75 8.58
C GLN B 599 0.26 -29.66 9.40
N ALA B 600 -0.32 -30.67 10.04
CA ALA B 600 0.45 -31.61 10.84
C ALA B 600 -0.43 -32.78 11.29
N ARG B 601 0.24 -33.91 11.51
CA ARG B 601 -0.40 -35.15 11.93
C ARG B 601 0.46 -35.67 13.07
N TYR B 602 -0.17 -36.19 14.13
CA TYR B 602 0.59 -36.68 15.27
C TYR B 602 0.19 -38.08 15.67
N ASP B 603 1.16 -38.86 16.10
CA ASP B 603 0.88 -40.23 16.53
C ASP B 603 0.51 -40.24 18.02
N LEU B 604 -0.77 -40.09 18.32
CA LEU B 604 -1.25 -40.06 19.70
C LEU B 604 -0.91 -41.29 20.55
N GLY B 605 -0.59 -42.41 19.90
CA GLY B 605 -0.26 -43.61 20.65
C GLY B 605 1.06 -43.38 21.37
N THR B 606 1.75 -42.34 20.91
CA THR B 606 3.05 -41.93 21.42
C THR B 606 3.05 -41.20 22.79
N LEU B 607 1.89 -41.02 23.40
CA LEU B 607 1.84 -40.36 24.72
C LEU B 607 1.27 -41.28 25.79
N THR B 608 0.58 -42.33 25.34
CA THR B 608 -0.03 -43.31 26.23
C THR B 608 -0.58 -44.48 25.42
N PRO B 609 -0.78 -45.63 26.07
CA PRO B 609 -1.32 -46.75 25.32
C PRO B 609 -2.81 -46.51 25.09
N THR B 610 -3.41 -45.77 26.02
CA THR B 610 -4.85 -45.45 25.94
C THR B 610 -5.21 -44.80 24.59
N LEU B 611 -4.24 -44.07 24.01
CA LEU B 611 -4.43 -43.43 22.72
C LEU B 611 -3.60 -44.14 21.65
N ASP B 612 -3.32 -45.42 21.85
CA ASP B 612 -2.54 -46.20 20.88
C ASP B 612 -3.39 -46.46 19.64
N ASN B 613 -2.78 -46.16 18.50
CA ASN B 613 -3.40 -46.31 17.20
C ASN B 613 -4.57 -45.34 17.04
N VAL B 614 -4.32 -44.13 17.48
CA VAL B 614 -5.23 -43.03 17.39
C VAL B 614 -4.34 -42.07 16.64
N SER B 615 -4.93 -41.11 15.95
CA SER B 615 -4.14 -40.20 15.17
C SER B 615 -4.91 -38.90 14.99
N ILE B 616 -4.28 -37.76 15.26
CA ILE B 616 -4.97 -36.49 15.06
C ILE B 616 -4.18 -35.65 14.07
N TYR B 617 -4.90 -35.00 13.15
CA TYR B 617 -4.28 -34.16 12.14
C TYR B 617 -5.01 -32.86 12.05
N ALA B 618 -4.37 -31.86 11.48
CA ALA B 618 -5.02 -30.58 11.31
C ALA B 618 -4.29 -29.82 10.21
N SER B 619 -4.99 -28.87 9.59
CA SER B 619 -4.39 -28.06 8.54
C SER B 619 -5.07 -26.70 8.62
N TYR B 620 -4.34 -25.67 8.22
CA TYR B 620 -4.84 -24.31 8.25
C TYR B 620 -4.12 -23.55 7.16
N ALA B 621 -4.64 -22.37 6.83
CA ALA B 621 -4.03 -21.52 5.81
C ALA B 621 -4.60 -20.12 5.89
N TYR B 622 -3.71 -19.15 5.97
CA TYR B 622 -4.11 -17.75 6.00
C TYR B 622 -3.73 -17.23 4.64
N VAL B 623 -4.69 -16.63 3.95
CA VAL B 623 -4.48 -16.11 2.61
C VAL B 623 -5.05 -14.73 2.40
N ASN B 624 -4.17 -13.76 2.33
CA ASN B 624 -4.61 -12.41 2.09
C ASN B 624 -4.24 -12.14 0.65
N ALA B 625 -5.26 -11.87 -0.17
CA ALA B 625 -5.07 -11.56 -1.58
C ALA B 625 -5.81 -10.27 -1.82
N GLU B 626 -5.06 -9.22 -2.13
CA GLU B 626 -5.70 -7.93 -2.37
C GLU B 626 -5.39 -7.26 -3.70
N ILE B 627 -6.26 -6.34 -4.05
CA ILE B 627 -6.15 -5.63 -5.30
C ILE B 627 -5.30 -4.40 -5.12
N ARG B 628 -4.09 -4.45 -5.70
CA ARG B 628 -3.13 -3.36 -5.65
C ARG B 628 -3.40 -2.30 -6.72
N GLU B 629 -3.90 -2.73 -7.88
CA GLU B 629 -4.18 -1.79 -8.97
C GLU B 629 -4.97 -0.52 -8.57
N LYS B 630 -4.38 0.65 -8.75
CA LYS B 630 -5.05 1.91 -8.35
C LYS B 630 -6.30 2.16 -9.17
N GLY B 631 -7.47 1.99 -8.56
CA GLY B 631 -8.71 2.19 -9.31
C GLY B 631 -9.96 2.14 -8.47
N ASP B 632 -11.10 1.77 -9.06
CA ASP B 632 -12.35 1.69 -8.31
C ASP B 632 -12.31 0.57 -7.27
N THR B 633 -11.42 -0.40 -7.46
CA THR B 633 -11.33 -1.54 -6.56
C THR B 633 -10.06 -1.50 -5.73
N TYR B 634 -9.50 -0.31 -5.54
CA TYR B 634 -8.26 -0.23 -4.79
C TYR B 634 -8.43 -0.73 -3.37
N GLY B 635 -7.48 -1.57 -2.95
CA GLY B 635 -7.47 -2.11 -1.60
C GLY B 635 -8.49 -3.15 -1.19
N ASN B 636 -9.19 -3.74 -2.14
CA ASN B 636 -10.20 -4.74 -1.81
C ASN B 636 -9.62 -6.14 -1.83
N LEU B 637 -10.49 -7.12 -1.59
CA LEU B 637 -10.04 -8.51 -1.54
C LEU B 637 -10.43 -9.23 -2.81
N VAL B 638 -9.53 -10.07 -3.31
CA VAL B 638 -9.85 -10.82 -4.52
C VAL B 638 -11.05 -11.66 -4.17
N PRO B 639 -12.03 -11.74 -5.09
CA PRO B 639 -13.22 -12.54 -4.78
C PRO B 639 -12.93 -14.01 -4.51
N PHE B 640 -13.93 -14.68 -3.92
CA PHE B 640 -13.86 -16.10 -3.62
C PHE B 640 -12.57 -16.53 -2.92
N SER B 641 -12.13 -15.72 -1.96
CA SER B 641 -10.95 -16.02 -1.18
C SER B 641 -11.19 -15.79 0.29
N PRO B 642 -11.32 -16.88 1.07
CA PRO B 642 -11.55 -16.73 2.50
C PRO B 642 -10.17 -16.63 3.12
N LYS B 643 -10.00 -15.67 4.01
CA LYS B 643 -8.73 -15.46 4.67
C LYS B 643 -8.35 -16.68 5.51
N HIS B 644 -9.37 -17.38 6.02
CA HIS B 644 -9.18 -18.54 6.88
C HIS B 644 -9.84 -19.81 6.31
N LYS B 645 -9.07 -20.88 6.21
CA LYS B 645 -9.58 -22.14 5.68
C LYS B 645 -8.71 -23.35 6.02
N GLY B 646 -9.32 -24.35 6.64
CA GLY B 646 -8.57 -25.55 6.98
C GLY B 646 -9.43 -26.74 7.35
N THR B 647 -8.75 -27.78 7.84
CA THR B 647 -9.39 -29.02 8.24
C THR B 647 -8.79 -29.41 9.57
N LEU B 648 -9.30 -30.52 10.09
CA LEU B 648 -8.86 -31.11 11.35
C LEU B 648 -9.64 -32.41 11.45
N GLY B 649 -9.12 -33.36 12.22
CA GLY B 649 -9.79 -34.64 12.38
C GLY B 649 -8.87 -35.65 13.03
N VAL B 650 -9.46 -36.72 13.55
CA VAL B 650 -8.67 -37.75 14.21
C VAL B 650 -9.04 -39.12 13.73
N ASP B 651 -8.04 -39.88 13.28
CA ASP B 651 -8.23 -41.22 12.79
C ASP B 651 -7.95 -42.24 13.88
N TYR B 652 -8.64 -43.38 13.85
CA TYR B 652 -8.46 -44.41 14.87
C TYR B 652 -8.61 -45.81 14.26
N LYS B 653 -7.50 -46.53 14.11
CA LYS B 653 -7.52 -47.87 13.49
C LYS B 653 -7.09 -49.05 14.37
N PRO B 654 -8.05 -49.54 15.19
CA PRO B 654 -7.84 -50.68 16.09
C PRO B 654 -8.31 -51.98 15.45
N GLY B 655 -7.45 -53.00 15.41
CA GLY B 655 -7.85 -54.26 14.79
C GLY B 655 -8.03 -54.03 13.30
N ASN B 656 -9.10 -54.56 12.74
CA ASN B 656 -9.37 -54.39 11.32
C ASN B 656 -10.36 -53.26 11.09
N TRP B 657 -10.58 -52.46 12.12
CA TRP B 657 -11.50 -51.34 12.01
C TRP B 657 -10.79 -50.06 11.61
N THR B 658 -11.61 -49.06 11.35
CA THR B 658 -11.15 -47.75 10.94
C THR B 658 -12.22 -46.73 11.30
N PHE B 659 -11.86 -45.75 12.12
CA PHE B 659 -12.82 -44.72 12.50
C PHE B 659 -12.31 -43.34 12.10
N ASN B 660 -13.10 -42.63 11.30
CA ASN B 660 -12.73 -41.29 10.88
C ASN B 660 -13.77 -40.28 11.33
N LEU B 661 -13.28 -39.19 11.90
CA LEU B 661 -14.10 -38.07 12.31
C LEU B 661 -13.31 -36.89 11.75
N ASN B 662 -14.00 -35.88 11.23
CA ASN B 662 -13.27 -34.75 10.69
C ASN B 662 -14.08 -33.48 10.57
N SER B 663 -13.40 -32.38 10.27
CA SER B 663 -14.05 -31.09 10.12
C SER B 663 -13.36 -30.21 9.10
N ASP B 664 -14.19 -29.52 8.32
CA ASP B 664 -13.79 -28.59 7.28
C ASP B 664 -14.30 -27.24 7.77
N PHE B 665 -13.52 -26.20 7.56
CA PHE B 665 -13.93 -24.86 7.99
C PHE B 665 -13.33 -23.79 7.08
N GLN B 666 -13.99 -22.64 7.05
CA GLN B 666 -13.53 -21.54 6.24
C GLN B 666 -14.35 -20.31 6.51
N SER B 667 -13.64 -19.18 6.52
CA SER B 667 -14.18 -17.86 6.79
C SER B 667 -15.02 -17.29 5.66
N SER B 668 -15.42 -16.03 5.82
CA SER B 668 -16.24 -15.37 4.83
C SER B 668 -15.47 -14.97 3.57
N GLN B 669 -16.21 -14.69 2.49
CA GLN B 669 -15.63 -14.26 1.22
C GLN B 669 -16.58 -13.42 0.34
N PHE B 670 -16.01 -12.77 -0.68
CA PHE B 670 -16.77 -11.90 -1.57
C PHE B 670 -16.96 -12.42 -2.96
N ALA B 671 -18.06 -12.02 -3.58
CA ALA B 671 -18.35 -12.46 -4.93
C ALA B 671 -17.61 -11.66 -5.98
N ASP B 672 -17.85 -10.34 -5.97
CA ASP B 672 -17.28 -9.41 -6.93
C ASP B 672 -16.01 -8.71 -6.49
N ASN B 673 -15.32 -8.10 -7.46
CA ASN B 673 -14.08 -7.36 -7.19
C ASN B 673 -14.40 -6.12 -6.38
N ALA B 674 -15.64 -5.65 -6.47
CA ALA B 674 -16.03 -4.49 -5.71
C ALA B 674 -16.14 -4.83 -4.22
N ASN B 675 -16.19 -6.11 -3.88
CA ASN B 675 -16.33 -6.55 -2.50
C ASN B 675 -17.70 -6.13 -1.94
N THR B 676 -18.72 -6.22 -2.77
CA THR B 676 -20.10 -5.88 -2.39
C THR B 676 -20.63 -6.68 -1.22
N VAL B 677 -21.05 -6.00 -0.16
CA VAL B 677 -21.55 -6.65 1.04
C VAL B 677 -23.02 -7.07 1.00
N LYS B 678 -23.90 -6.16 0.56
CA LYS B 678 -25.33 -6.47 0.50
C LYS B 678 -25.55 -7.46 -0.62
N GLU B 679 -26.49 -8.38 -0.42
CA GLU B 679 -26.77 -9.37 -1.45
C GLU B 679 -27.63 -8.78 -2.57
N SER B 680 -27.44 -9.32 -3.77
CA SER B 680 -28.18 -8.91 -4.96
C SER B 680 -29.50 -9.67 -4.94
N ALA B 681 -30.41 -9.30 -5.82
CA ALA B 681 -31.67 -9.99 -5.84
C ALA B 681 -31.44 -11.31 -6.52
N ASP B 682 -30.70 -11.26 -7.64
CA ASP B 682 -30.42 -12.46 -8.38
C ASP B 682 -29.52 -13.39 -7.63
N GLY B 683 -29.02 -12.96 -6.49
CA GLY B 683 -28.15 -13.83 -5.70
C GLY B 683 -26.75 -14.18 -6.22
N SER B 684 -26.22 -13.39 -7.13
CA SER B 684 -24.89 -13.65 -7.66
C SER B 684 -23.89 -12.87 -6.85
N THR B 685 -24.24 -11.62 -6.56
CA THR B 685 -23.37 -10.73 -5.80
C THR B 685 -23.72 -10.66 -4.33
N GLY B 686 -22.72 -10.80 -3.48
CA GLY B 686 -22.96 -10.74 -2.06
C GLY B 686 -21.85 -11.39 -1.29
N ARG B 687 -21.72 -11.01 -0.03
CA ARG B 687 -20.72 -11.56 0.86
C ARG B 687 -21.14 -12.99 1.10
N ILE B 688 -20.16 -13.90 1.09
CA ILE B 688 -20.45 -15.32 1.30
C ILE B 688 -19.95 -15.81 2.65
N PRO B 689 -20.86 -16.24 3.51
CA PRO B 689 -20.48 -16.74 4.83
C PRO B 689 -19.37 -17.79 4.94
N GLY B 690 -19.09 -18.14 6.20
CA GLY B 690 -18.10 -19.14 6.49
C GLY B 690 -18.84 -20.33 7.06
N PHE B 691 -18.15 -21.43 7.30
CA PHE B 691 -18.86 -22.57 7.85
C PHE B 691 -17.88 -23.62 8.36
N MET B 692 -18.36 -24.42 9.30
CA MET B 692 -17.57 -25.47 9.90
C MET B 692 -18.44 -26.68 9.75
N LEU B 693 -17.89 -27.72 9.15
CA LEU B 693 -18.67 -28.91 8.92
C LEU B 693 -17.94 -30.14 9.43
N TRP B 694 -18.70 -31.14 9.83
CA TRP B 694 -18.05 -32.35 10.32
C TRP B 694 -18.49 -33.57 9.53
N GLY B 695 -17.62 -34.56 9.53
CA GLY B 695 -17.88 -35.80 8.83
C GLY B 695 -17.28 -36.90 9.68
N ALA B 696 -17.96 -38.06 9.68
CA ALA B 696 -17.50 -39.21 10.44
C ALA B 696 -17.73 -40.45 9.59
N ARG B 697 -16.85 -41.45 9.76
CA ARG B 697 -16.97 -42.67 8.98
C ARG B 697 -16.42 -43.87 9.70
N VAL B 698 -17.05 -45.01 9.44
CA VAL B 698 -16.66 -46.27 10.02
C VAL B 698 -16.53 -47.33 8.94
N ALA B 699 -15.43 -48.04 8.95
CA ALA B 699 -15.20 -49.07 7.95
C ALA B 699 -14.64 -50.33 8.58
N TYR B 700 -14.37 -51.31 7.74
CA TYR B 700 -13.79 -52.57 8.20
C TYR B 700 -13.15 -53.27 7.03
N ASP B 701 -12.02 -53.90 7.26
CA ASP B 701 -11.36 -54.58 6.18
C ASP B 701 -11.54 -56.06 6.45
N PHE B 702 -12.60 -56.66 5.91
CA PHE B 702 -12.86 -58.08 6.17
C PHE B 702 -11.75 -59.02 5.69
N GLY B 703 -11.06 -59.72 6.58
CA GLY B 703 -9.99 -60.56 6.09
C GLY B 703 -9.02 -59.80 5.19
N PRO B 704 -7.85 -59.39 5.72
CA PRO B 704 -7.00 -58.69 4.76
C PRO B 704 -6.65 -59.76 3.70
N GLN B 705 -7.25 -60.94 3.92
CA GLN B 705 -7.14 -62.14 3.11
C GLN B 705 -8.60 -62.40 2.75
N MET B 706 -8.93 -63.50 2.06
CA MET B 706 -10.33 -63.78 1.68
C MET B 706 -10.72 -62.94 0.45
N ALA B 707 -12.12 -61.98 0.22
CA ALA B 707 -11.67 -60.86 -1.12
C ALA B 707 -11.46 -59.50 -0.57
N ASP B 708 -10.09 -59.24 -0.02
CA ASP B 708 -9.95 -57.88 0.50
C ASP B 708 -11.20 -57.06 0.19
N LEU B 709 -12.10 -57.11 1.16
CA LEU B 709 -13.46 -56.63 0.94
C LEU B 709 -13.60 -55.63 2.00
N ASN B 710 -13.41 -54.36 1.66
CA ASN B 710 -13.57 -53.31 2.63
C ASN B 710 -14.98 -52.79 2.52
N LEU B 711 -15.54 -52.37 3.64
CA LEU B 711 -16.91 -51.87 3.70
C LEU B 711 -16.97 -50.67 4.62
N ALA B 712 -17.66 -49.61 4.20
CA ALA B 712 -17.76 -48.43 5.04
C ALA B 712 -19.09 -47.74 4.88
N PHE B 713 -19.48 -47.02 5.90
CA PHE B 713 -20.69 -46.28 5.87
C PHE B 713 -20.22 -44.98 6.47
N GLY B 714 -20.54 -43.86 5.82
CA GLY B 714 -20.09 -42.59 6.34
C GLY B 714 -21.10 -41.50 6.11
N VAL B 715 -20.94 -40.42 6.86
CA VAL B 715 -21.81 -39.27 6.75
C VAL B 715 -21.00 -38.02 6.48
N LYS B 716 -21.61 -37.08 5.75
CA LYS B 716 -21.00 -35.79 5.43
C LYS B 716 -21.86 -34.66 5.97
N ASN B 717 -21.22 -33.65 6.58
CA ASN B 717 -21.90 -32.50 7.16
C ASN B 717 -22.92 -33.00 8.16
N ILE B 718 -22.45 -33.80 9.10
CA ILE B 718 -23.33 -34.38 10.10
C ILE B 718 -24.37 -33.46 10.75
N PHE B 719 -24.05 -32.19 10.96
CA PHE B 719 -25.04 -31.33 11.64
C PHE B 719 -26.00 -30.47 10.75
N ASP B 720 -26.10 -30.77 9.45
CA ASP B 720 -26.89 -30.04 8.43
C ASP B 720 -26.75 -28.57 8.81
N GLN B 721 -25.50 -28.17 8.80
CA GLN B 721 -25.14 -26.76 8.92
C GLN B 721 -25.37 -26.25 7.51
N ASP B 722 -26.27 -25.29 7.32
CA ASP B 722 -26.55 -24.73 5.97
C ASP B 722 -25.45 -23.81 5.48
N TYR B 723 -25.25 -23.79 4.17
CA TYR B 723 -24.25 -22.93 3.62
C TYR B 723 -24.38 -22.99 2.12
N PHE B 724 -24.02 -21.89 1.48
CA PHE B 724 -24.13 -21.82 0.06
C PHE B 724 -22.93 -21.09 -0.51
N ILE B 725 -22.93 -20.97 -1.82
CA ILE B 725 -21.87 -20.28 -2.51
C ILE B 725 -22.53 -19.67 -3.74
N ARG B 726 -21.96 -18.61 -4.28
CA ARG B 726 -22.58 -17.97 -5.42
C ARG B 726 -21.64 -18.04 -6.61
N SER B 727 -22.17 -17.62 -7.78
CA SER B 727 -21.40 -17.55 -9.03
C SER B 727 -21.64 -16.13 -9.48
N TYR B 728 -20.57 -15.40 -9.74
CA TYR B 728 -20.74 -14.01 -10.10
C TYR B 728 -21.09 -13.73 -11.53
N ASP B 729 -20.18 -14.12 -12.42
CA ASP B 729 -20.32 -13.88 -13.83
C ASP B 729 -20.89 -14.98 -14.68
N ASP B 730 -20.62 -16.22 -14.35
CA ASP B 730 -21.16 -17.27 -15.20
C ASP B 730 -22.65 -17.07 -15.52
N ASN B 731 -23.11 -17.68 -16.62
CA ASN B 731 -24.48 -17.51 -17.01
C ASN B 731 -25.54 -18.00 -16.04
N ASN B 732 -25.26 -19.04 -15.26
CA ASN B 732 -26.25 -19.49 -14.27
C ASN B 732 -25.93 -18.94 -12.89
N LYS B 733 -25.36 -17.74 -12.90
CA LYS B 733 -24.96 -17.03 -11.71
C LYS B 733 -26.08 -16.99 -10.68
N GLY B 734 -25.74 -17.18 -9.42
CA GLY B 734 -26.78 -17.17 -8.43
C GLY B 734 -26.26 -17.92 -7.25
N ILE B 735 -27.17 -18.36 -6.40
CA ILE B 735 -26.84 -19.06 -5.15
C ILE B 735 -26.85 -20.57 -5.20
N TYR B 736 -25.73 -21.20 -4.86
CA TYR B 736 -25.65 -22.65 -4.91
C TYR B 736 -25.61 -23.30 -3.53
N ALA B 737 -26.74 -23.87 -3.09
CA ALA B 737 -26.81 -24.52 -1.79
C ALA B 737 -25.66 -25.51 -1.58
N GLY B 738 -25.19 -25.62 -0.34
CA GLY B 738 -24.09 -26.51 -0.05
C GLY B 738 -24.48 -27.90 0.41
N GLN B 739 -23.67 -28.89 0.06
CA GLN B 739 -23.90 -30.29 0.45
C GLN B 739 -24.38 -30.38 1.87
N PRO B 740 -25.63 -30.79 2.04
CA PRO B 740 -26.29 -30.94 3.34
C PRO B 740 -25.95 -32.33 3.88
N ARG B 741 -26.34 -32.64 5.12
CA ARG B 741 -26.03 -33.94 5.68
C ARG B 741 -26.13 -34.97 4.57
N THR B 742 -25.09 -35.77 4.37
CA THR B 742 -25.10 -36.77 3.31
C THR B 742 -24.64 -38.14 3.85
N LEU B 743 -25.30 -39.21 3.43
CA LEU B 743 -24.90 -40.53 3.92
C LEU B 743 -24.34 -41.25 2.73
N TYR B 744 -23.30 -42.04 2.96
CA TYR B 744 -22.71 -42.78 1.86
C TYR B 744 -22.12 -44.07 2.35
N MET B 745 -21.94 -45.00 1.41
CA MET B 745 -21.39 -46.31 1.68
C MET B 745 -20.35 -46.69 0.63
N GLN B 746 -19.18 -47.13 1.07
CA GLN B 746 -18.09 -47.51 0.16
C GLN B 746 -17.79 -49.00 0.21
N GLY B 747 -17.57 -49.59 -0.95
CA GLY B 747 -17.27 -51.00 -1.01
C GLY B 747 -16.21 -51.30 -2.04
N SER B 748 -15.08 -51.81 -1.58
CA SER B 748 -13.95 -52.17 -2.43
C SER B 748 -13.77 -53.68 -2.45
N LEU B 749 -12.85 -54.13 -3.29
CA LEU B 749 -12.60 -55.55 -3.41
C LEU B 749 -11.40 -55.74 -4.32
N LYS B 750 -10.51 -56.65 -3.92
CA LYS B 750 -9.32 -56.95 -4.71
C LYS B 750 -9.24 -58.46 -4.92
N PHE B 751 -9.12 -58.86 -6.18
CA PHE B 751 -9.00 -60.27 -6.52
C PHE B 751 -7.55 -60.50 -6.90
CAC FLC C . 1.62 50.49 15.41
CA FLC C . 1.42 49.36 16.45
CB FLC C . 2.59 48.28 16.76
CBC FLC C . 3.92 48.17 15.89
CG FLC C . 1.99 47.03 17.61
CGC FLC C . 2.85 45.81 17.98
OA1 FLC C . 1.61 51.67 15.73
OA2 FLC C . 1.78 50.10 14.23
OB1 FLC C . 4.50 49.17 15.51
OB2 FLC C . 4.35 47.03 15.68
OG1 FLC C . 3.21 45.71 19.13
OG2 FLC C . 3.14 45.02 17.06
OHB FLC C . 2.19 47.47 15.68
CAC FLC D . 1.82 46.90 9.79
CA FLC D . 2.24 45.48 10.40
CB FLC D . 1.58 44.88 11.80
CBC FLC D . 0.60 45.80 12.65
CG FLC D . 2.40 43.64 12.53
CGC FLC D . 1.92 43.03 13.94
OA1 FLC D . 1.57 47.90 10.50
OA2 FLC D . 1.74 46.97 8.57
OB1 FLC D . -0.20 46.57 12.11
OB2 FLC D . 0.70 45.70 13.88
OG1 FLC D . 1.42 41.94 13.94
OG2 FLC D . 2.04 43.72 14.96
OHB FLC D . 2.54 45.61 12.55
FE FE E . 3.26 45.45 14.65
FE FE F . 2.19 48.14 13.25
CAC FLC G . -18.50 -17.26 -23.45
CA FLC G . -19.03 -18.70 -23.86
CB FLC G . -19.53 -19.90 -22.80
CBC FLC G . -19.56 -19.77 -21.16
CG FLC G . -19.33 -21.40 -23.49
CGC FLC G . -19.48 -22.78 -22.72
OA1 FLC G . -19.27 -16.35 -23.25
OA2 FLC G . -17.24 -17.09 -23.37
OB1 FLC G . -20.60 -19.53 -20.50
OB2 FLC G . -18.52 -19.95 -20.58
OG1 FLC G . -20.52 -23.39 -22.86
OG2 FLC G . -18.53 -23.20 -22.05
OHB FLC G . -18.15 -20.06 -22.53
CAC FLC H . -13.76 -17.33 -20.72
CA FLC H . -13.82 -18.79 -20.02
CB FLC H . -14.02 -20.17 -20.92
CBC FLC H . -14.20 -20.10 -22.48
CG FLC H . -14.67 -21.47 -20.22
CGC FLC H . -15.06 -22.66 -21.18
OA1 FLC H . -14.68 -16.88 -21.39
OA2 FLC H . -12.71 -16.68 -20.55
OB1 FLC H . -15.03 -19.36 -22.93
OB2 FLC H . -13.51 -20.89 -23.19
OG1 FLC H . -14.31 -23.56 -21.25
OG2 FLC H . -16.10 -22.57 -21.85
OHB FLC H . -15.40 -19.82 -20.90
FE FE I . -17.40 -21.31 -21.12
FE FE J . -16.60 -18.40 -21.89
#